data_5HWG
# 
_entry.id   5HWG 
# 
_audit_conform.dict_name       mmcif_pdbx.dic 
_audit_conform.dict_version    5.387 
_audit_conform.dict_location   http://mmcif.pdb.org/dictionaries/ascii/mmcif_pdbx.dic 
# 
loop_
_database_2.database_id 
_database_2.database_code 
_database_2.pdbx_database_accession 
_database_2.pdbx_DOI 
PDB   5HWG         pdb_00005hwg 10.2210/pdb5hwg/pdb 
WWPDB D_1000217856 ?            ?                   
# 
loop_
_pdbx_audit_revision_history.ordinal 
_pdbx_audit_revision_history.data_content_type 
_pdbx_audit_revision_history.major_revision 
_pdbx_audit_revision_history.minor_revision 
_pdbx_audit_revision_history.revision_date 
1 'Structure model' 1 0 2017-02-01 
2 'Structure model' 1 1 2019-02-20 
3 'Structure model' 1 2 2024-03-20 
# 
_pdbx_audit_revision_details.ordinal             1 
_pdbx_audit_revision_details.revision_ordinal    1 
_pdbx_audit_revision_details.data_content_type   'Structure model' 
_pdbx_audit_revision_details.provider            repository 
_pdbx_audit_revision_details.type                'Initial release' 
_pdbx_audit_revision_details.description         ? 
_pdbx_audit_revision_details.details             ? 
# 
loop_
_pdbx_audit_revision_group.ordinal 
_pdbx_audit_revision_group.revision_ordinal 
_pdbx_audit_revision_group.data_content_type 
_pdbx_audit_revision_group.group 
1 2 'Structure model' 'Data collection'     
2 2 'Structure model' 'Source and taxonomy' 
3 3 'Structure model' 'Data collection'     
4 3 'Structure model' 'Database references' 
# 
loop_
_pdbx_audit_revision_category.ordinal 
_pdbx_audit_revision_category.revision_ordinal 
_pdbx_audit_revision_category.data_content_type 
_pdbx_audit_revision_category.category 
1 2 'Structure model' entity_src_gen 
2 3 'Structure model' chem_comp_atom 
3 3 'Structure model' chem_comp_bond 
4 3 'Structure model' database_2     
# 
loop_
_pdbx_audit_revision_item.ordinal 
_pdbx_audit_revision_item.revision_ordinal 
_pdbx_audit_revision_item.data_content_type 
_pdbx_audit_revision_item.item 
1 2 'Structure model' '_entity_src_gen.pdbx_host_org_ncbi_taxonomy_id' 
2 2 'Structure model' '_entity_src_gen.pdbx_host_org_scientific_name'  
3 3 'Structure model' '_database_2.pdbx_DOI'                           
4 3 'Structure model' '_database_2.pdbx_database_accession'            
# 
_pdbx_database_status.status_code                     REL 
_pdbx_database_status.status_code_sf                  REL 
_pdbx_database_status.status_code_mr                  ? 
_pdbx_database_status.entry_id                        5HWG 
_pdbx_database_status.recvd_initial_deposition_date   2016-01-29 
_pdbx_database_status.SG_entry                        N 
_pdbx_database_status.deposit_site                    RCSB 
_pdbx_database_status.process_site                    PDBJ 
_pdbx_database_status.status_code_cs                  ? 
_pdbx_database_status.methods_development_category    ? 
_pdbx_database_status.pdb_format_compatible           Y 
_pdbx_database_status.status_code_nmr_data            ? 
# 
_pdbx_database_related.db_name        PDB 
_pdbx_database_related.details        . 
_pdbx_database_related.db_id          5HWH 
_pdbx_database_related.content_type   unspecified 
# 
loop_
_audit_author.name 
_audit_author.pdbx_ordinal 
'Feng, Y.' 1 
'Gao, S.'  2 
# 
_citation.abstract                  ? 
_citation.abstract_id_CAS           ? 
_citation.book_id_ISBN              ? 
_citation.book_publisher            ? 
_citation.book_publisher_city       ? 
_citation.book_title                ? 
_citation.coordinate_linkage        ? 
_citation.country                   ? 
_citation.database_id_Medline       ? 
_citation.details                   ? 
_citation.id                        primary 
_citation.journal_abbrev            'To Be Published' 
_citation.journal_id_ASTM           ? 
_citation.journal_id_CSD            0353 
_citation.journal_id_ISSN           ? 
_citation.journal_full              ? 
_citation.journal_issue             ? 
_citation.journal_volume            ? 
_citation.language                  ? 
_citation.page_first                ? 
_citation.page_last                 ? 
_citation.title                     'Structure of a cysteine hydrolase' 
_citation.year                      ? 
_citation.database_id_CSD           ? 
_citation.pdbx_database_id_DOI      ? 
_citation.pdbx_database_id_PubMed   ? 
_citation.unpublished_flag          ? 
# 
loop_
_citation_author.citation_id 
_citation_author.name 
_citation_author.ordinal 
_citation_author.identifier_ORCID 
primary 'Gao, S.'  1 ? 
primary 'Feng, Y.' 2 ? 
# 
loop_
_entity.id 
_entity.type 
_entity.src_method 
_entity.pdbx_description 
_entity.formula_weight 
_entity.pdbx_number_of_molecules 
_entity.pdbx_ec 
_entity.pdbx_mutation 
_entity.pdbx_fragment 
_entity.details 
1 polymer     man Isochorismatase                              20425.797 1   ? C111A ? ? 
2 non-polymer syn '(1S,4R)-2-azabicyclo[2.2.1]hept-5-en-3-one' 109.126   1   ? ?     ? ? 
3 water       nat water                                        18.015    112 ? ?     ? ? 
# 
_entity_poly.entity_id                      1 
_entity_poly.type                           'polypeptide(L)' 
_entity_poly.nstd_linkage                   no 
_entity_poly.nstd_monomer                   no 
_entity_poly.pdbx_seq_one_letter_code       
;MGSHHHHHHMAAPRRTVVLAIDLQAGVTPGCFDEEGVLSRAAALVERARAGGVPVVWVHHDPVGVGTPEWELAAPLHRAE
GEPLVRKNYRDSFADTTLRETLDELGATHLVITGAQSDFAVRTTMQRAAAEGYDVTLVSDAHTTVDTEWEGVRISGEQIV
AHTNMYFSGLRYPGQEFVIATHDHVAL
;
_entity_poly.pdbx_seq_one_letter_code_can   
;MGSHHHHHHMAAPRRTVVLAIDLQAGVTPGCFDEEGVLSRAAALVERARAGGVPVVWVHHDPVGVGTPEWELAAPLHRAE
GEPLVRKNYRDSFADTTLRETLDELGATHLVITGAQSDFAVRTTMQRAAAEGYDVTLVSDAHTTVDTEWEGVRISGEQIV
AHTNMYFSGLRYPGQEFVIATHDHVAL
;
_entity_poly.pdbx_strand_id                 A 
_entity_poly.pdbx_target_identifier         ? 
# 
loop_
_pdbx_entity_nonpoly.entity_id 
_pdbx_entity_nonpoly.name 
_pdbx_entity_nonpoly.comp_id 
2 '(1S,4R)-2-azabicyclo[2.2.1]hept-5-en-3-one' 66Y 
3 water                                        HOH 
# 
loop_
_entity_poly_seq.entity_id 
_entity_poly_seq.num 
_entity_poly_seq.mon_id 
_entity_poly_seq.hetero 
1 1   MET n 
1 2   GLY n 
1 3   SER n 
1 4   HIS n 
1 5   HIS n 
1 6   HIS n 
1 7   HIS n 
1 8   HIS n 
1 9   HIS n 
1 10  MET n 
1 11  ALA n 
1 12  ALA n 
1 13  PRO n 
1 14  ARG n 
1 15  ARG n 
1 16  THR n 
1 17  VAL n 
1 18  VAL n 
1 19  LEU n 
1 20  ALA n 
1 21  ILE n 
1 22  ASP n 
1 23  LEU n 
1 24  GLN n 
1 25  ALA n 
1 26  GLY n 
1 27  VAL n 
1 28  THR n 
1 29  PRO n 
1 30  GLY n 
1 31  CYS n 
1 32  PHE n 
1 33  ASP n 
1 34  GLU n 
1 35  GLU n 
1 36  GLY n 
1 37  VAL n 
1 38  LEU n 
1 39  SER n 
1 40  ARG n 
1 41  ALA n 
1 42  ALA n 
1 43  ALA n 
1 44  LEU n 
1 45  VAL n 
1 46  GLU n 
1 47  ARG n 
1 48  ALA n 
1 49  ARG n 
1 50  ALA n 
1 51  GLY n 
1 52  GLY n 
1 53  VAL n 
1 54  PRO n 
1 55  VAL n 
1 56  VAL n 
1 57  TRP n 
1 58  VAL n 
1 59  HIS n 
1 60  HIS n 
1 61  ASP n 
1 62  PRO n 
1 63  VAL n 
1 64  GLY n 
1 65  VAL n 
1 66  GLY n 
1 67  THR n 
1 68  PRO n 
1 69  GLU n 
1 70  TRP n 
1 71  GLU n 
1 72  LEU n 
1 73  ALA n 
1 74  ALA n 
1 75  PRO n 
1 76  LEU n 
1 77  HIS n 
1 78  ARG n 
1 79  ALA n 
1 80  GLU n 
1 81  GLY n 
1 82  GLU n 
1 83  PRO n 
1 84  LEU n 
1 85  VAL n 
1 86  ARG n 
1 87  LYS n 
1 88  ASN n 
1 89  TYR n 
1 90  ARG n 
1 91  ASP n 
1 92  SER n 
1 93  PHE n 
1 94  ALA n 
1 95  ASP n 
1 96  THR n 
1 97  THR n 
1 98  LEU n 
1 99  ARG n 
1 100 GLU n 
1 101 THR n 
1 102 LEU n 
1 103 ASP n 
1 104 GLU n 
1 105 LEU n 
1 106 GLY n 
1 107 ALA n 
1 108 THR n 
1 109 HIS n 
1 110 LEU n 
1 111 VAL n 
1 112 ILE n 
1 113 THR n 
1 114 GLY n 
1 115 ALA n 
1 116 GLN n 
1 117 SER n 
1 118 ASP n 
1 119 PHE n 
1 120 ALA n 
1 121 VAL n 
1 122 ARG n 
1 123 THR n 
1 124 THR n 
1 125 MET n 
1 126 GLN n 
1 127 ARG n 
1 128 ALA n 
1 129 ALA n 
1 130 ALA n 
1 131 GLU n 
1 132 GLY n 
1 133 TYR n 
1 134 ASP n 
1 135 VAL n 
1 136 THR n 
1 137 LEU n 
1 138 VAL n 
1 139 SER n 
1 140 ASP n 
1 141 ALA n 
1 142 HIS n 
1 143 THR n 
1 144 THR n 
1 145 VAL n 
1 146 ASP n 
1 147 THR n 
1 148 GLU n 
1 149 TRP n 
1 150 GLU n 
1 151 GLY n 
1 152 VAL n 
1 153 ARG n 
1 154 ILE n 
1 155 SER n 
1 156 GLY n 
1 157 GLU n 
1 158 GLN n 
1 159 ILE n 
1 160 VAL n 
1 161 ALA n 
1 162 HIS n 
1 163 THR n 
1 164 ASN n 
1 165 MET n 
1 166 TYR n 
1 167 PHE n 
1 168 SER n 
1 169 GLY n 
1 170 LEU n 
1 171 ARG n 
1 172 TYR n 
1 173 PRO n 
1 174 GLY n 
1 175 GLN n 
1 176 GLU n 
1 177 PHE n 
1 178 VAL n 
1 179 ILE n 
1 180 ALA n 
1 181 THR n 
1 182 HIS n 
1 183 ASP n 
1 184 HIS n 
1 185 VAL n 
1 186 ALA n 
1 187 LEU n 
# 
_entity_src_gen.entity_id                          1 
_entity_src_gen.pdbx_src_id                        1 
_entity_src_gen.pdbx_alt_source_flag               sample 
_entity_src_gen.pdbx_seq_type                      'Biological sequence' 
_entity_src_gen.pdbx_beg_seq_num                   1 
_entity_src_gen.pdbx_end_seq_num                   187 
_entity_src_gen.gene_src_common_name               ? 
_entity_src_gen.gene_src_genus                     ? 
_entity_src_gen.pdbx_gene_src_gene                 ? 
_entity_src_gen.gene_src_species                   ? 
_entity_src_gen.gene_src_strain                    ? 
_entity_src_gen.gene_src_tissue                    ? 
_entity_src_gen.gene_src_tissue_fraction           ? 
_entity_src_gen.gene_src_details                   ? 
_entity_src_gen.pdbx_gene_src_fragment             ? 
_entity_src_gen.pdbx_gene_src_scientific_name      'Microbacterium hydrocarbonoxydans' 
_entity_src_gen.pdbx_gene_src_ncbi_taxonomy_id     273678 
_entity_src_gen.pdbx_gene_src_variant              ? 
_entity_src_gen.pdbx_gene_src_cell_line            ? 
_entity_src_gen.pdbx_gene_src_atcc                 ? 
_entity_src_gen.pdbx_gene_src_organ                ? 
_entity_src_gen.pdbx_gene_src_organelle            ? 
_entity_src_gen.pdbx_gene_src_cell                 ? 
_entity_src_gen.pdbx_gene_src_cellular_location    ? 
_entity_src_gen.host_org_common_name               ? 
_entity_src_gen.pdbx_host_org_scientific_name      'Escherichia coli' 
_entity_src_gen.pdbx_host_org_ncbi_taxonomy_id     562 
_entity_src_gen.host_org_genus                     ? 
_entity_src_gen.pdbx_host_org_gene                 ? 
_entity_src_gen.pdbx_host_org_organ                ? 
_entity_src_gen.host_org_species                   ? 
_entity_src_gen.pdbx_host_org_tissue               ? 
_entity_src_gen.pdbx_host_org_tissue_fraction      ? 
_entity_src_gen.pdbx_host_org_strain               ? 
_entity_src_gen.pdbx_host_org_variant              ? 
_entity_src_gen.pdbx_host_org_cell_line            ? 
_entity_src_gen.pdbx_host_org_atcc                 ? 
_entity_src_gen.pdbx_host_org_culture_collection   ? 
_entity_src_gen.pdbx_host_org_cell                 ? 
_entity_src_gen.pdbx_host_org_organelle            ? 
_entity_src_gen.pdbx_host_org_cellular_location    ? 
_entity_src_gen.pdbx_host_org_vector_type          plasmid 
_entity_src_gen.pdbx_host_org_vector               ? 
_entity_src_gen.host_org_details                   ? 
_entity_src_gen.expression_system_id               ? 
_entity_src_gen.plasmid_name                       ? 
_entity_src_gen.plasmid_details                    ? 
_entity_src_gen.pdbx_description                   ? 
# 
loop_
_chem_comp.id 
_chem_comp.type 
_chem_comp.mon_nstd_flag 
_chem_comp.name 
_chem_comp.pdbx_synonyms 
_chem_comp.formula 
_chem_comp.formula_weight 
66Y non-polymer         . '(1S,4R)-2-azabicyclo[2.2.1]hept-5-en-3-one' ? 'C6 H7 N O'      109.126 
ALA 'L-peptide linking' y ALANINE                                      ? 'C3 H7 N O2'     89.093  
ARG 'L-peptide linking' y ARGININE                                     ? 'C6 H15 N4 O2 1' 175.209 
ASN 'L-peptide linking' y ASPARAGINE                                   ? 'C4 H8 N2 O3'    132.118 
ASP 'L-peptide linking' y 'ASPARTIC ACID'                              ? 'C4 H7 N O4'     133.103 
CYS 'L-peptide linking' y CYSTEINE                                     ? 'C3 H7 N O2 S'   121.158 
GLN 'L-peptide linking' y GLUTAMINE                                    ? 'C5 H10 N2 O3'   146.144 
GLU 'L-peptide linking' y 'GLUTAMIC ACID'                              ? 'C5 H9 N O4'     147.129 
GLY 'peptide linking'   y GLYCINE                                      ? 'C2 H5 N O2'     75.067  
HIS 'L-peptide linking' y HISTIDINE                                    ? 'C6 H10 N3 O2 1' 156.162 
HOH non-polymer         . WATER                                        ? 'H2 O'           18.015  
ILE 'L-peptide linking' y ISOLEUCINE                                   ? 'C6 H13 N O2'    131.173 
LEU 'L-peptide linking' y LEUCINE                                      ? 'C6 H13 N O2'    131.173 
LYS 'L-peptide linking' y LYSINE                                       ? 'C6 H15 N2 O2 1' 147.195 
MET 'L-peptide linking' y METHIONINE                                   ? 'C5 H11 N O2 S'  149.211 
PHE 'L-peptide linking' y PHENYLALANINE                                ? 'C9 H11 N O2'    165.189 
PRO 'L-peptide linking' y PROLINE                                      ? 'C5 H9 N O2'     115.130 
SER 'L-peptide linking' y SERINE                                       ? 'C3 H7 N O3'     105.093 
THR 'L-peptide linking' y THREONINE                                    ? 'C4 H9 N O3'     119.119 
TRP 'L-peptide linking' y TRYPTOPHAN                                   ? 'C11 H12 N2 O2'  204.225 
TYR 'L-peptide linking' y TYROSINE                                     ? 'C9 H11 N O3'    181.189 
VAL 'L-peptide linking' y VALINE                                       ? 'C5 H11 N O2'    117.146 
# 
loop_
_pdbx_poly_seq_scheme.asym_id 
_pdbx_poly_seq_scheme.entity_id 
_pdbx_poly_seq_scheme.seq_id 
_pdbx_poly_seq_scheme.mon_id 
_pdbx_poly_seq_scheme.ndb_seq_num 
_pdbx_poly_seq_scheme.pdb_seq_num 
_pdbx_poly_seq_scheme.auth_seq_num 
_pdbx_poly_seq_scheme.pdb_mon_id 
_pdbx_poly_seq_scheme.auth_mon_id 
_pdbx_poly_seq_scheme.pdb_strand_id 
_pdbx_poly_seq_scheme.pdb_ins_code 
_pdbx_poly_seq_scheme.hetero 
A 1 1   MET 1   -8  ?   ?   ?   A . n 
A 1 2   GLY 2   -7  ?   ?   ?   A . n 
A 1 3   SER 3   -6  ?   ?   ?   A . n 
A 1 4   HIS 4   -5  ?   ?   ?   A . n 
A 1 5   HIS 5   -4  ?   ?   ?   A . n 
A 1 6   HIS 6   -3  ?   ?   ?   A . n 
A 1 7   HIS 7   -2  ?   ?   ?   A . n 
A 1 8   HIS 8   -1  ?   ?   ?   A . n 
A 1 9   HIS 9   0   ?   ?   ?   A . n 
A 1 10  MET 10  1   ?   ?   ?   A . n 
A 1 11  ALA 11  2   ?   ?   ?   A . n 
A 1 12  ALA 12  3   ?   ?   ?   A . n 
A 1 13  PRO 13  4   4   PRO PRO A . n 
A 1 14  ARG 14  5   5   ARG ARG A . n 
A 1 15  ARG 15  6   6   ARG ARG A . n 
A 1 16  THR 16  7   7   THR THR A . n 
A 1 17  VAL 17  8   8   VAL VAL A . n 
A 1 18  VAL 18  9   9   VAL VAL A . n 
A 1 19  LEU 19  10  10  LEU LEU A . n 
A 1 20  ALA 20  11  11  ALA ALA A . n 
A 1 21  ILE 21  12  12  ILE ILE A . n 
A 1 22  ASP 22  13  13  ASP ASP A . n 
A 1 23  LEU 23  14  14  LEU LEU A . n 
A 1 24  GLN 24  15  15  GLN GLN A . n 
A 1 25  ALA 25  16  16  ALA ALA A . n 
A 1 26  GLY 26  17  17  GLY GLY A . n 
A 1 27  VAL 27  18  18  VAL VAL A . n 
A 1 28  THR 28  19  19  THR THR A . n 
A 1 29  PRO 29  20  20  PRO PRO A . n 
A 1 30  GLY 30  21  21  GLY GLY A . n 
A 1 31  CYS 31  22  22  CYS CYS A . n 
A 1 32  PHE 32  23  23  PHE PHE A . n 
A 1 33  ASP 33  24  24  ASP ASP A . n 
A 1 34  GLU 34  25  25  GLU GLU A . n 
A 1 35  GLU 35  26  26  GLU GLU A . n 
A 1 36  GLY 36  27  27  GLY GLY A . n 
A 1 37  VAL 37  28  28  VAL VAL A . n 
A 1 38  LEU 38  29  29  LEU LEU A . n 
A 1 39  SER 39  30  30  SER SER A . n 
A 1 40  ARG 40  31  31  ARG ARG A . n 
A 1 41  ALA 41  32  32  ALA ALA A . n 
A 1 42  ALA 42  33  33  ALA ALA A . n 
A 1 43  ALA 43  34  34  ALA ALA A . n 
A 1 44  LEU 44  35  35  LEU LEU A . n 
A 1 45  VAL 45  36  36  VAL VAL A . n 
A 1 46  GLU 46  37  37  GLU GLU A . n 
A 1 47  ARG 47  38  38  ARG ARG A . n 
A 1 48  ALA 48  39  39  ALA ALA A . n 
A 1 49  ARG 49  40  40  ARG ARG A . n 
A 1 50  ALA 50  41  41  ALA ALA A . n 
A 1 51  GLY 51  42  42  GLY GLY A . n 
A 1 52  GLY 52  43  43  GLY GLY A . n 
A 1 53  VAL 53  44  44  VAL VAL A . n 
A 1 54  PRO 54  45  45  PRO PRO A . n 
A 1 55  VAL 55  46  46  VAL VAL A . n 
A 1 56  VAL 56  47  47  VAL VAL A . n 
A 1 57  TRP 57  48  48  TRP TRP A . n 
A 1 58  VAL 58  49  49  VAL VAL A . n 
A 1 59  HIS 59  50  50  HIS HIS A . n 
A 1 60  HIS 60  51  51  HIS HIS A . n 
A 1 61  ASP 61  52  52  ASP ASP A . n 
A 1 62  PRO 62  53  53  PRO PRO A . n 
A 1 63  VAL 63  54  54  VAL VAL A . n 
A 1 64  GLY 64  55  55  GLY GLY A . n 
A 1 65  VAL 65  56  56  VAL VAL A . n 
A 1 66  GLY 66  57  57  GLY GLY A . n 
A 1 67  THR 67  58  58  THR THR A . n 
A 1 68  PRO 68  59  59  PRO PRO A . n 
A 1 69  GLU 69  60  60  GLU GLU A . n 
A 1 70  TRP 70  61  61  TRP TRP A . n 
A 1 71  GLU 71  62  62  GLU GLU A . n 
A 1 72  LEU 72  63  63  LEU LEU A . n 
A 1 73  ALA 73  64  64  ALA ALA A . n 
A 1 74  ALA 74  65  65  ALA ALA A . n 
A 1 75  PRO 75  66  66  PRO PRO A . n 
A 1 76  LEU 76  67  67  LEU LEU A . n 
A 1 77  HIS 77  68  68  HIS HIS A . n 
A 1 78  ARG 78  69  69  ARG ARG A . n 
A 1 79  ALA 79  70  70  ALA ALA A . n 
A 1 80  GLU 80  71  71  GLU GLU A . n 
A 1 81  GLY 81  72  72  GLY GLY A . n 
A 1 82  GLU 82  73  73  GLU GLU A . n 
A 1 83  PRO 83  74  74  PRO PRO A . n 
A 1 84  LEU 84  75  75  LEU LEU A . n 
A 1 85  VAL 85  76  76  VAL VAL A . n 
A 1 86  ARG 86  77  77  ARG ARG A . n 
A 1 87  LYS 87  78  78  LYS LYS A . n 
A 1 88  ASN 88  79  79  ASN ASN A . n 
A 1 89  TYR 89  80  80  TYR TYR A . n 
A 1 90  ARG 90  81  81  ARG ARG A . n 
A 1 91  ASP 91  82  82  ASP ASP A . n 
A 1 92  SER 92  83  83  SER SER A . n 
A 1 93  PHE 93  84  84  PHE PHE A . n 
A 1 94  ALA 94  85  85  ALA ALA A . n 
A 1 95  ASP 95  86  86  ASP ASP A . n 
A 1 96  THR 96  87  87  THR THR A . n 
A 1 97  THR 97  88  88  THR THR A . n 
A 1 98  LEU 98  89  89  LEU LEU A . n 
A 1 99  ARG 99  90  90  ARG ARG A . n 
A 1 100 GLU 100 91  91  GLU GLU A . n 
A 1 101 THR 101 92  92  THR THR A . n 
A 1 102 LEU 102 93  93  LEU LEU A . n 
A 1 103 ASP 103 94  94  ASP ASP A . n 
A 1 104 GLU 104 95  95  GLU GLU A . n 
A 1 105 LEU 105 96  96  LEU LEU A . n 
A 1 106 GLY 106 97  97  GLY GLY A . n 
A 1 107 ALA 107 98  98  ALA ALA A . n 
A 1 108 THR 108 99  99  THR THR A . n 
A 1 109 HIS 109 100 100 HIS HIS A . n 
A 1 110 LEU 110 101 101 LEU LEU A . n 
A 1 111 VAL 111 102 102 VAL VAL A . n 
A 1 112 ILE 112 103 103 ILE ILE A . n 
A 1 113 THR 113 104 104 THR THR A . n 
A 1 114 GLY 114 105 105 GLY GLY A . n 
A 1 115 ALA 115 106 106 ALA ALA A . n 
A 1 116 GLN 116 107 107 GLN GLN A . n 
A 1 117 SER 117 108 108 SER SER A . n 
A 1 118 ASP 118 109 109 ASP ASP A . n 
A 1 119 PHE 119 110 110 PHE PHE A . n 
A 1 120 ALA 120 111 111 ALA ALA A . n 
A 1 121 VAL 121 112 112 VAL VAL A . n 
A 1 122 ARG 122 113 113 ARG ARG A . n 
A 1 123 THR 123 114 114 THR THR A . n 
A 1 124 THR 124 115 115 THR THR A . n 
A 1 125 MET 125 116 116 MET MET A . n 
A 1 126 GLN 126 117 117 GLN GLN A . n 
A 1 127 ARG 127 118 118 ARG ARG A . n 
A 1 128 ALA 128 119 119 ALA ALA A . n 
A 1 129 ALA 129 120 120 ALA ALA A . n 
A 1 130 ALA 130 121 121 ALA ALA A . n 
A 1 131 GLU 131 122 122 GLU GLU A . n 
A 1 132 GLY 132 123 123 GLY GLY A . n 
A 1 133 TYR 133 124 124 TYR TYR A . n 
A 1 134 ASP 134 125 125 ASP ASP A . n 
A 1 135 VAL 135 126 126 VAL VAL A . n 
A 1 136 THR 136 127 127 THR THR A . n 
A 1 137 LEU 137 128 128 LEU LEU A . n 
A 1 138 VAL 138 129 129 VAL VAL A . n 
A 1 139 SER 139 130 130 SER SER A . n 
A 1 140 ASP 140 131 131 ASP ASP A . n 
A 1 141 ALA 141 132 132 ALA ALA A . n 
A 1 142 HIS 142 133 133 HIS HIS A . n 
A 1 143 THR 143 134 134 THR THR A . n 
A 1 144 THR 144 135 135 THR THR A . n 
A 1 145 VAL 145 136 136 VAL VAL A . n 
A 1 146 ASP 146 137 137 ASP ASP A . n 
A 1 147 THR 147 138 138 THR THR A . n 
A 1 148 GLU 148 139 139 GLU GLU A . n 
A 1 149 TRP 149 140 140 TRP TRP A . n 
A 1 150 GLU 150 141 141 GLU GLU A . n 
A 1 151 GLY 151 142 142 GLY GLY A . n 
A 1 152 VAL 152 143 143 VAL VAL A . n 
A 1 153 ARG 153 144 144 ARG ARG A . n 
A 1 154 ILE 154 145 145 ILE ILE A . n 
A 1 155 SER 155 146 146 SER SER A . n 
A 1 156 GLY 156 147 147 GLY GLY A . n 
A 1 157 GLU 157 148 148 GLU GLU A . n 
A 1 158 GLN 158 149 149 GLN GLN A . n 
A 1 159 ILE 159 150 150 ILE ILE A . n 
A 1 160 VAL 160 151 151 VAL VAL A . n 
A 1 161 ALA 161 152 152 ALA ALA A . n 
A 1 162 HIS 162 153 153 HIS HIS A . n 
A 1 163 THR 163 154 154 THR THR A . n 
A 1 164 ASN 164 155 155 ASN ASN A . n 
A 1 165 MET 165 156 156 MET MET A . n 
A 1 166 TYR 166 157 157 TYR TYR A . n 
A 1 167 PHE 167 158 158 PHE PHE A . n 
A 1 168 SER 168 159 159 SER SER A . n 
A 1 169 GLY 169 160 160 GLY GLY A . n 
A 1 170 LEU 170 161 161 LEU LEU A . n 
A 1 171 ARG 171 162 162 ARG ARG A . n 
A 1 172 TYR 172 163 163 TYR TYR A . n 
A 1 173 PRO 173 164 164 PRO PRO A . n 
A 1 174 GLY 174 165 165 GLY GLY A . n 
A 1 175 GLN 175 166 166 GLN GLN A . n 
A 1 176 GLU 176 167 167 GLU GLU A . n 
A 1 177 PHE 177 168 168 PHE PHE A . n 
A 1 178 VAL 178 169 169 VAL VAL A . n 
A 1 179 ILE 179 170 170 ILE ILE A . n 
A 1 180 ALA 180 171 171 ALA ALA A . n 
A 1 181 THR 181 172 172 THR THR A . n 
A 1 182 HIS 182 173 173 HIS HIS A . n 
A 1 183 ASP 183 174 174 ASP ASP A . n 
A 1 184 HIS 184 175 175 HIS HIS A . n 
A 1 185 VAL 185 176 176 VAL VAL A . n 
A 1 186 ALA 186 177 177 ALA ALA A . n 
A 1 187 LEU 187 178 178 LEU LEU A . n 
# 
loop_
_pdbx_nonpoly_scheme.asym_id 
_pdbx_nonpoly_scheme.entity_id 
_pdbx_nonpoly_scheme.mon_id 
_pdbx_nonpoly_scheme.ndb_seq_num 
_pdbx_nonpoly_scheme.pdb_seq_num 
_pdbx_nonpoly_scheme.auth_seq_num 
_pdbx_nonpoly_scheme.pdb_mon_id 
_pdbx_nonpoly_scheme.auth_mon_id 
_pdbx_nonpoly_scheme.pdb_strand_id 
_pdbx_nonpoly_scheme.pdb_ins_code 
B 2 66Y 1   201 201 66Y 66Y A . 
C 3 HOH 1   301 301 HOH HOH A . 
C 3 HOH 2   302 302 HOH HOH A . 
C 3 HOH 3   303 303 HOH HOH A . 
C 3 HOH 4   304 304 HOH HOH A . 
C 3 HOH 5   305 305 HOH HOH A . 
C 3 HOH 6   306 306 HOH HOH A . 
C 3 HOH 7   307 307 HOH HOH A . 
C 3 HOH 8   308 308 HOH HOH A . 
C 3 HOH 9   309 309 HOH HOH A . 
C 3 HOH 10  310 310 HOH HOH A . 
C 3 HOH 11  311 311 HOH HOH A . 
C 3 HOH 12  312 312 HOH HOH A . 
C 3 HOH 13  313 313 HOH HOH A . 
C 3 HOH 14  314 314 HOH HOH A . 
C 3 HOH 15  315 315 HOH HOH A . 
C 3 HOH 16  316 316 HOH HOH A . 
C 3 HOH 17  317 317 HOH HOH A . 
C 3 HOH 18  318 318 HOH HOH A . 
C 3 HOH 19  319 319 HOH HOH A . 
C 3 HOH 20  320 320 HOH HOH A . 
C 3 HOH 21  321 321 HOH HOH A . 
C 3 HOH 22  322 322 HOH HOH A . 
C 3 HOH 23  323 323 HOH HOH A . 
C 3 HOH 24  324 324 HOH HOH A . 
C 3 HOH 25  325 325 HOH HOH A . 
C 3 HOH 26  326 326 HOH HOH A . 
C 3 HOH 27  327 327 HOH HOH A . 
C 3 HOH 28  328 328 HOH HOH A . 
C 3 HOH 29  329 329 HOH HOH A . 
C 3 HOH 30  330 330 HOH HOH A . 
C 3 HOH 31  331 331 HOH HOH A . 
C 3 HOH 32  332 332 HOH HOH A . 
C 3 HOH 33  333 333 HOH HOH A . 
C 3 HOH 34  334 334 HOH HOH A . 
C 3 HOH 35  335 335 HOH HOH A . 
C 3 HOH 36  336 336 HOH HOH A . 
C 3 HOH 37  337 337 HOH HOH A . 
C 3 HOH 38  338 338 HOH HOH A . 
C 3 HOH 39  339 339 HOH HOH A . 
C 3 HOH 40  340 340 HOH HOH A . 
C 3 HOH 41  341 341 HOH HOH A . 
C 3 HOH 42  342 342 HOH HOH A . 
C 3 HOH 43  343 343 HOH HOH A . 
C 3 HOH 44  344 344 HOH HOH A . 
C 3 HOH 45  345 345 HOH HOH A . 
C 3 HOH 46  346 346 HOH HOH A . 
C 3 HOH 47  347 347 HOH HOH A . 
C 3 HOH 48  348 348 HOH HOH A . 
C 3 HOH 49  349 349 HOH HOH A . 
C 3 HOH 50  350 350 HOH HOH A . 
C 3 HOH 51  351 351 HOH HOH A . 
C 3 HOH 52  352 352 HOH HOH A . 
C 3 HOH 53  353 353 HOH HOH A . 
C 3 HOH 54  354 354 HOH HOH A . 
C 3 HOH 55  355 355 HOH HOH A . 
C 3 HOH 56  356 356 HOH HOH A . 
C 3 HOH 57  357 357 HOH HOH A . 
C 3 HOH 58  358 358 HOH HOH A . 
C 3 HOH 59  359 359 HOH HOH A . 
C 3 HOH 60  360 360 HOH HOH A . 
C 3 HOH 61  361 361 HOH HOH A . 
C 3 HOH 62  362 362 HOH HOH A . 
C 3 HOH 63  363 363 HOH HOH A . 
C 3 HOH 64  364 364 HOH HOH A . 
C 3 HOH 65  365 365 HOH HOH A . 
C 3 HOH 66  366 366 HOH HOH A . 
C 3 HOH 67  367 367 HOH HOH A . 
C 3 HOH 68  368 368 HOH HOH A . 
C 3 HOH 69  369 369 HOH HOH A . 
C 3 HOH 70  370 370 HOH HOH A . 
C 3 HOH 71  371 371 HOH HOH A . 
C 3 HOH 72  372 372 HOH HOH A . 
C 3 HOH 73  373 373 HOH HOH A . 
C 3 HOH 74  374 374 HOH HOH A . 
C 3 HOH 75  375 375 HOH HOH A . 
C 3 HOH 76  376 376 HOH HOH A . 
C 3 HOH 77  377 377 HOH HOH A . 
C 3 HOH 78  378 378 HOH HOH A . 
C 3 HOH 79  379 379 HOH HOH A . 
C 3 HOH 80  380 380 HOH HOH A . 
C 3 HOH 81  381 381 HOH HOH A . 
C 3 HOH 82  382 382 HOH HOH A . 
C 3 HOH 83  383 383 HOH HOH A . 
C 3 HOH 84  384 384 HOH HOH A . 
C 3 HOH 85  385 385 HOH HOH A . 
C 3 HOH 86  386 386 HOH HOH A . 
C 3 HOH 87  387 387 HOH HOH A . 
C 3 HOH 88  388 388 HOH HOH A . 
C 3 HOH 89  389 389 HOH HOH A . 
C 3 HOH 90  390 390 HOH HOH A . 
C 3 HOH 91  391 391 HOH HOH A . 
C 3 HOH 92  392 392 HOH HOH A . 
C 3 HOH 93  393 393 HOH HOH A . 
C 3 HOH 94  394 394 HOH HOH A . 
C 3 HOH 95  395 395 HOH HOH A . 
C 3 HOH 96  396 396 HOH HOH A . 
C 3 HOH 97  397 397 HOH HOH A . 
C 3 HOH 98  398 398 HOH HOH A . 
C 3 HOH 99  399 399 HOH HOH A . 
C 3 HOH 100 400 400 HOH HOH A . 
C 3 HOH 101 401 401 HOH HOH A . 
C 3 HOH 102 402 402 HOH HOH A . 
C 3 HOH 103 403 403 HOH HOH A . 
C 3 HOH 104 404 404 HOH HOH A . 
C 3 HOH 105 405 405 HOH HOH A . 
C 3 HOH 106 406 406 HOH HOH A . 
C 3 HOH 107 407 407 HOH HOH A . 
C 3 HOH 108 408 408 HOH HOH A . 
C 3 HOH 109 409 409 HOH HOH A . 
C 3 HOH 110 410 410 HOH HOH A . 
C 3 HOH 111 411 411 HOH HOH A . 
C 3 HOH 112 412 412 HOH HOH A . 
# 
loop_
_pdbx_unobs_or_zero_occ_atoms.id 
_pdbx_unobs_or_zero_occ_atoms.PDB_model_num 
_pdbx_unobs_or_zero_occ_atoms.polymer_flag 
_pdbx_unobs_or_zero_occ_atoms.occupancy_flag 
_pdbx_unobs_or_zero_occ_atoms.auth_asym_id 
_pdbx_unobs_or_zero_occ_atoms.auth_comp_id 
_pdbx_unobs_or_zero_occ_atoms.auth_seq_id 
_pdbx_unobs_or_zero_occ_atoms.PDB_ins_code 
_pdbx_unobs_or_zero_occ_atoms.auth_atom_id 
_pdbx_unobs_or_zero_occ_atoms.label_alt_id 
_pdbx_unobs_or_zero_occ_atoms.label_asym_id 
_pdbx_unobs_or_zero_occ_atoms.label_comp_id 
_pdbx_unobs_or_zero_occ_atoms.label_seq_id 
_pdbx_unobs_or_zero_occ_atoms.label_atom_id 
1 1 Y 1 A GLU 95 ? CG  ? A GLU 104 CG  
2 1 Y 1 A GLU 95 ? CD  ? A GLU 104 CD  
3 1 Y 1 A GLU 95 ? OE1 ? A GLU 104 OE1 
4 1 Y 1 A GLU 95 ? OE2 ? A GLU 104 OE2 
# 
loop_
_software.citation_id 
_software.classification 
_software.compiler_name 
_software.compiler_version 
_software.contact_author 
_software.contact_author_email 
_software.date 
_software.description 
_software.dependencies 
_software.hardware 
_software.language 
_software.location 
_software.mods 
_software.name 
_software.os 
_software.os_version 
_software.type 
_software.version 
_software.pdbx_ordinal 
? refinement       ? ? ? ? ? ? ? ? ? ? ? PHENIX    ? ? ? 1.9_1692 1 
? 'data reduction' ? ? ? ? ? ? ? ? ? ? ? HKL-2000  ? ? ? .        2 
? 'data scaling'   ? ? ? ? ? ? ? ? ? ? ? SCALEPACK ? ? ? .        3 
? phasing          ? ? ? ? ? ? ? ? ? ? ? PHASER    ? ? ? .        4 
# 
_cell.entry_id           5HWG 
_cell.length_a           69.291 
_cell.length_b           69.291 
_cell.length_c           86.617 
_cell.angle_alpha        90.00 
_cell.angle_beta         90.00 
_cell.angle_gamma        120.00 
_cell.Z_PDB              6 
_cell.pdbx_unique_axis   ? 
# 
_symmetry.entry_id                         5HWG 
_symmetry.space_group_name_H-M             'P 31 2 1' 
_symmetry.pdbx_full_space_group_name_H-M   ? 
_symmetry.cell_setting                     ? 
_symmetry.Int_Tables_number                152 
# 
_exptl.absorpt_coefficient_mu     ? 
_exptl.absorpt_correction_T_max   ? 
_exptl.absorpt_correction_T_min   ? 
_exptl.absorpt_correction_type    ? 
_exptl.absorpt_process_details    ? 
_exptl.entry_id                   5HWG 
_exptl.crystals_number            1 
_exptl.details                    ? 
_exptl.method                     'X-RAY DIFFRACTION' 
_exptl.method_details             ? 
# 
_exptl_crystal.colour                      ? 
_exptl_crystal.density_diffrn              ? 
_exptl_crystal.density_Matthews            2.93 
_exptl_crystal.density_method              ? 
_exptl_crystal.density_percent_sol         58.08 
_exptl_crystal.description                 ? 
_exptl_crystal.F_000                       ? 
_exptl_crystal.id                          1 
_exptl_crystal.preparation                 ? 
_exptl_crystal.size_max                    ? 
_exptl_crystal.size_mid                    ? 
_exptl_crystal.size_min                    ? 
_exptl_crystal.size_rad                    ? 
_exptl_crystal.colour_lustre               ? 
_exptl_crystal.colour_modifier             ? 
_exptl_crystal.colour_primary              ? 
_exptl_crystal.density_meas                ? 
_exptl_crystal.density_meas_esd            ? 
_exptl_crystal.density_meas_gt             ? 
_exptl_crystal.density_meas_lt             ? 
_exptl_crystal.density_meas_temp           ? 
_exptl_crystal.density_meas_temp_esd       ? 
_exptl_crystal.density_meas_temp_gt        ? 
_exptl_crystal.density_meas_temp_lt        ? 
_exptl_crystal.pdbx_crystal_image_url      ? 
_exptl_crystal.pdbx_crystal_image_format   ? 
_exptl_crystal.pdbx_mosaicity              ? 
_exptl_crystal.pdbx_mosaicity_esd          ? 
# 
_exptl_crystal_grow.apparatus       ? 
_exptl_crystal_grow.atmosphere      ? 
_exptl_crystal_grow.crystal_id      1 
_exptl_crystal_grow.details         ? 
_exptl_crystal_grow.method          'VAPOR DIFFUSION, HANGING DROP' 
_exptl_crystal_grow.method_ref      ? 
_exptl_crystal_grow.pH              ? 
_exptl_crystal_grow.pressure        ? 
_exptl_crystal_grow.pressure_esd    ? 
_exptl_crystal_grow.seeding         ? 
_exptl_crystal_grow.seeding_ref     ? 
_exptl_crystal_grow.temp            291 
_exptl_crystal_grow.temp_details    ? 
_exptl_crystal_grow.temp_esd        ? 
_exptl_crystal_grow.time            ? 
_exptl_crystal_grow.pdbx_details    '0.2M sodium malonate, 20% (w/v) polyethylene glycol 3350' 
_exptl_crystal_grow.pdbx_pH_range   ? 
# 
_diffrn.ambient_environment    ? 
_diffrn.ambient_temp           100 
_diffrn.ambient_temp_details   ? 
_diffrn.ambient_temp_esd       ? 
_diffrn.crystal_id             1 
_diffrn.crystal_support        ? 
_diffrn.crystal_treatment      ? 
_diffrn.details                ? 
_diffrn.id                     1 
_diffrn.ambient_pressure       ? 
_diffrn.ambient_pressure_esd   ? 
_diffrn.ambient_pressure_gt    ? 
_diffrn.ambient_pressure_lt    ? 
_diffrn.ambient_temp_gt        ? 
_diffrn.ambient_temp_lt        ? 
# 
_diffrn_detector.details                      ? 
_diffrn_detector.detector                     CCD 
_diffrn_detector.diffrn_id                    1 
_diffrn_detector.type                         'ADSC QUANTUM 315r' 
_diffrn_detector.area_resol_mean              ? 
_diffrn_detector.dtime                        ? 
_diffrn_detector.pdbx_frames_total            ? 
_diffrn_detector.pdbx_collection_time_total   ? 
_diffrn_detector.pdbx_collection_date         2015-11-08 
# 
_diffrn_radiation.collimation                      ? 
_diffrn_radiation.diffrn_id                        1 
_diffrn_radiation.filter_edge                      ? 
_diffrn_radiation.inhomogeneity                    ? 
_diffrn_radiation.monochromator                    ? 
_diffrn_radiation.polarisn_norm                    ? 
_diffrn_radiation.polarisn_ratio                   ? 
_diffrn_radiation.probe                            ? 
_diffrn_radiation.type                             ? 
_diffrn_radiation.xray_symbol                      ? 
_diffrn_radiation.wavelength_id                    1 
_diffrn_radiation.pdbx_monochromatic_or_laue_m_l   M 
_diffrn_radiation.pdbx_wavelength_list             ? 
_diffrn_radiation.pdbx_wavelength                  ? 
_diffrn_radiation.pdbx_diffrn_protocol             'SINGLE WAVELENGTH' 
_diffrn_radiation.pdbx_analyzer                    ? 
_diffrn_radiation.pdbx_scattering_type             x-ray 
# 
_diffrn_radiation_wavelength.id           1 
_diffrn_radiation_wavelength.wavelength   0.979 
_diffrn_radiation_wavelength.wt           1.0 
# 
_diffrn_source.current                     ? 
_diffrn_source.details                     ? 
_diffrn_source.diffrn_id                   1 
_diffrn_source.power                       ? 
_diffrn_source.size                        ? 
_diffrn_source.source                      SYNCHROTRON 
_diffrn_source.target                      ? 
_diffrn_source.type                        'SSRF BEAMLINE BL17U' 
_diffrn_source.voltage                     ? 
_diffrn_source.take-off_angle              ? 
_diffrn_source.pdbx_wavelength_list        0.979 
_diffrn_source.pdbx_wavelength             ? 
_diffrn_source.pdbx_synchrotron_beamline   BL17U 
_diffrn_source.pdbx_synchrotron_site       SSRF 
# 
_reflns.B_iso_Wilson_estimate            ? 
_reflns.entry_id                         5HWG 
_reflns.data_reduction_details           ? 
_reflns.data_reduction_method            ? 
_reflns.d_resolution_high                1.99 
_reflns.d_resolution_low                 50 
_reflns.details                          ? 
_reflns.limit_h_max                      ? 
_reflns.limit_h_min                      ? 
_reflns.limit_k_max                      ? 
_reflns.limit_k_min                      ? 
_reflns.limit_l_max                      ? 
_reflns.limit_l_min                      ? 
_reflns.number_all                       ? 
_reflns.number_obs                       17468 
_reflns.observed_criterion               ? 
_reflns.observed_criterion_F_max         ? 
_reflns.observed_criterion_F_min         ? 
_reflns.observed_criterion_I_max         ? 
_reflns.observed_criterion_I_min         ? 
_reflns.observed_criterion_sigma_F       ? 
_reflns.observed_criterion_sigma_I       ? 
_reflns.percent_possible_obs             98.9 
_reflns.R_free_details                   ? 
_reflns.Rmerge_F_all                     ? 
_reflns.Rmerge_F_obs                     ? 
_reflns.Friedel_coverage                 ? 
_reflns.number_gt                        ? 
_reflns.threshold_expression             ? 
_reflns.pdbx_redundancy                  9.4 
_reflns.pdbx_Rmerge_I_obs                ? 
_reflns.pdbx_Rmerge_I_all                ? 
_reflns.pdbx_Rsym_value                  ? 
_reflns.pdbx_netI_over_av_sigmaI         ? 
_reflns.pdbx_netI_over_sigmaI            22.3 
_reflns.pdbx_res_netI_over_av_sigmaI_2   ? 
_reflns.pdbx_res_netI_over_sigmaI_2      ? 
_reflns.pdbx_chi_squared                 ? 
_reflns.pdbx_scaling_rejects             ? 
_reflns.pdbx_d_res_high_opt              ? 
_reflns.pdbx_d_res_low_opt               ? 
_reflns.pdbx_d_res_opt_method            ? 
_reflns.phase_calculation_details        ? 
_reflns.pdbx_Rrim_I_all                  ? 
_reflns.pdbx_Rpim_I_all                  ? 
_reflns.pdbx_d_opt                       ? 
_reflns.pdbx_number_measured_all         ? 
_reflns.pdbx_diffrn_id                   1 
_reflns.pdbx_ordinal                     1 
_reflns.pdbx_CC_half                     ? 
_reflns.pdbx_R_split                     ? 
# 
_reflns_shell.d_res_high                  . 
_reflns_shell.d_res_low                   ? 
_reflns_shell.meanI_over_sigI_all         ? 
_reflns_shell.meanI_over_sigI_obs         ? 
_reflns_shell.number_measured_all         ? 
_reflns_shell.number_measured_obs         ? 
_reflns_shell.number_possible             ? 
_reflns_shell.number_unique_all           ? 
_reflns_shell.number_unique_obs           ? 
_reflns_shell.percent_possible_all        ? 
_reflns_shell.percent_possible_obs        ? 
_reflns_shell.Rmerge_F_all                ? 
_reflns_shell.Rmerge_F_obs                ? 
_reflns_shell.Rmerge_I_all                ? 
_reflns_shell.Rmerge_I_obs                ? 
_reflns_shell.meanI_over_sigI_gt          ? 
_reflns_shell.meanI_over_uI_all           ? 
_reflns_shell.meanI_over_uI_gt            ? 
_reflns_shell.number_measured_gt          ? 
_reflns_shell.number_unique_gt            ? 
_reflns_shell.percent_possible_gt         ? 
_reflns_shell.Rmerge_F_gt                 ? 
_reflns_shell.Rmerge_I_gt                 ? 
_reflns_shell.pdbx_redundancy             ? 
_reflns_shell.pdbx_Rsym_value             ? 
_reflns_shell.pdbx_chi_squared            ? 
_reflns_shell.pdbx_netI_over_sigmaI_all   ? 
_reflns_shell.pdbx_netI_over_sigmaI_obs   ? 
_reflns_shell.pdbx_Rrim_I_all             ? 
_reflns_shell.pdbx_Rpim_I_all             ? 
_reflns_shell.pdbx_rejects                ? 
_reflns_shell.pdbx_ordinal                1 
_reflns_shell.pdbx_diffrn_id              1 
_reflns_shell.pdbx_CC_half                ? 
_reflns_shell.pdbx_R_split                ? 
# 
_refine.pdbx_refine_id                           'X-RAY DIFFRACTION' 
_refine.entry_id                                 5HWG 
_refine.pdbx_diffrn_id                           1 
_refine.pdbx_TLS_residual_ADP_flag               ? 
_refine.ls_number_reflns_obs                     17468 
_refine.ls_number_reflns_all                     ? 
_refine.pdbx_ls_sigma_I                          ? 
_refine.pdbx_ls_sigma_F                          1.920 
_refine.pdbx_data_cutoff_high_absF               ? 
_refine.pdbx_data_cutoff_low_absF                ? 
_refine.pdbx_data_cutoff_high_rms_absF           ? 
_refine.ls_d_res_low                             35.12 
_refine.ls_d_res_high                            1.99 
_refine.ls_percent_reflns_obs                    98.9 
_refine.ls_R_factor_obs                          0.202 
_refine.ls_R_factor_all                          ? 
_refine.ls_R_factor_R_work                       0.200 
_refine.ls_R_factor_R_free                       0.237 
_refine.ls_R_factor_R_free_error                 ? 
_refine.ls_R_factor_R_free_error_details         ? 
_refine.ls_percent_reflns_R_free                 5.050 
_refine.ls_number_reflns_R_free                  883 
_refine.ls_number_parameters                     ? 
_refine.ls_number_restraints                     ? 
_refine.occupancy_min                            ? 
_refine.occupancy_max                            ? 
_refine.correlation_coeff_Fo_to_Fc               ? 
_refine.correlation_coeff_Fo_to_Fc_free          ? 
_refine.B_iso_mean                               ? 
_refine.aniso_B[1][1]                            ? 
_refine.aniso_B[2][2]                            ? 
_refine.aniso_B[3][3]                            ? 
_refine.aniso_B[1][2]                            ? 
_refine.aniso_B[1][3]                            ? 
_refine.aniso_B[2][3]                            ? 
_refine.solvent_model_details                    'FLAT BULK SOLVENT MODEL' 
_refine.solvent_model_param_ksol                 ? 
_refine.solvent_model_param_bsol                 ? 
_refine.pdbx_solvent_vdw_probe_radii             1.11 
_refine.pdbx_solvent_ion_probe_radii             ? 
_refine.pdbx_solvent_shrinkage_radii             0.90 
_refine.pdbx_ls_cross_valid_method               'FREE R-VALUE' 
_refine.details                                  ? 
_refine.pdbx_starting_model                      ? 
_refine.pdbx_method_to_determine_struct          'MOLECULAR REPLACEMENT' 
_refine.pdbx_isotropic_thermal_model             ? 
_refine.pdbx_stereochemistry_target_values       ML 
_refine.pdbx_stereochem_target_val_spec_case     ? 
_refine.pdbx_R_Free_selection_details            ? 
_refine.pdbx_overall_ESU_R                       ? 
_refine.pdbx_overall_ESU_R_Free                  ? 
_refine.overall_SU_ML                            0.210 
_refine.pdbx_overall_phase_error                 25.070 
_refine.overall_SU_B                             ? 
_refine.overall_SU_R_Cruickshank_DPI             ? 
_refine.pdbx_overall_SU_R_free_Cruickshank_DPI   ? 
_refine.pdbx_overall_SU_R_Blow_DPI               ? 
_refine.pdbx_overall_SU_R_free_Blow_DPI          ? 
# 
_refine_hist.pdbx_refine_id                   'X-RAY DIFFRACTION' 
_refine_hist.cycle_id                         LAST 
_refine_hist.pdbx_number_atoms_protein        1338 
_refine_hist.pdbx_number_atoms_nucleic_acid   0 
_refine_hist.pdbx_number_atoms_ligand         8 
_refine_hist.number_atoms_solvent             112 
_refine_hist.number_atoms_total               1458 
_refine_hist.d_res_high                       1.99 
_refine_hist.d_res_low                        35.12 
# 
loop_
_refine_ls_restr.type 
_refine_ls_restr.dev_ideal 
_refine_ls_restr.dev_ideal_target 
_refine_ls_restr.weight 
_refine_ls_restr.number 
_refine_ls_restr.pdbx_refine_id 
_refine_ls_restr.pdbx_restraint_function 
f_bond_d           0.004  ? ? 1377 'X-RAY DIFFRACTION' ? 
f_angle_d          0.802  ? ? 1882 'X-RAY DIFFRACTION' ? 
f_dihedral_angle_d 12.379 ? ? 480  'X-RAY DIFFRACTION' ? 
f_chiral_restr     0.030  ? ? 218  'X-RAY DIFFRACTION' ? 
f_plane_restr      0.004  ? ? 246  'X-RAY DIFFRACTION' ? 
# 
loop_
_refine_ls_shell.pdbx_refine_id 
_refine_ls_shell.pdbx_total_number_of_bins_used 
_refine_ls_shell.d_res_high 
_refine_ls_shell.d_res_low 
_refine_ls_shell.number_reflns_R_work 
_refine_ls_shell.R_factor_R_work 
_refine_ls_shell.percent_reflns_obs 
_refine_ls_shell.R_factor_R_free 
_refine_ls_shell.R_factor_R_free_error 
_refine_ls_shell.percent_reflns_R_free 
_refine_ls_shell.number_reflns_R_free 
_refine_ls_shell.number_reflns_all 
_refine_ls_shell.R_factor_all 
_refine_ls_shell.R_factor_obs 
_refine_ls_shell.number_reflns_obs 
'X-RAY DIFFRACTION' . 1.9926 2.1174  2509 0.2239 50.00 0.2846 . . 131 . . . . 
'X-RAY DIFFRACTION' . 2.1174 2.2809  2607 0.1990 52.00 0.2490 . . 145 . . . . 
'X-RAY DIFFRACTION' . 2.2809 2.5104  2656 0.1842 53.00 0.2133 . . 140 . . . . 
'X-RAY DIFFRACTION' . 2.5104 2.8735  2755 0.1888 55.00 0.2299 . . 156 . . . . 
'X-RAY DIFFRACTION' . 2.8735 3.6197  2989 0.1991 59.00 0.2426 . . 156 . . . . 
'X-RAY DIFFRACTION' . 3.6197 35.1232 3069 0.2044 61.00 0.2294 . . 155 . . . . 
# 
_struct.entry_id                     5HWG 
_struct.title                        'Structure of a cysteine hydrolase with a negative substrate' 
_struct.pdbx_model_details           ? 
_struct.pdbx_formula_weight          ? 
_struct.pdbx_formula_weight_method   ? 
_struct.pdbx_model_type_details      ? 
_struct.pdbx_CASP_flag               ? 
# 
_struct_keywords.entry_id        5HWG 
_struct_keywords.text            'hydrolase, catalyic triad' 
_struct_keywords.pdbx_keywords   HYDROLASE 
# 
loop_
_struct_asym.id 
_struct_asym.pdbx_blank_PDB_chainid_flag 
_struct_asym.pdbx_modified 
_struct_asym.entity_id 
_struct_asym.details 
A N N 1 ? 
B N N 2 ? 
C N N 3 ? 
# 
_struct_ref.id                         1 
_struct_ref.db_name                    UNP 
_struct_ref.db_code                    A0A0K0XHU0_9MICO 
_struct_ref.pdbx_db_accession          A0A0K0XHU0 
_struct_ref.pdbx_db_isoform            ? 
_struct_ref.entity_id                  1 
_struct_ref.pdbx_seq_one_letter_code   
;MAAPRRTVVLAIDLQAGVTPGCFDEEGVLSRAAALVERARAGGVPVVWVHHDPVGVGTPEWELAAPLHRAEGEPLVRKNY
RDSFADTTLRETLDELGATHLVITGAQSDFCVRTTMQRAAAEGYDVTLVSDAHTTVDTEWEGVRISGEQIVAHTNMYFSG
LRYPGQEFVIATHDHVAL
;
_struct_ref.pdbx_align_begin           1 
# 
_struct_ref_seq.align_id                      1 
_struct_ref_seq.ref_id                        1 
_struct_ref_seq.pdbx_PDB_id_code              5HWG 
_struct_ref_seq.pdbx_strand_id                A 
_struct_ref_seq.seq_align_beg                 10 
_struct_ref_seq.pdbx_seq_align_beg_ins_code   ? 
_struct_ref_seq.seq_align_end                 187 
_struct_ref_seq.pdbx_seq_align_end_ins_code   ? 
_struct_ref_seq.pdbx_db_accession             A0A0K0XHU0 
_struct_ref_seq.db_align_beg                  1 
_struct_ref_seq.pdbx_db_align_beg_ins_code    ? 
_struct_ref_seq.db_align_end                  178 
_struct_ref_seq.pdbx_db_align_end_ins_code    ? 
_struct_ref_seq.pdbx_auth_seq_align_beg       1 
_struct_ref_seq.pdbx_auth_seq_align_end       178 
# 
loop_
_struct_ref_seq_dif.align_id 
_struct_ref_seq_dif.pdbx_pdb_id_code 
_struct_ref_seq_dif.mon_id 
_struct_ref_seq_dif.pdbx_pdb_strand_id 
_struct_ref_seq_dif.seq_num 
_struct_ref_seq_dif.pdbx_pdb_ins_code 
_struct_ref_seq_dif.pdbx_seq_db_name 
_struct_ref_seq_dif.pdbx_seq_db_accession_code 
_struct_ref_seq_dif.db_mon_id 
_struct_ref_seq_dif.pdbx_seq_db_seq_num 
_struct_ref_seq_dif.details 
_struct_ref_seq_dif.pdbx_auth_seq_num 
_struct_ref_seq_dif.pdbx_ordinal 
1 5HWG MET A 1   ? UNP A0A0K0XHU0 ?   ?   'expression tag'      -8  1  
1 5HWG GLY A 2   ? UNP A0A0K0XHU0 ?   ?   'expression tag'      -7  2  
1 5HWG SER A 3   ? UNP A0A0K0XHU0 ?   ?   'expression tag'      -6  3  
1 5HWG HIS A 4   ? UNP A0A0K0XHU0 ?   ?   'expression tag'      -5  4  
1 5HWG HIS A 5   ? UNP A0A0K0XHU0 ?   ?   'expression tag'      -4  5  
1 5HWG HIS A 6   ? UNP A0A0K0XHU0 ?   ?   'expression tag'      -3  6  
1 5HWG HIS A 7   ? UNP A0A0K0XHU0 ?   ?   'expression tag'      -2  7  
1 5HWG HIS A 8   ? UNP A0A0K0XHU0 ?   ?   'expression tag'      -1  8  
1 5HWG HIS A 9   ? UNP A0A0K0XHU0 ?   ?   'expression tag'      0   9  
1 5HWG ALA A 120 ? UNP A0A0K0XHU0 CYS 111 'engineered mutation' 111 10 
# 
_pdbx_struct_assembly.id                   1 
_pdbx_struct_assembly.details              author_and_software_defined_assembly 
_pdbx_struct_assembly.method_details       PISA 
_pdbx_struct_assembly.oligomeric_details   dimeric 
_pdbx_struct_assembly.oligomeric_count     2 
# 
loop_
_pdbx_struct_assembly_prop.biol_id 
_pdbx_struct_assembly_prop.type 
_pdbx_struct_assembly_prop.value 
_pdbx_struct_assembly_prop.details 
1 'ABSA (A^2)' 3270  ? 
1 MORE         -18   ? 
1 'SSA (A^2)'  13710 ? 
# 
_pdbx_struct_assembly_gen.assembly_id       1 
_pdbx_struct_assembly_gen.oper_expression   1,2 
_pdbx_struct_assembly_gen.asym_id_list      A,B,C 
# 
loop_
_pdbx_struct_oper_list.id 
_pdbx_struct_oper_list.type 
_pdbx_struct_oper_list.name 
_pdbx_struct_oper_list.symmetry_operation 
_pdbx_struct_oper_list.matrix[1][1] 
_pdbx_struct_oper_list.matrix[1][2] 
_pdbx_struct_oper_list.matrix[1][3] 
_pdbx_struct_oper_list.vector[1] 
_pdbx_struct_oper_list.matrix[2][1] 
_pdbx_struct_oper_list.matrix[2][2] 
_pdbx_struct_oper_list.matrix[2][3] 
_pdbx_struct_oper_list.vector[2] 
_pdbx_struct_oper_list.matrix[3][1] 
_pdbx_struct_oper_list.matrix[3][2] 
_pdbx_struct_oper_list.matrix[3][3] 
_pdbx_struct_oper_list.vector[3] 
1 'identity operation'         1_555 x,y,z    1.0000000000 0.0000000000  0.0000000000 0.0000000000 0.0000000000  1.0000000000  0.0000000000  0.0000000000   0.0000000000 0.0000000000  1.0000000000  0.0000000000  
2 'crystal symmetry operation' 4_557 y,x,-z+2 0.4802784888 -0.0389391113 0.8762512875 4.6963368990 -0.0389391113 -0.9989756965 -0.0230500184 -25.0927286174 0.8762512875 -0.0230500184 -0.4813027922 -9.0487456656 
# 
loop_
_struct_conf.conf_type_id 
_struct_conf.id 
_struct_conf.pdbx_PDB_helix_id 
_struct_conf.beg_label_comp_id 
_struct_conf.beg_label_asym_id 
_struct_conf.beg_label_seq_id 
_struct_conf.pdbx_beg_PDB_ins_code 
_struct_conf.end_label_comp_id 
_struct_conf.end_label_asym_id 
_struct_conf.end_label_seq_id 
_struct_conf.pdbx_end_PDB_ins_code 
_struct_conf.beg_auth_comp_id 
_struct_conf.beg_auth_asym_id 
_struct_conf.beg_auth_seq_id 
_struct_conf.end_auth_comp_id 
_struct_conf.end_auth_asym_id 
_struct_conf.end_auth_seq_id 
_struct_conf.pdbx_PDB_helix_class 
_struct_conf.details 
_struct_conf.pdbx_PDB_helix_length 
HELX_P HELX_P1 AA1 ASP A 33  ? GLY A 51  ? ASP A 24  GLY A 42  1 ? 19 
HELX_P HELX_P2 AA2 PRO A 62  ? GLY A 64  ? PRO A 53  GLY A 55  5 ? 3  
HELX_P HELX_P3 AA3 THR A 67  ? GLU A 71  ? THR A 58  GLU A 62  5 ? 5  
HELX_P HELX_P4 AA4 THR A 97  ? LEU A 105 ? THR A 88  LEU A 96  1 ? 9  
HELX_P HELX_P5 AA5 PHE A 119 ? GLY A 132 ? PHE A 110 GLY A 123 1 ? 14 
HELX_P HELX_P6 AA6 SER A 155 ? GLY A 169 ? SER A 146 GLY A 160 1 ? 15 
# 
_struct_conf_type.id          HELX_P 
_struct_conf_type.criteria    ? 
_struct_conf_type.reference   ? 
# 
loop_
_struct_mon_prot_cis.pdbx_id 
_struct_mon_prot_cis.label_comp_id 
_struct_mon_prot_cis.label_seq_id 
_struct_mon_prot_cis.label_asym_id 
_struct_mon_prot_cis.label_alt_id 
_struct_mon_prot_cis.pdbx_PDB_ins_code 
_struct_mon_prot_cis.auth_comp_id 
_struct_mon_prot_cis.auth_seq_id 
_struct_mon_prot_cis.auth_asym_id 
_struct_mon_prot_cis.pdbx_label_comp_id_2 
_struct_mon_prot_cis.pdbx_label_seq_id_2 
_struct_mon_prot_cis.pdbx_label_asym_id_2 
_struct_mon_prot_cis.pdbx_PDB_ins_code_2 
_struct_mon_prot_cis.pdbx_auth_comp_id_2 
_struct_mon_prot_cis.pdbx_auth_seq_id_2 
_struct_mon_prot_cis.pdbx_auth_asym_id_2 
_struct_mon_prot_cis.pdbx_PDB_model_num 
_struct_mon_prot_cis.pdbx_omega_angle 
1 ALA 74  A . ? ALA 65  A PRO 75  A ? PRO 66  A 1 4.16  
2 ALA 115 A . ? ALA 106 A GLN 116 A ? GLN 107 A 1 -7.40 
# 
loop_
_struct_sheet.id 
_struct_sheet.type 
_struct_sheet.number_strands 
_struct_sheet.details 
AA1 ? 6 ? 
AA2 ? 2 ? 
# 
loop_
_struct_sheet_order.sheet_id 
_struct_sheet_order.range_id_1 
_struct_sheet_order.range_id_2 
_struct_sheet_order.offset 
_struct_sheet_order.sense 
AA1 1 2 ? parallel      
AA1 2 3 ? parallel      
AA1 3 4 ? parallel      
AA1 4 5 ? parallel      
AA1 5 6 ? parallel      
AA2 1 2 ? anti-parallel 
# 
loop_
_struct_sheet_range.sheet_id 
_struct_sheet_range.id 
_struct_sheet_range.beg_label_comp_id 
_struct_sheet_range.beg_label_asym_id 
_struct_sheet_range.beg_label_seq_id 
_struct_sheet_range.pdbx_beg_PDB_ins_code 
_struct_sheet_range.end_label_comp_id 
_struct_sheet_range.end_label_asym_id 
_struct_sheet_range.end_label_seq_id 
_struct_sheet_range.pdbx_end_PDB_ins_code 
_struct_sheet_range.beg_auth_comp_id 
_struct_sheet_range.beg_auth_asym_id 
_struct_sheet_range.beg_auth_seq_id 
_struct_sheet_range.end_auth_comp_id 
_struct_sheet_range.end_auth_asym_id 
_struct_sheet_range.end_auth_seq_id 
AA1 1 LEU A 84  ? LYS A 87  ? LEU A 75  LYS A 78  
AA1 2 VAL A 55  ? HIS A 60  ? VAL A 46  HIS A 51  
AA1 3 THR A 16  ? ILE A 21  ? THR A 7   ILE A 12  
AA1 4 HIS A 109 ? ALA A 115 ? HIS A 100 ALA A 106 
AA1 5 ASP A 134 ? THR A 143 ? ASP A 125 THR A 134 
AA1 6 PHE A 177 ? ALA A 180 ? PHE A 168 ALA A 171 
AA2 1 THR A 147 ? TRP A 149 ? THR A 138 TRP A 140 
AA2 2 VAL A 152 ? ILE A 154 ? VAL A 143 ILE A 145 
# 
loop_
_pdbx_struct_sheet_hbond.sheet_id 
_pdbx_struct_sheet_hbond.range_id_1 
_pdbx_struct_sheet_hbond.range_id_2 
_pdbx_struct_sheet_hbond.range_1_label_atom_id 
_pdbx_struct_sheet_hbond.range_1_label_comp_id 
_pdbx_struct_sheet_hbond.range_1_label_asym_id 
_pdbx_struct_sheet_hbond.range_1_label_seq_id 
_pdbx_struct_sheet_hbond.range_1_PDB_ins_code 
_pdbx_struct_sheet_hbond.range_1_auth_atom_id 
_pdbx_struct_sheet_hbond.range_1_auth_comp_id 
_pdbx_struct_sheet_hbond.range_1_auth_asym_id 
_pdbx_struct_sheet_hbond.range_1_auth_seq_id 
_pdbx_struct_sheet_hbond.range_2_label_atom_id 
_pdbx_struct_sheet_hbond.range_2_label_comp_id 
_pdbx_struct_sheet_hbond.range_2_label_asym_id 
_pdbx_struct_sheet_hbond.range_2_label_seq_id 
_pdbx_struct_sheet_hbond.range_2_PDB_ins_code 
_pdbx_struct_sheet_hbond.range_2_auth_atom_id 
_pdbx_struct_sheet_hbond.range_2_auth_comp_id 
_pdbx_struct_sheet_hbond.range_2_auth_asym_id 
_pdbx_struct_sheet_hbond.range_2_auth_seq_id 
AA1 1 2 O VAL A 85  ? O VAL A 76  N TRP A 57  ? N TRP A 48  
AA1 2 3 O VAL A 56  ? O VAL A 47  N VAL A 18  ? N VAL A 9   
AA1 3 4 N VAL A 17  ? N VAL A 8   O HIS A 109 ? O HIS A 100 
AA1 4 5 N LEU A 110 ? N LEU A 101 O THR A 136 ? O THR A 127 
AA1 5 6 N LEU A 137 ? N LEU A 128 O VAL A 178 ? O VAL A 169 
AA2 1 2 N THR A 147 ? N THR A 138 O ILE A 154 ? O ILE A 145 
# 
_struct_site.id                   AC1 
_struct_site.pdbx_evidence_code   Software 
_struct_site.pdbx_auth_asym_id    A 
_struct_site.pdbx_auth_comp_id    66Y 
_struct_site.pdbx_auth_seq_id     201 
_struct_site.pdbx_auth_ins_code   ? 
_struct_site.pdbx_num_residues    6 
_struct_site.details              'binding site for residue 66Y A 201' 
# 
loop_
_struct_site_gen.id 
_struct_site_gen.site_id 
_struct_site_gen.pdbx_num_res 
_struct_site_gen.label_comp_id 
_struct_site_gen.label_asym_id 
_struct_site_gen.label_seq_id 
_struct_site_gen.pdbx_auth_ins_code 
_struct_site_gen.auth_comp_id 
_struct_site_gen.auth_asym_id 
_struct_site_gen.auth_seq_id 
_struct_site_gen.label_atom_id 
_struct_site_gen.label_alt_id 
_struct_site_gen.symmetry 
_struct_site_gen.details 
1 AC1 6 ASP A 22  ? ASP A 13  . ? 1_555 ? 
2 AC1 6 HIS A 60  ? HIS A 51  . ? 1_555 ? 
3 AC1 6 ALA A 115 ? ALA A 106 . ? 1_555 ? 
4 AC1 6 GLN A 116 ? GLN A 107 . ? 1_555 ? 
5 AC1 6 PHE A 119 ? PHE A 110 . ? 1_555 ? 
6 AC1 6 ALA A 120 ? ALA A 111 . ? 1_555 ? 
# 
loop_
_pdbx_validate_close_contact.id 
_pdbx_validate_close_contact.PDB_model_num 
_pdbx_validate_close_contact.auth_atom_id_1 
_pdbx_validate_close_contact.auth_asym_id_1 
_pdbx_validate_close_contact.auth_comp_id_1 
_pdbx_validate_close_contact.auth_seq_id_1 
_pdbx_validate_close_contact.PDB_ins_code_1 
_pdbx_validate_close_contact.label_alt_id_1 
_pdbx_validate_close_contact.auth_atom_id_2 
_pdbx_validate_close_contact.auth_asym_id_2 
_pdbx_validate_close_contact.auth_comp_id_2 
_pdbx_validate_close_contact.auth_seq_id_2 
_pdbx_validate_close_contact.PDB_ins_code_2 
_pdbx_validate_close_contact.label_alt_id_2 
_pdbx_validate_close_contact.dist 
1 1 O A HOH 391 ? ? O A HOH 408 ? ? 1.97 
2 1 O A HOH 403 ? ? O A HOH 409 ? ? 2.02 
3 1 O A HOH 411 ? ? O A HOH 412 ? ? 2.10 
4 1 O A HOH 392 ? ? O A HOH 402 ? ? 2.17 
# 
_pdbx_validate_symm_contact.id                1 
_pdbx_validate_symm_contact.PDB_model_num     1 
_pdbx_validate_symm_contact.auth_atom_id_1    O 
_pdbx_validate_symm_contact.auth_asym_id_1    A 
_pdbx_validate_symm_contact.auth_comp_id_1    HOH 
_pdbx_validate_symm_contact.auth_seq_id_1     388 
_pdbx_validate_symm_contact.PDB_ins_code_1    ? 
_pdbx_validate_symm_contact.label_alt_id_1    ? 
_pdbx_validate_symm_contact.site_symmetry_1   1_555 
_pdbx_validate_symm_contact.auth_atom_id_2    O 
_pdbx_validate_symm_contact.auth_asym_id_2    A 
_pdbx_validate_symm_contact.auth_comp_id_2    HOH 
_pdbx_validate_symm_contact.auth_seq_id_2     399 
_pdbx_validate_symm_contact.PDB_ins_code_2    ? 
_pdbx_validate_symm_contact.label_alt_id_2    ? 
_pdbx_validate_symm_contact.site_symmetry_2   4_557 
_pdbx_validate_symm_contact.dist              1.93 
# 
loop_
_pdbx_validate_torsion.id 
_pdbx_validate_torsion.PDB_model_num 
_pdbx_validate_torsion.auth_comp_id 
_pdbx_validate_torsion.auth_asym_id 
_pdbx_validate_torsion.auth_seq_id 
_pdbx_validate_torsion.PDB_ins_code 
_pdbx_validate_torsion.label_alt_id 
_pdbx_validate_torsion.phi 
_pdbx_validate_torsion.psi 
1 1 PRO A 53  ? ? -59.53  -8.32  
2 1 PHE A 110 ? ? -124.67 -89.98 
# 
loop_
_pdbx_struct_special_symmetry.id 
_pdbx_struct_special_symmetry.PDB_model_num 
_pdbx_struct_special_symmetry.auth_asym_id 
_pdbx_struct_special_symmetry.auth_comp_id 
_pdbx_struct_special_symmetry.auth_seq_id 
_pdbx_struct_special_symmetry.PDB_ins_code 
_pdbx_struct_special_symmetry.label_asym_id 
_pdbx_struct_special_symmetry.label_comp_id 
_pdbx_struct_special_symmetry.label_seq_id 
1 1 A HOH 369 ? C HOH . 
2 1 A HOH 390 ? C HOH . 
# 
loop_
_pdbx_distant_solvent_atoms.id 
_pdbx_distant_solvent_atoms.PDB_model_num 
_pdbx_distant_solvent_atoms.auth_atom_id 
_pdbx_distant_solvent_atoms.label_alt_id 
_pdbx_distant_solvent_atoms.auth_asym_id 
_pdbx_distant_solvent_atoms.auth_comp_id 
_pdbx_distant_solvent_atoms.auth_seq_id 
_pdbx_distant_solvent_atoms.PDB_ins_code 
_pdbx_distant_solvent_atoms.neighbor_macromolecule_distance 
_pdbx_distant_solvent_atoms.neighbor_ligand_distance 
1 1 O ? A HOH 411 ? 6.58 . 
2 1 O ? A HOH 412 ? 6.84 . 
# 
loop_
_pdbx_unobs_or_zero_occ_residues.id 
_pdbx_unobs_or_zero_occ_residues.PDB_model_num 
_pdbx_unobs_or_zero_occ_residues.polymer_flag 
_pdbx_unobs_or_zero_occ_residues.occupancy_flag 
_pdbx_unobs_or_zero_occ_residues.auth_asym_id 
_pdbx_unobs_or_zero_occ_residues.auth_comp_id 
_pdbx_unobs_or_zero_occ_residues.auth_seq_id 
_pdbx_unobs_or_zero_occ_residues.PDB_ins_code 
_pdbx_unobs_or_zero_occ_residues.label_asym_id 
_pdbx_unobs_or_zero_occ_residues.label_comp_id 
_pdbx_unobs_or_zero_occ_residues.label_seq_id 
1  1 Y 1 A MET -8 ? A MET 1  
2  1 Y 1 A GLY -7 ? A GLY 2  
3  1 Y 1 A SER -6 ? A SER 3  
4  1 Y 1 A HIS -5 ? A HIS 4  
5  1 Y 1 A HIS -4 ? A HIS 5  
6  1 Y 1 A HIS -3 ? A HIS 6  
7  1 Y 1 A HIS -2 ? A HIS 7  
8  1 Y 1 A HIS -1 ? A HIS 8  
9  1 Y 1 A HIS 0  ? A HIS 9  
10 1 Y 1 A MET 1  ? A MET 10 
11 1 Y 1 A ALA 2  ? A ALA 11 
12 1 Y 1 A ALA 3  ? A ALA 12 
# 
loop_
_chem_comp_atom.comp_id 
_chem_comp_atom.atom_id 
_chem_comp_atom.type_symbol 
_chem_comp_atom.pdbx_aromatic_flag 
_chem_comp_atom.pdbx_stereo_config 
_chem_comp_atom.pdbx_ordinal 
66Y C1   C N N 1   
66Y N1   N N N 2   
66Y O1   O N N 3   
66Y C2   C N R 4   
66Y C3   C N N 5   
66Y C4   C N N 6   
66Y C5   C N S 7   
66Y C6   C N N 8   
66Y H3   H N N 9   
66Y H4   H N N 10  
66Y H7   H N N 11  
66Y H1   H N N 12  
66Y H5   H N N 13  
66Y H6   H N N 14  
66Y H2   H N N 15  
ALA N    N N N 16  
ALA CA   C N S 17  
ALA C    C N N 18  
ALA O    O N N 19  
ALA CB   C N N 20  
ALA OXT  O N N 21  
ALA H    H N N 22  
ALA H2   H N N 23  
ALA HA   H N N 24  
ALA HB1  H N N 25  
ALA HB2  H N N 26  
ALA HB3  H N N 27  
ALA HXT  H N N 28  
ARG N    N N N 29  
ARG CA   C N S 30  
ARG C    C N N 31  
ARG O    O N N 32  
ARG CB   C N N 33  
ARG CG   C N N 34  
ARG CD   C N N 35  
ARG NE   N N N 36  
ARG CZ   C N N 37  
ARG NH1  N N N 38  
ARG NH2  N N N 39  
ARG OXT  O N N 40  
ARG H    H N N 41  
ARG H2   H N N 42  
ARG HA   H N N 43  
ARG HB2  H N N 44  
ARG HB3  H N N 45  
ARG HG2  H N N 46  
ARG HG3  H N N 47  
ARG HD2  H N N 48  
ARG HD3  H N N 49  
ARG HE   H N N 50  
ARG HH11 H N N 51  
ARG HH12 H N N 52  
ARG HH21 H N N 53  
ARG HH22 H N N 54  
ARG HXT  H N N 55  
ASN N    N N N 56  
ASN CA   C N S 57  
ASN C    C N N 58  
ASN O    O N N 59  
ASN CB   C N N 60  
ASN CG   C N N 61  
ASN OD1  O N N 62  
ASN ND2  N N N 63  
ASN OXT  O N N 64  
ASN H    H N N 65  
ASN H2   H N N 66  
ASN HA   H N N 67  
ASN HB2  H N N 68  
ASN HB3  H N N 69  
ASN HD21 H N N 70  
ASN HD22 H N N 71  
ASN HXT  H N N 72  
ASP N    N N N 73  
ASP CA   C N S 74  
ASP C    C N N 75  
ASP O    O N N 76  
ASP CB   C N N 77  
ASP CG   C N N 78  
ASP OD1  O N N 79  
ASP OD2  O N N 80  
ASP OXT  O N N 81  
ASP H    H N N 82  
ASP H2   H N N 83  
ASP HA   H N N 84  
ASP HB2  H N N 85  
ASP HB3  H N N 86  
ASP HD2  H N N 87  
ASP HXT  H N N 88  
CYS N    N N N 89  
CYS CA   C N R 90  
CYS C    C N N 91  
CYS O    O N N 92  
CYS CB   C N N 93  
CYS SG   S N N 94  
CYS OXT  O N N 95  
CYS H    H N N 96  
CYS H2   H N N 97  
CYS HA   H N N 98  
CYS HB2  H N N 99  
CYS HB3  H N N 100 
CYS HG   H N N 101 
CYS HXT  H N N 102 
GLN N    N N N 103 
GLN CA   C N S 104 
GLN C    C N N 105 
GLN O    O N N 106 
GLN CB   C N N 107 
GLN CG   C N N 108 
GLN CD   C N N 109 
GLN OE1  O N N 110 
GLN NE2  N N N 111 
GLN OXT  O N N 112 
GLN H    H N N 113 
GLN H2   H N N 114 
GLN HA   H N N 115 
GLN HB2  H N N 116 
GLN HB3  H N N 117 
GLN HG2  H N N 118 
GLN HG3  H N N 119 
GLN HE21 H N N 120 
GLN HE22 H N N 121 
GLN HXT  H N N 122 
GLU N    N N N 123 
GLU CA   C N S 124 
GLU C    C N N 125 
GLU O    O N N 126 
GLU CB   C N N 127 
GLU CG   C N N 128 
GLU CD   C N N 129 
GLU OE1  O N N 130 
GLU OE2  O N N 131 
GLU OXT  O N N 132 
GLU H    H N N 133 
GLU H2   H N N 134 
GLU HA   H N N 135 
GLU HB2  H N N 136 
GLU HB3  H N N 137 
GLU HG2  H N N 138 
GLU HG3  H N N 139 
GLU HE2  H N N 140 
GLU HXT  H N N 141 
GLY N    N N N 142 
GLY CA   C N N 143 
GLY C    C N N 144 
GLY O    O N N 145 
GLY OXT  O N N 146 
GLY H    H N N 147 
GLY H2   H N N 148 
GLY HA2  H N N 149 
GLY HA3  H N N 150 
GLY HXT  H N N 151 
HIS N    N N N 152 
HIS CA   C N S 153 
HIS C    C N N 154 
HIS O    O N N 155 
HIS CB   C N N 156 
HIS CG   C Y N 157 
HIS ND1  N Y N 158 
HIS CD2  C Y N 159 
HIS CE1  C Y N 160 
HIS NE2  N Y N 161 
HIS OXT  O N N 162 
HIS H    H N N 163 
HIS H2   H N N 164 
HIS HA   H N N 165 
HIS HB2  H N N 166 
HIS HB3  H N N 167 
HIS HD1  H N N 168 
HIS HD2  H N N 169 
HIS HE1  H N N 170 
HIS HE2  H N N 171 
HIS HXT  H N N 172 
HOH O    O N N 173 
HOH H1   H N N 174 
HOH H2   H N N 175 
ILE N    N N N 176 
ILE CA   C N S 177 
ILE C    C N N 178 
ILE O    O N N 179 
ILE CB   C N S 180 
ILE CG1  C N N 181 
ILE CG2  C N N 182 
ILE CD1  C N N 183 
ILE OXT  O N N 184 
ILE H    H N N 185 
ILE H2   H N N 186 
ILE HA   H N N 187 
ILE HB   H N N 188 
ILE HG12 H N N 189 
ILE HG13 H N N 190 
ILE HG21 H N N 191 
ILE HG22 H N N 192 
ILE HG23 H N N 193 
ILE HD11 H N N 194 
ILE HD12 H N N 195 
ILE HD13 H N N 196 
ILE HXT  H N N 197 
LEU N    N N N 198 
LEU CA   C N S 199 
LEU C    C N N 200 
LEU O    O N N 201 
LEU CB   C N N 202 
LEU CG   C N N 203 
LEU CD1  C N N 204 
LEU CD2  C N N 205 
LEU OXT  O N N 206 
LEU H    H N N 207 
LEU H2   H N N 208 
LEU HA   H N N 209 
LEU HB2  H N N 210 
LEU HB3  H N N 211 
LEU HG   H N N 212 
LEU HD11 H N N 213 
LEU HD12 H N N 214 
LEU HD13 H N N 215 
LEU HD21 H N N 216 
LEU HD22 H N N 217 
LEU HD23 H N N 218 
LEU HXT  H N N 219 
LYS N    N N N 220 
LYS CA   C N S 221 
LYS C    C N N 222 
LYS O    O N N 223 
LYS CB   C N N 224 
LYS CG   C N N 225 
LYS CD   C N N 226 
LYS CE   C N N 227 
LYS NZ   N N N 228 
LYS OXT  O N N 229 
LYS H    H N N 230 
LYS H2   H N N 231 
LYS HA   H N N 232 
LYS HB2  H N N 233 
LYS HB3  H N N 234 
LYS HG2  H N N 235 
LYS HG3  H N N 236 
LYS HD2  H N N 237 
LYS HD3  H N N 238 
LYS HE2  H N N 239 
LYS HE3  H N N 240 
LYS HZ1  H N N 241 
LYS HZ2  H N N 242 
LYS HZ3  H N N 243 
LYS HXT  H N N 244 
MET N    N N N 245 
MET CA   C N S 246 
MET C    C N N 247 
MET O    O N N 248 
MET CB   C N N 249 
MET CG   C N N 250 
MET SD   S N N 251 
MET CE   C N N 252 
MET OXT  O N N 253 
MET H    H N N 254 
MET H2   H N N 255 
MET HA   H N N 256 
MET HB2  H N N 257 
MET HB3  H N N 258 
MET HG2  H N N 259 
MET HG3  H N N 260 
MET HE1  H N N 261 
MET HE2  H N N 262 
MET HE3  H N N 263 
MET HXT  H N N 264 
PHE N    N N N 265 
PHE CA   C N S 266 
PHE C    C N N 267 
PHE O    O N N 268 
PHE CB   C N N 269 
PHE CG   C Y N 270 
PHE CD1  C Y N 271 
PHE CD2  C Y N 272 
PHE CE1  C Y N 273 
PHE CE2  C Y N 274 
PHE CZ   C Y N 275 
PHE OXT  O N N 276 
PHE H    H N N 277 
PHE H2   H N N 278 
PHE HA   H N N 279 
PHE HB2  H N N 280 
PHE HB3  H N N 281 
PHE HD1  H N N 282 
PHE HD2  H N N 283 
PHE HE1  H N N 284 
PHE HE2  H N N 285 
PHE HZ   H N N 286 
PHE HXT  H N N 287 
PRO N    N N N 288 
PRO CA   C N S 289 
PRO C    C N N 290 
PRO O    O N N 291 
PRO CB   C N N 292 
PRO CG   C N N 293 
PRO CD   C N N 294 
PRO OXT  O N N 295 
PRO H    H N N 296 
PRO HA   H N N 297 
PRO HB2  H N N 298 
PRO HB3  H N N 299 
PRO HG2  H N N 300 
PRO HG3  H N N 301 
PRO HD2  H N N 302 
PRO HD3  H N N 303 
PRO HXT  H N N 304 
SER N    N N N 305 
SER CA   C N S 306 
SER C    C N N 307 
SER O    O N N 308 
SER CB   C N N 309 
SER OG   O N N 310 
SER OXT  O N N 311 
SER H    H N N 312 
SER H2   H N N 313 
SER HA   H N N 314 
SER HB2  H N N 315 
SER HB3  H N N 316 
SER HG   H N N 317 
SER HXT  H N N 318 
THR N    N N N 319 
THR CA   C N S 320 
THR C    C N N 321 
THR O    O N N 322 
THR CB   C N R 323 
THR OG1  O N N 324 
THR CG2  C N N 325 
THR OXT  O N N 326 
THR H    H N N 327 
THR H2   H N N 328 
THR HA   H N N 329 
THR HB   H N N 330 
THR HG1  H N N 331 
THR HG21 H N N 332 
THR HG22 H N N 333 
THR HG23 H N N 334 
THR HXT  H N N 335 
TRP N    N N N 336 
TRP CA   C N S 337 
TRP C    C N N 338 
TRP O    O N N 339 
TRP CB   C N N 340 
TRP CG   C Y N 341 
TRP CD1  C Y N 342 
TRP CD2  C Y N 343 
TRP NE1  N Y N 344 
TRP CE2  C Y N 345 
TRP CE3  C Y N 346 
TRP CZ2  C Y N 347 
TRP CZ3  C Y N 348 
TRP CH2  C Y N 349 
TRP OXT  O N N 350 
TRP H    H N N 351 
TRP H2   H N N 352 
TRP HA   H N N 353 
TRP HB2  H N N 354 
TRP HB3  H N N 355 
TRP HD1  H N N 356 
TRP HE1  H N N 357 
TRP HE3  H N N 358 
TRP HZ2  H N N 359 
TRP HZ3  H N N 360 
TRP HH2  H N N 361 
TRP HXT  H N N 362 
TYR N    N N N 363 
TYR CA   C N S 364 
TYR C    C N N 365 
TYR O    O N N 366 
TYR CB   C N N 367 
TYR CG   C Y N 368 
TYR CD1  C Y N 369 
TYR CD2  C Y N 370 
TYR CE1  C Y N 371 
TYR CE2  C Y N 372 
TYR CZ   C Y N 373 
TYR OH   O N N 374 
TYR OXT  O N N 375 
TYR H    H N N 376 
TYR H2   H N N 377 
TYR HA   H N N 378 
TYR HB2  H N N 379 
TYR HB3  H N N 380 
TYR HD1  H N N 381 
TYR HD2  H N N 382 
TYR HE1  H N N 383 
TYR HE2  H N N 384 
TYR HH   H N N 385 
TYR HXT  H N N 386 
VAL N    N N N 387 
VAL CA   C N S 388 
VAL C    C N N 389 
VAL O    O N N 390 
VAL CB   C N N 391 
VAL CG1  C N N 392 
VAL CG2  C N N 393 
VAL OXT  O N N 394 
VAL H    H N N 395 
VAL H2   H N N 396 
VAL HA   H N N 397 
VAL HB   H N N 398 
VAL HG11 H N N 399 
VAL HG12 H N N 400 
VAL HG13 H N N 401 
VAL HG21 H N N 402 
VAL HG22 H N N 403 
VAL HG23 H N N 404 
VAL HXT  H N N 405 
# 
loop_
_chem_comp_bond.comp_id 
_chem_comp_bond.atom_id_1 
_chem_comp_bond.atom_id_2 
_chem_comp_bond.value_order 
_chem_comp_bond.pdbx_aromatic_flag 
_chem_comp_bond.pdbx_stereo_config 
_chem_comp_bond.pdbx_ordinal 
66Y C2  C1   sing N N 1   
66Y C2  C3   sing N N 2   
66Y C2  C6   sing N N 3   
66Y C1  C5   sing N N 4   
66Y C3  C4   doub N N 5   
66Y O1  C6   doub N N 6   
66Y C6  N1   sing N N 7   
66Y C4  C5   sing N N 8   
66Y C5  N1   sing N N 9   
66Y C1  H3   sing N N 10  
66Y C1  H4   sing N N 11  
66Y N1  H7   sing N N 12  
66Y C2  H1   sing N N 13  
66Y C3  H5   sing N N 14  
66Y C4  H6   sing N N 15  
66Y C5  H2   sing N N 16  
ALA N   CA   sing N N 17  
ALA N   H    sing N N 18  
ALA N   H2   sing N N 19  
ALA CA  C    sing N N 20  
ALA CA  CB   sing N N 21  
ALA CA  HA   sing N N 22  
ALA C   O    doub N N 23  
ALA C   OXT  sing N N 24  
ALA CB  HB1  sing N N 25  
ALA CB  HB2  sing N N 26  
ALA CB  HB3  sing N N 27  
ALA OXT HXT  sing N N 28  
ARG N   CA   sing N N 29  
ARG N   H    sing N N 30  
ARG N   H2   sing N N 31  
ARG CA  C    sing N N 32  
ARG CA  CB   sing N N 33  
ARG CA  HA   sing N N 34  
ARG C   O    doub N N 35  
ARG C   OXT  sing N N 36  
ARG CB  CG   sing N N 37  
ARG CB  HB2  sing N N 38  
ARG CB  HB3  sing N N 39  
ARG CG  CD   sing N N 40  
ARG CG  HG2  sing N N 41  
ARG CG  HG3  sing N N 42  
ARG CD  NE   sing N N 43  
ARG CD  HD2  sing N N 44  
ARG CD  HD3  sing N N 45  
ARG NE  CZ   sing N N 46  
ARG NE  HE   sing N N 47  
ARG CZ  NH1  sing N N 48  
ARG CZ  NH2  doub N N 49  
ARG NH1 HH11 sing N N 50  
ARG NH1 HH12 sing N N 51  
ARG NH2 HH21 sing N N 52  
ARG NH2 HH22 sing N N 53  
ARG OXT HXT  sing N N 54  
ASN N   CA   sing N N 55  
ASN N   H    sing N N 56  
ASN N   H2   sing N N 57  
ASN CA  C    sing N N 58  
ASN CA  CB   sing N N 59  
ASN CA  HA   sing N N 60  
ASN C   O    doub N N 61  
ASN C   OXT  sing N N 62  
ASN CB  CG   sing N N 63  
ASN CB  HB2  sing N N 64  
ASN CB  HB3  sing N N 65  
ASN CG  OD1  doub N N 66  
ASN CG  ND2  sing N N 67  
ASN ND2 HD21 sing N N 68  
ASN ND2 HD22 sing N N 69  
ASN OXT HXT  sing N N 70  
ASP N   CA   sing N N 71  
ASP N   H    sing N N 72  
ASP N   H2   sing N N 73  
ASP CA  C    sing N N 74  
ASP CA  CB   sing N N 75  
ASP CA  HA   sing N N 76  
ASP C   O    doub N N 77  
ASP C   OXT  sing N N 78  
ASP CB  CG   sing N N 79  
ASP CB  HB2  sing N N 80  
ASP CB  HB3  sing N N 81  
ASP CG  OD1  doub N N 82  
ASP CG  OD2  sing N N 83  
ASP OD2 HD2  sing N N 84  
ASP OXT HXT  sing N N 85  
CYS N   CA   sing N N 86  
CYS N   H    sing N N 87  
CYS N   H2   sing N N 88  
CYS CA  C    sing N N 89  
CYS CA  CB   sing N N 90  
CYS CA  HA   sing N N 91  
CYS C   O    doub N N 92  
CYS C   OXT  sing N N 93  
CYS CB  SG   sing N N 94  
CYS CB  HB2  sing N N 95  
CYS CB  HB3  sing N N 96  
CYS SG  HG   sing N N 97  
CYS OXT HXT  sing N N 98  
GLN N   CA   sing N N 99  
GLN N   H    sing N N 100 
GLN N   H2   sing N N 101 
GLN CA  C    sing N N 102 
GLN CA  CB   sing N N 103 
GLN CA  HA   sing N N 104 
GLN C   O    doub N N 105 
GLN C   OXT  sing N N 106 
GLN CB  CG   sing N N 107 
GLN CB  HB2  sing N N 108 
GLN CB  HB3  sing N N 109 
GLN CG  CD   sing N N 110 
GLN CG  HG2  sing N N 111 
GLN CG  HG3  sing N N 112 
GLN CD  OE1  doub N N 113 
GLN CD  NE2  sing N N 114 
GLN NE2 HE21 sing N N 115 
GLN NE2 HE22 sing N N 116 
GLN OXT HXT  sing N N 117 
GLU N   CA   sing N N 118 
GLU N   H    sing N N 119 
GLU N   H2   sing N N 120 
GLU CA  C    sing N N 121 
GLU CA  CB   sing N N 122 
GLU CA  HA   sing N N 123 
GLU C   O    doub N N 124 
GLU C   OXT  sing N N 125 
GLU CB  CG   sing N N 126 
GLU CB  HB2  sing N N 127 
GLU CB  HB3  sing N N 128 
GLU CG  CD   sing N N 129 
GLU CG  HG2  sing N N 130 
GLU CG  HG3  sing N N 131 
GLU CD  OE1  doub N N 132 
GLU CD  OE2  sing N N 133 
GLU OE2 HE2  sing N N 134 
GLU OXT HXT  sing N N 135 
GLY N   CA   sing N N 136 
GLY N   H    sing N N 137 
GLY N   H2   sing N N 138 
GLY CA  C    sing N N 139 
GLY CA  HA2  sing N N 140 
GLY CA  HA3  sing N N 141 
GLY C   O    doub N N 142 
GLY C   OXT  sing N N 143 
GLY OXT HXT  sing N N 144 
HIS N   CA   sing N N 145 
HIS N   H    sing N N 146 
HIS N   H2   sing N N 147 
HIS CA  C    sing N N 148 
HIS CA  CB   sing N N 149 
HIS CA  HA   sing N N 150 
HIS C   O    doub N N 151 
HIS C   OXT  sing N N 152 
HIS CB  CG   sing N N 153 
HIS CB  HB2  sing N N 154 
HIS CB  HB3  sing N N 155 
HIS CG  ND1  sing Y N 156 
HIS CG  CD2  doub Y N 157 
HIS ND1 CE1  doub Y N 158 
HIS ND1 HD1  sing N N 159 
HIS CD2 NE2  sing Y N 160 
HIS CD2 HD2  sing N N 161 
HIS CE1 NE2  sing Y N 162 
HIS CE1 HE1  sing N N 163 
HIS NE2 HE2  sing N N 164 
HIS OXT HXT  sing N N 165 
HOH O   H1   sing N N 166 
HOH O   H2   sing N N 167 
ILE N   CA   sing N N 168 
ILE N   H    sing N N 169 
ILE N   H2   sing N N 170 
ILE CA  C    sing N N 171 
ILE CA  CB   sing N N 172 
ILE CA  HA   sing N N 173 
ILE C   O    doub N N 174 
ILE C   OXT  sing N N 175 
ILE CB  CG1  sing N N 176 
ILE CB  CG2  sing N N 177 
ILE CB  HB   sing N N 178 
ILE CG1 CD1  sing N N 179 
ILE CG1 HG12 sing N N 180 
ILE CG1 HG13 sing N N 181 
ILE CG2 HG21 sing N N 182 
ILE CG2 HG22 sing N N 183 
ILE CG2 HG23 sing N N 184 
ILE CD1 HD11 sing N N 185 
ILE CD1 HD12 sing N N 186 
ILE CD1 HD13 sing N N 187 
ILE OXT HXT  sing N N 188 
LEU N   CA   sing N N 189 
LEU N   H    sing N N 190 
LEU N   H2   sing N N 191 
LEU CA  C    sing N N 192 
LEU CA  CB   sing N N 193 
LEU CA  HA   sing N N 194 
LEU C   O    doub N N 195 
LEU C   OXT  sing N N 196 
LEU CB  CG   sing N N 197 
LEU CB  HB2  sing N N 198 
LEU CB  HB3  sing N N 199 
LEU CG  CD1  sing N N 200 
LEU CG  CD2  sing N N 201 
LEU CG  HG   sing N N 202 
LEU CD1 HD11 sing N N 203 
LEU CD1 HD12 sing N N 204 
LEU CD1 HD13 sing N N 205 
LEU CD2 HD21 sing N N 206 
LEU CD2 HD22 sing N N 207 
LEU CD2 HD23 sing N N 208 
LEU OXT HXT  sing N N 209 
LYS N   CA   sing N N 210 
LYS N   H    sing N N 211 
LYS N   H2   sing N N 212 
LYS CA  C    sing N N 213 
LYS CA  CB   sing N N 214 
LYS CA  HA   sing N N 215 
LYS C   O    doub N N 216 
LYS C   OXT  sing N N 217 
LYS CB  CG   sing N N 218 
LYS CB  HB2  sing N N 219 
LYS CB  HB3  sing N N 220 
LYS CG  CD   sing N N 221 
LYS CG  HG2  sing N N 222 
LYS CG  HG3  sing N N 223 
LYS CD  CE   sing N N 224 
LYS CD  HD2  sing N N 225 
LYS CD  HD3  sing N N 226 
LYS CE  NZ   sing N N 227 
LYS CE  HE2  sing N N 228 
LYS CE  HE3  sing N N 229 
LYS NZ  HZ1  sing N N 230 
LYS NZ  HZ2  sing N N 231 
LYS NZ  HZ3  sing N N 232 
LYS OXT HXT  sing N N 233 
MET N   CA   sing N N 234 
MET N   H    sing N N 235 
MET N   H2   sing N N 236 
MET CA  C    sing N N 237 
MET CA  CB   sing N N 238 
MET CA  HA   sing N N 239 
MET C   O    doub N N 240 
MET C   OXT  sing N N 241 
MET CB  CG   sing N N 242 
MET CB  HB2  sing N N 243 
MET CB  HB3  sing N N 244 
MET CG  SD   sing N N 245 
MET CG  HG2  sing N N 246 
MET CG  HG3  sing N N 247 
MET SD  CE   sing N N 248 
MET CE  HE1  sing N N 249 
MET CE  HE2  sing N N 250 
MET CE  HE3  sing N N 251 
MET OXT HXT  sing N N 252 
PHE N   CA   sing N N 253 
PHE N   H    sing N N 254 
PHE N   H2   sing N N 255 
PHE CA  C    sing N N 256 
PHE CA  CB   sing N N 257 
PHE CA  HA   sing N N 258 
PHE C   O    doub N N 259 
PHE C   OXT  sing N N 260 
PHE CB  CG   sing N N 261 
PHE CB  HB2  sing N N 262 
PHE CB  HB3  sing N N 263 
PHE CG  CD1  doub Y N 264 
PHE CG  CD2  sing Y N 265 
PHE CD1 CE1  sing Y N 266 
PHE CD1 HD1  sing N N 267 
PHE CD2 CE2  doub Y N 268 
PHE CD2 HD2  sing N N 269 
PHE CE1 CZ   doub Y N 270 
PHE CE1 HE1  sing N N 271 
PHE CE2 CZ   sing Y N 272 
PHE CE2 HE2  sing N N 273 
PHE CZ  HZ   sing N N 274 
PHE OXT HXT  sing N N 275 
PRO N   CA   sing N N 276 
PRO N   CD   sing N N 277 
PRO N   H    sing N N 278 
PRO CA  C    sing N N 279 
PRO CA  CB   sing N N 280 
PRO CA  HA   sing N N 281 
PRO C   O    doub N N 282 
PRO C   OXT  sing N N 283 
PRO CB  CG   sing N N 284 
PRO CB  HB2  sing N N 285 
PRO CB  HB3  sing N N 286 
PRO CG  CD   sing N N 287 
PRO CG  HG2  sing N N 288 
PRO CG  HG3  sing N N 289 
PRO CD  HD2  sing N N 290 
PRO CD  HD3  sing N N 291 
PRO OXT HXT  sing N N 292 
SER N   CA   sing N N 293 
SER N   H    sing N N 294 
SER N   H2   sing N N 295 
SER CA  C    sing N N 296 
SER CA  CB   sing N N 297 
SER CA  HA   sing N N 298 
SER C   O    doub N N 299 
SER C   OXT  sing N N 300 
SER CB  OG   sing N N 301 
SER CB  HB2  sing N N 302 
SER CB  HB3  sing N N 303 
SER OG  HG   sing N N 304 
SER OXT HXT  sing N N 305 
THR N   CA   sing N N 306 
THR N   H    sing N N 307 
THR N   H2   sing N N 308 
THR CA  C    sing N N 309 
THR CA  CB   sing N N 310 
THR CA  HA   sing N N 311 
THR C   O    doub N N 312 
THR C   OXT  sing N N 313 
THR CB  OG1  sing N N 314 
THR CB  CG2  sing N N 315 
THR CB  HB   sing N N 316 
THR OG1 HG1  sing N N 317 
THR CG2 HG21 sing N N 318 
THR CG2 HG22 sing N N 319 
THR CG2 HG23 sing N N 320 
THR OXT HXT  sing N N 321 
TRP N   CA   sing N N 322 
TRP N   H    sing N N 323 
TRP N   H2   sing N N 324 
TRP CA  C    sing N N 325 
TRP CA  CB   sing N N 326 
TRP CA  HA   sing N N 327 
TRP C   O    doub N N 328 
TRP C   OXT  sing N N 329 
TRP CB  CG   sing N N 330 
TRP CB  HB2  sing N N 331 
TRP CB  HB3  sing N N 332 
TRP CG  CD1  doub Y N 333 
TRP CG  CD2  sing Y N 334 
TRP CD1 NE1  sing Y N 335 
TRP CD1 HD1  sing N N 336 
TRP CD2 CE2  doub Y N 337 
TRP CD2 CE3  sing Y N 338 
TRP NE1 CE2  sing Y N 339 
TRP NE1 HE1  sing N N 340 
TRP CE2 CZ2  sing Y N 341 
TRP CE3 CZ3  doub Y N 342 
TRP CE3 HE3  sing N N 343 
TRP CZ2 CH2  doub Y N 344 
TRP CZ2 HZ2  sing N N 345 
TRP CZ3 CH2  sing Y N 346 
TRP CZ3 HZ3  sing N N 347 
TRP CH2 HH2  sing N N 348 
TRP OXT HXT  sing N N 349 
TYR N   CA   sing N N 350 
TYR N   H    sing N N 351 
TYR N   H2   sing N N 352 
TYR CA  C    sing N N 353 
TYR CA  CB   sing N N 354 
TYR CA  HA   sing N N 355 
TYR C   O    doub N N 356 
TYR C   OXT  sing N N 357 
TYR CB  CG   sing N N 358 
TYR CB  HB2  sing N N 359 
TYR CB  HB3  sing N N 360 
TYR CG  CD1  doub Y N 361 
TYR CG  CD2  sing Y N 362 
TYR CD1 CE1  sing Y N 363 
TYR CD1 HD1  sing N N 364 
TYR CD2 CE2  doub Y N 365 
TYR CD2 HD2  sing N N 366 
TYR CE1 CZ   doub Y N 367 
TYR CE1 HE1  sing N N 368 
TYR CE2 CZ   sing Y N 369 
TYR CE2 HE2  sing N N 370 
TYR CZ  OH   sing N N 371 
TYR OH  HH   sing N N 372 
TYR OXT HXT  sing N N 373 
VAL N   CA   sing N N 374 
VAL N   H    sing N N 375 
VAL N   H2   sing N N 376 
VAL CA  C    sing N N 377 
VAL CA  CB   sing N N 378 
VAL CA  HA   sing N N 379 
VAL C   O    doub N N 380 
VAL C   OXT  sing N N 381 
VAL CB  CG1  sing N N 382 
VAL CB  CG2  sing N N 383 
VAL CB  HB   sing N N 384 
VAL CG1 HG11 sing N N 385 
VAL CG1 HG12 sing N N 386 
VAL CG1 HG13 sing N N 387 
VAL CG2 HG21 sing N N 388 
VAL CG2 HG22 sing N N 389 
VAL CG2 HG23 sing N N 390 
VAL OXT HXT  sing N N 391 
# 
_atom_sites.entry_id                    5HWG 
_atom_sites.fract_transf_matrix[1][1]   -0.00821627 
_atom_sites.fract_transf_matrix[1][2]   0.00189004 
_atom_sites.fract_transf_matrix[1][3]   -0.01437448 
_atom_sites.fract_transf_matrix[2][1]   -0.01661586 
_atom_sites.fract_transf_matrix[2][2]   -0.00123683 
_atom_sites.fract_transf_matrix[2][3]   -0.00032489 
_atom_sites.fract_transf_matrix[3][1]   -0.00088290 
_atom_sites.fract_transf_matrix[3][2]   0.01133694 
_atom_sites.fract_transf_matrix[3][3]   0.00199531 
_atom_sites.fract_transf_vector[1]      0.596720 
_atom_sites.fract_transf_vector[2]      0.640804 
_atom_sites.fract_transf_vector[3]      1.153331 
# 
loop_
_atom_type.symbol 
C 
H 
N 
O 
S 
# 
loop_
_atom_site.group_PDB 
_atom_site.id 
_atom_site.type_symbol 
_atom_site.label_atom_id 
_atom_site.label_alt_id 
_atom_site.label_comp_id 
_atom_site.label_asym_id 
_atom_site.label_entity_id 
_atom_site.label_seq_id 
_atom_site.pdbx_PDB_ins_code 
_atom_site.Cartn_x 
_atom_site.Cartn_y 
_atom_site.Cartn_z 
_atom_site.occupancy 
_atom_site.B_iso_or_equiv 
_atom_site.pdbx_formal_charge 
_atom_site.auth_seq_id 
_atom_site.auth_comp_id 
_atom_site.auth_asym_id 
_atom_site.auth_atom_id 
_atom_site.pdbx_PDB_model_num 
ATOM   1    N N   . PRO A 1 13  ? -7.355  7.007   -21.090 1.00 64.85 ? 4   PRO A N   1 
ATOM   2    C CA  . PRO A 1 13  ? -7.306  8.055   -20.064 1.00 63.72 ? 4   PRO A CA  1 
ATOM   3    C C   . PRO A 1 13  ? -6.765  7.539   -18.732 1.00 57.94 ? 4   PRO A C   1 
ATOM   4    O O   . PRO A 1 13  ? -7.543  7.081   -17.895 1.00 57.80 ? 4   PRO A O   1 
ATOM   5    C CB  . PRO A 1 13  ? -8.773  8.481   -19.927 1.00 62.43 ? 4   PRO A CB  1 
ATOM   6    C CG  . PRO A 1 13  ? -9.394  8.124   -21.234 1.00 65.24 ? 4   PRO A CG  1 
ATOM   7    C CD  . PRO A 1 13  ? -8.698  6.873   -21.682 1.00 66.62 ? 4   PRO A CD  1 
ATOM   8    N N   . ARG A 1 14  ? -5.450  7.610   -18.544 1.00 50.93 ? 5   ARG A N   1 
ATOM   9    C CA  . ARG A 1 14  ? -4.837  7.160   -17.298 1.00 48.47 ? 5   ARG A CA  1 
ATOM   10   C C   . ARG A 1 14  ? -5.282  7.997   -16.105 1.00 45.24 ? 5   ARG A C   1 
ATOM   11   O O   . ARG A 1 14  ? -5.048  9.205   -16.065 1.00 44.48 ? 5   ARG A O   1 
ATOM   12   C CB  . ARG A 1 14  ? -3.309  7.198   -17.393 1.00 44.74 ? 5   ARG A CB  1 
ATOM   13   C CG  . ARG A 1 14  ? -2.635  7.403   -16.039 1.00 43.78 ? 5   ARG A CG  1 
ATOM   14   C CD  . ARG A 1 14  ? -1.121  7.259   -16.095 1.00 46.68 ? 5   ARG A CD  1 
ATOM   15   N NE  . ARG A 1 14  ? -0.707  5.868   -16.259 1.00 51.46 ? 5   ARG A NE  1 
ATOM   16   C CZ  . ARG A 1 14  ? 0.473   5.387   -15.874 1.00 45.36 ? 5   ARG A CZ  1 
ATOM   17   N NH1 . ARG A 1 14  ? 0.764   4.107   -16.067 1.00 41.16 ? 5   ARG A NH1 1 
ATOM   18   N NH2 . ARG A 1 14  ? 1.361   6.184   -15.291 1.00 43.64 ? 5   ARG A NH2 1 
ATOM   19   N N   . ARG A 1 15  ? -5.921  7.354   -15.133 1.00 35.71 ? 6   ARG A N   1 
ATOM   20   C CA  . ARG A 1 15  ? -6.199  8.018   -13.868 1.00 33.86 ? 6   ARG A CA  1 
ATOM   21   C C   . ARG A 1 15  ? -5.473  7.329   -12.722 1.00 31.31 ? 6   ARG A C   1 
ATOM   22   O O   . ARG A 1 15  ? -5.709  6.155   -12.428 1.00 30.29 ? 6   ARG A O   1 
ATOM   23   C CB  . ARG A 1 15  ? -7.695  8.066   -13.575 1.00 33.15 ? 6   ARG A CB  1 
ATOM   24   C CG  . ARG A 1 15  ? -7.989  8.735   -12.238 1.00 38.34 ? 6   ARG A CG  1 
ATOM   25   C CD  . ARG A 1 15  ? -9.358  9.388   -12.203 1.00 45.20 ? 6   ARG A CD  1 
ATOM   26   N NE  . ARG A 1 15  ? -9.554  10.159  -10.976 1.00 45.21 ? 6   ARG A NE  1 
ATOM   27   C CZ  . ARG A 1 15  ? -10.646 10.866  -10.703 1.00 51.21 ? 6   ARG A CZ  1 
ATOM   28   N NH1 . ARG A 1 15  ? -11.650 10.903  -11.570 1.00 57.82 ? 6   ARG A NH1 1 
ATOM   29   N NH2 . ARG A 1 15  ? -10.735 11.539  -9.563  1.00 53.53 ? 6   ARG A NH2 1 
ATOM   30   N N   . THR A 1 16  ? -4.590  8.075   -12.073 1.00 28.96 ? 7   THR A N   1 
ATOM   31   C CA  . THR A 1 16  ? -3.813  7.547   -10.969 1.00 27.30 ? 7   THR A CA  1 
ATOM   32   C C   . THR A 1 16  ? -4.562  7.653   -9.649  1.00 31.36 ? 7   THR A C   1 
ATOM   33   O O   . THR A 1 16  ? -5.160  8.684   -9.340  1.00 28.07 ? 7   THR A O   1 
ATOM   34   C CB  . THR A 1 16  ? -2.473  8.275   -10.838 1.00 27.73 ? 7   THR A CB  1 
ATOM   35   O OG1 . THR A 1 16  ? -1.702  8.060   -12.026 1.00 30.47 ? 7   THR A OG1 1 
ATOM   36   C CG2 . THR A 1 16  ? -1.703  7.761   -9.625  1.00 27.39 ? 7   THR A CG2 1 
ATOM   37   N N   . VAL A 1 17  ? -4.531  6.569   -8.881  1.00 26.53 ? 8   VAL A N   1 
ATOM   38   C CA  . VAL A 1 17  ? -5.047  6.574   -7.519  1.00 25.45 ? 8   VAL A CA  1 
ATOM   39   C C   . VAL A 1 17  ? -3.971  6.081   -6.561  1.00 24.51 ? 8   VAL A C   1 
ATOM   40   O O   . VAL A 1 17  ? -3.340  5.051   -6.803  1.00 24.02 ? 8   VAL A O   1 
ATOM   41   C CB  . VAL A 1 17  ? -6.304  5.698   -7.378  1.00 23.70 ? 8   VAL A CB  1 
ATOM   42   C CG1 . VAL A 1 17  ? -6.621  5.453   -5.907  1.00 25.47 ? 8   VAL A CG1 1 
ATOM   43   C CG2 . VAL A 1 17  ? -7.484  6.342   -8.094  1.00 27.28 ? 8   VAL A CG2 1 
ATOM   44   N N   . VAL A 1 18  ? -3.750  6.827   -5.483  1.00 24.99 ? 9   VAL A N   1 
ATOM   45   C CA  . VAL A 1 18  ? -2.842  6.386   -4.436  1.00 21.55 ? 9   VAL A CA  1 
ATOM   46   C C   . VAL A 1 18  ? -3.586  5.476   -3.462  1.00 25.09 ? 9   VAL A C   1 
ATOM   47   O O   . VAL A 1 18  ? -4.615  5.848   -2.889  1.00 23.54 ? 9   VAL A O   1 
ATOM   48   C CB  . VAL A 1 18  ? -2.215  7.569   -3.683  1.00 23.11 ? 9   VAL A CB  1 
ATOM   49   C CG1 . VAL A 1 18  ? -1.402  7.078   -2.498  1.00 19.45 ? 9   VAL A CG1 1 
ATOM   50   C CG2 . VAL A 1 18  ? -1.340  8.388   -4.620  1.00 24.62 ? 9   VAL A CG2 1 
ATOM   51   N N   . LEU A 1 19  ? -3.065  4.268   -3.299  1.00 19.15 ? 10  LEU A N   1 
ATOM   52   C CA  . LEU A 1 19  ? -3.704  3.261   -2.472  1.00 17.43 ? 10  LEU A CA  1 
ATOM   53   C C   . LEU A 1 19  ? -2.841  3.001   -1.249  1.00 17.04 ? 10  LEU A C   1 
ATOM   54   O O   . LEU A 1 19  ? -1.752  2.442   -1.367  1.00 17.45 ? 10  LEU A O   1 
ATOM   55   C CB  . LEU A 1 19  ? -3.921  1.980   -3.277  1.00 19.20 ? 10  LEU A CB  1 
ATOM   56   C CG  . LEU A 1 19  ? -4.682  0.826   -2.627  1.00 19.44 ? 10  LEU A CG  1 
ATOM   57   C CD1 . LEU A 1 19  ? -6.141  1.206   -2.386  1.00 19.48 ? 10  LEU A CD1 1 
ATOM   58   C CD2 . LEU A 1 19  ? -4.580  -0.414  -3.503  1.00 18.55 ? 10  LEU A CD2 1 
ATOM   59   N N   . ALA A 1 20  ? -3.319  3.431   -0.083  1.00 18.71 ? 11  ALA A N   1 
ATOM   60   C CA  . ALA A 1 20  ? -2.548  3.338   1.159   1.00 19.47 ? 11  ALA A CA  1 
ATOM   61   C C   . ALA A 1 20  ? -3.078  2.210   2.035   1.00 18.84 ? 11  ALA A C   1 
ATOM   62   O O   . ALA A 1 20  ? -4.173  2.301   2.586   1.00 18.80 ? 11  ALA A O   1 
ATOM   63   C CB  . ALA A 1 20  ? -2.586  4.661   1.911   1.00 17.14 ? 11  ALA A CB  1 
ATOM   64   N N   . ILE A 1 21  ? -2.281  1.156   2.176   1.00 17.47 ? 12  ILE A N   1 
ATOM   65   C CA  . ILE A 1 21  ? -2.764  -0.095  2.756   1.00 16.68 ? 12  ILE A CA  1 
ATOM   66   C C   . ILE A 1 21  ? -2.300  -0.345  4.182   1.00 17.30 ? 12  ILE A C   1 
ATOM   67   O O   . ILE A 1 21  ? -1.101  -0.322  4.470   1.00 15.78 ? 12  ILE A O   1 
ATOM   68   C CB  . ILE A 1 21  ? -2.328  -1.298  1.902   1.00 17.07 ? 12  ILE A CB  1 
ATOM   69   C CG1 . ILE A 1 21  ? -2.787  -1.120  0.454   1.00 13.48 ? 12  ILE A CG1 1 
ATOM   70   C CG2 . ILE A 1 21  ? -2.862  -2.599  2.496   1.00 14.44 ? 12  ILE A CG2 1 
ATOM   71   C CD1 . ILE A 1 21  ? -2.148  -2.120  -0.513  1.00 14.56 ? 12  ILE A CD1 1 
ATOM   72   N N   . ASP A 1 22  ? -3.272  -0.593  5.056   1.00 17.62 ? 13  ASP A N   1 
ATOM   73   C CA  . ASP A 1 22  ? -3.046  -1.027  6.437   1.00 15.92 ? 13  ASP A CA  1 
ATOM   74   C C   . ASP A 1 22  ? -1.954  -0.249  7.175   1.00 15.39 ? 13  ASP A C   1 
ATOM   75   O O   . ASP A 1 22  ? -1.173  -0.825  7.930   1.00 17.60 ? 13  ASP A O   1 
ATOM   76   C CB  . ASP A 1 22  ? -2.719  -2.523  6.469   1.00 16.37 ? 13  ASP A CB  1 
ATOM   77   C CG  . ASP A 1 22  ? -3.866  -3.391  5.961   1.00 20.58 ? 13  ASP A CG  1 
ATOM   78   O OD1 . ASP A 1 22  ? -4.961  -2.847  5.682   1.00 18.55 ? 13  ASP A OD1 1 
ATOM   79   O OD2 . ASP A 1 22  ? -3.676  -4.621  5.849   1.00 19.64 ? 13  ASP A OD2 1 
ATOM   80   N N   . LEU A 1 23  ? -1.914  1.063   6.982   1.00 17.66 ? 14  LEU A N   1 
ATOM   81   C CA  . LEU A 1 23  ? -0.965  1.893   7.723   1.00 19.35 ? 14  LEU A CA  1 
ATOM   82   C C   . LEU A 1 23  ? -1.542  2.262   9.086   1.00 21.37 ? 14  LEU A C   1 
ATOM   83   O O   . LEU A 1 23  ? -1.731  3.439   9.402   1.00 16.73 ? 14  LEU A O   1 
ATOM   84   C CB  . LEU A 1 23  ? -0.609  3.145   6.919   1.00 19.06 ? 14  LEU A CB  1 
ATOM   85   C CG  . LEU A 1 23  ? 0.271   2.798   5.717   1.00 17.38 ? 14  LEU A CG  1 
ATOM   86   C CD1 . LEU A 1 23  ? 0.440   3.989   4.780   1.00 15.76 ? 14  LEU A CD1 1 
ATOM   87   C CD2 . LEU A 1 23  ? 1.618   2.303   6.213   1.00 16.94 ? 14  LEU A CD2 1 
ATOM   88   N N   . GLN A 1 24  ? -1.806  1.236   9.892   1.00 18.34 ? 15  GLN A N   1 
ATOM   89   C CA  . GLN A 1 24  ? -2.549  1.388   11.138  1.00 19.26 ? 15  GLN A CA  1 
ATOM   90   C C   . GLN A 1 24  ? -1.651  1.340   12.371  1.00 22.79 ? 15  GLN A C   1 
ATOM   91   O O   . GLN A 1 24  ? -0.591  0.700   12.367  1.00 20.89 ? 15  GLN A O   1 
ATOM   92   C CB  . GLN A 1 24  ? -3.629  0.305   11.227  1.00 17.85 ? 15  GLN A CB  1 
ATOM   93   C CG  . GLN A 1 24  ? -4.628  0.362   10.079  1.00 19.89 ? 15  GLN A CG  1 
ATOM   94   C CD  . GLN A 1 24  ? -5.375  -0.944  9.868   1.00 21.13 ? 15  GLN A CD  1 
ATOM   95   O OE1 . GLN A 1 24  ? -4.995  -1.765  9.030   1.00 18.36 ? 15  GLN A OE1 1 
ATOM   96   N NE2 . GLN A 1 24  ? -6.452  -1.135  10.614  1.00 18.16 ? 15  GLN A NE2 1 
ATOM   97   N N   . ALA A 1 25  ? -2.098  2.013   13.430  1.00 21.69 ? 16  ALA A N   1 
ATOM   98   C CA  . ALA A 1 25  ? -1.324  2.148   14.662  1.00 20.12 ? 16  ALA A CA  1 
ATOM   99   C C   . ALA A 1 25  ? -0.974  0.798   15.281  1.00 21.98 ? 16  ALA A C   1 
ATOM   100  O O   . ALA A 1 25  ? 0.031   0.672   15.973  1.00 23.96 ? 16  ALA A O   1 
ATOM   101  C CB  . ALA A 1 25  ? -2.090  3.012   15.677  1.00 20.69 ? 16  ALA A CB  1 
ATOM   102  N N   . GLY A 1 26  ? -1.805  -0.209  15.037  1.00 18.88 ? 17  GLY A N   1 
ATOM   103  C CA  . GLY A 1 26  ? -1.541  -1.536  15.564  1.00 22.49 ? 17  GLY A CA  1 
ATOM   104  C C   . GLY A 1 26  ? -0.734  -2.423  14.627  1.00 24.11 ? 17  GLY A C   1 
ATOM   105  O O   . GLY A 1 26  ? -0.385  -3.547  14.983  1.00 23.91 ? 17  GLY A O   1 
ATOM   106  N N   . VAL A 1 27  ? -0.438  -1.923  13.429  1.00 21.88 ? 18  VAL A N   1 
ATOM   107  C CA  . VAL A 1 27  ? 0.314   -2.699  12.442  1.00 22.24 ? 18  VAL A CA  1 
ATOM   108  C C   . VAL A 1 27  ? 1.784   -2.279  12.333  1.00 21.54 ? 18  VAL A C   1 
ATOM   109  O O   . VAL A 1 27  ? 2.678   -3.120  12.352  1.00 25.10 ? 18  VAL A O   1 
ATOM   110  C CB  . VAL A 1 27  ? -0.323  -2.589  11.041  1.00 19.36 ? 18  VAL A CB  1 
ATOM   111  C CG1 . VAL A 1 27  ? 0.601   -3.194  9.977   1.00 22.93 ? 18  VAL A CG1 1 
ATOM   112  C CG2 . VAL A 1 27  ? -1.693  -3.256  11.018  1.00 18.53 ? 18  VAL A CG2 1 
ATOM   113  N N   . THR A 1 28  ? 2.030   -0.979  12.220  1.00 20.18 ? 19  THR A N   1 
ATOM   114  C CA  . THR A 1 28  ? 3.371   -0.485  11.904  1.00 20.01 ? 19  THR A CA  1 
ATOM   115  C C   . THR A 1 28  ? 4.426   -0.549  13.034  1.00 24.39 ? 19  THR A C   1 
ATOM   116  O O   . THR A 1 28  ? 5.623   -0.606  12.740  1.00 21.70 ? 19  THR A O   1 
ATOM   117  C CB  . THR A 1 28  ? 3.293   0.972   11.377  1.00 21.94 ? 19  THR A CB  1 
ATOM   118  O OG1 . THR A 1 28  ? 2.651   1.816   12.339  1.00 23.80 ? 19  THR A OG1 1 
ATOM   119  C CG2 . THR A 1 28  ? 2.500   1.013   10.081  1.00 20.51 ? 19  THR A CG2 1 
ATOM   120  N N   . PRO A 1 29  ? 4.005   -0.550  14.316  1.00 26.81 ? 20  PRO A N   1 
ATOM   121  C CA  . PRO A 1 29  ? 5.027   -0.558  15.376  1.00 26.41 ? 20  PRO A CA  1 
ATOM   122  C C   . PRO A 1 29  ? 5.972   -1.759  15.319  1.00 23.15 ? 20  PRO A C   1 
ATOM   123  O O   . PRO A 1 29  ? 5.514   -2.898  15.278  1.00 27.83 ? 20  PRO A O   1 
ATOM   124  C CB  . PRO A 1 29  ? 4.195   -0.598  16.663  1.00 28.15 ? 20  PRO A CB  1 
ATOM   125  C CG  . PRO A 1 29  ? 2.889   0.010   16.285  1.00 27.94 ? 20  PRO A CG  1 
ATOM   126  C CD  . PRO A 1 29  ? 2.644   -0.454  14.876  1.00 26.30 ? 20  PRO A CD  1 
ATOM   127  N N   . GLY A 1 30  ? 7.276   -1.499  15.319  1.00 21.92 ? 21  GLY A N   1 
ATOM   128  C CA  . GLY A 1 30  ? 8.263   -2.565  15.275  1.00 23.04 ? 21  GLY A CA  1 
ATOM   129  C C   . GLY A 1 30  ? 8.747   -2.890  13.871  1.00 24.68 ? 21  GLY A C   1 
ATOM   130  O O   . GLY A 1 30  ? 9.714   -3.633  13.696  1.00 24.53 ? 21  GLY A O   1 
ATOM   131  N N   . CYS A 1 31  ? 8.074   -2.338  12.866  1.00 19.84 ? 22  CYS A N   1 
ATOM   132  C CA  . CYS A 1 31  ? 8.458   -2.550  11.477  1.00 21.32 ? 22  CYS A CA  1 
ATOM   133  C C   . CYS A 1 31  ? 9.802   -1.897  11.161  1.00 24.54 ? 22  CYS A C   1 
ATOM   134  O O   . CYS A 1 31  ? 10.193  -0.919  11.797  1.00 23.25 ? 22  CYS A O   1 
ATOM   135  C CB  . CYS A 1 31  ? 7.383   -2.007  10.530  1.00 19.08 ? 22  CYS A CB  1 
ATOM   136  S SG  . CYS A 1 31  ? 5.886   -3.033  10.401  1.00 21.68 ? 22  CYS A SG  1 
ATOM   137  N N   . PHE A 1 32  ? 10.499  -2.449  10.172  1.00 21.96 ? 23  PHE A N   1 
ATOM   138  C CA  . PHE A 1 32  ? 11.756  -1.885  9.690   1.00 20.66 ? 23  PHE A CA  1 
ATOM   139  C C   . PHE A 1 32  ? 11.574  -0.454  9.184   1.00 23.16 ? 23  PHE A C   1 
ATOM   140  O O   . PHE A 1 32  ? 10.643  -0.169  8.428   1.00 20.29 ? 23  PHE A O   1 
ATOM   141  C CB  . PHE A 1 32  ? 12.330  -2.773  8.580   1.00 22.60 ? 23  PHE A CB  1 
ATOM   142  C CG  . PHE A 1 32  ? 13.391  -2.105  7.746   1.00 20.67 ? 23  PHE A CG  1 
ATOM   143  C CD1 . PHE A 1 32  ? 14.665  -1.899  8.253   1.00 25.90 ? 23  PHE A CD1 1 
ATOM   144  C CD2 . PHE A 1 32  ? 13.118  -1.704  6.452   1.00 23.32 ? 23  PHE A CD2 1 
ATOM   145  C CE1 . PHE A 1 32  ? 15.641  -1.294  7.486   1.00 23.89 ? 23  PHE A CE1 1 
ATOM   146  C CE2 . PHE A 1 32  ? 14.095  -1.099  5.677   1.00 26.91 ? 23  PHE A CE2 1 
ATOM   147  C CZ  . PHE A 1 32  ? 15.357  -0.894  6.198   1.00 23.60 ? 23  PHE A CZ  1 
ATOM   148  N N   . ASP A 1 33  ? 12.454  0.445   9.615   1.00 22.40 ? 24  ASP A N   1 
ATOM   149  C CA  . ASP A 1 33  ? 12.442  1.818   9.116   1.00 22.38 ? 24  ASP A CA  1 
ATOM   150  C C   . ASP A 1 33  ? 11.072  2.467   9.340   1.00 22.91 ? 24  ASP A C   1 
ATOM   151  O O   . ASP A 1 33  ? 10.594  3.241   8.512   1.00 20.65 ? 24  ASP A O   1 
ATOM   152  C CB  . ASP A 1 33  ? 12.813  1.831   7.629   1.00 23.34 ? 24  ASP A CB  1 
ATOM   153  C CG  . ASP A 1 33  ? 13.230  3.205   7.137   1.00 29.22 ? 24  ASP A CG  1 
ATOM   154  O OD1 . ASP A 1 33  ? 13.652  4.039   7.965   1.00 29.22 ? 24  ASP A OD1 1 
ATOM   155  O OD2 . ASP A 1 33  ? 13.136  3.448   5.914   1.00 30.24 ? 24  ASP A OD2 1 
ATOM   156  N N   . GLU A 1 34  ? 10.449  2.133   10.465  1.00 22.99 ? 25  GLU A N   1 
ATOM   157  C CA  . GLU A 1 34  ? 9.078   2.547   10.769  1.00 24.51 ? 25  GLU A CA  1 
ATOM   158  C C   . GLU A 1 34  ? 8.841   4.049   10.602  1.00 23.26 ? 25  GLU A C   1 
ATOM   159  O O   . GLU A 1 34  ? 7.949   4.466   9.858   1.00 22.25 ? 25  GLU A O   1 
ATOM   160  C CB  . GLU A 1 34  ? 8.716   2.128   12.195  1.00 24.05 ? 25  GLU A CB  1 
ATOM   161  C CG  . GLU A 1 34  ? 7.311   2.520   12.627  1.00 26.63 ? 25  GLU A CG  1 
ATOM   162  C CD  . GLU A 1 34  ? 7.053   2.235   14.098  1.00 28.87 ? 25  GLU A CD  1 
ATOM   163  O OE1 . GLU A 1 34  ? 7.937   1.651   14.766  1.00 27.91 ? 25  GLU A OE1 1 
ATOM   164  O OE2 . GLU A 1 34  ? 5.963   2.592   14.584  1.00 29.81 ? 25  GLU A OE2 1 
ATOM   165  N N   . GLU A 1 35  ? 9.641   4.857   11.288  1.00 23.47 ? 26  GLU A N   1 
ATOM   166  C CA  . GLU A 1 35  ? 9.475   6.307   11.231  1.00 30.45 ? 26  GLU A CA  1 
ATOM   167  C C   . GLU A 1 35  ? 9.681   6.846   9.817   1.00 25.92 ? 26  GLU A C   1 
ATOM   168  O O   . GLU A 1 35  ? 8.903   7.672   9.346   1.00 27.91 ? 26  GLU A O   1 
ATOM   169  C CB  . GLU A 1 35  ? 10.436  7.002   12.201  1.00 33.09 ? 26  GLU A CB  1 
ATOM   170  C CG  . GLU A 1 35  ? 10.301  8.520   12.197  1.00 41.19 ? 26  GLU A CG  1 
ATOM   171  C CD  . GLU A 1 35  ? 11.052  9.186   13.337  1.00 52.95 ? 26  GLU A CD  1 
ATOM   172  O OE1 . GLU A 1 35  ? 11.495  8.473   14.263  1.00 55.94 ? 26  GLU A OE1 1 
ATOM   173  O OE2 . GLU A 1 35  ? 11.196  10.428  13.307  1.00 62.67 ? 26  GLU A OE2 1 
ATOM   174  N N   . GLY A 1 36  ? 10.723  6.372   9.140   1.00 25.74 ? 27  GLY A N   1 
ATOM   175  C CA  . GLY A 1 36  ? 11.010  6.810   7.784   1.00 23.83 ? 27  GLY A CA  1 
ATOM   176  C C   . GLY A 1 36  ? 9.907   6.483   6.789   1.00 25.10 ? 27  GLY A C   1 
ATOM   177  O O   . GLY A 1 36  ? 9.482   7.339   6.012   1.00 21.82 ? 27  GLY A O   1 
ATOM   178  N N   . VAL A 1 37  ? 9.435   5.242   6.812   1.00 22.27 ? 28  VAL A N   1 
ATOM   179  C CA  . VAL A 1 37  ? 8.399   4.811   5.877   1.00 20.33 ? 28  VAL A CA  1 
ATOM   180  C C   . VAL A 1 37  ? 7.092   5.573   6.091   1.00 20.19 ? 28  VAL A C   1 
ATOM   181  O O   . VAL A 1 37  ? 6.434   5.968   5.132   1.00 22.54 ? 28  VAL A O   1 
ATOM   182  C CB  . VAL A 1 37  ? 8.139   3.294   5.993   1.00 23.64 ? 28  VAL A CB  1 
ATOM   183  C CG1 . VAL A 1 37  ? 6.817   2.927   5.336   1.00 18.59 ? 28  VAL A CG1 1 
ATOM   184  C CG2 . VAL A 1 37  ? 9.294   2.509   5.367   1.00 16.29 ? 28  VAL A CG2 1 
ATOM   185  N N   . LEU A 1 38  ? 6.722   5.787   7.349   1.00 21.20 ? 29  LEU A N   1 
ATOM   186  C CA  . LEU A 1 38  ? 5.494   6.511   7.663   1.00 23.26 ? 29  LEU A CA  1 
ATOM   187  C C   . LEU A 1 38  ? 5.595   7.969   7.220   1.00 20.94 ? 29  LEU A C   1 
ATOM   188  O O   . LEU A 1 38  ? 4.635   8.542   6.717   1.00 20.17 ? 29  LEU A O   1 
ATOM   189  C CB  . LEU A 1 38  ? 5.182   6.422   9.162   1.00 24.18 ? 29  LEU A CB  1 
ATOM   190  C CG  . LEU A 1 38  ? 4.581   5.093   9.639   1.00 23.69 ? 29  LEU A CG  1 
ATOM   191  C CD1 . LEU A 1 38  ? 4.499   5.016   11.160  1.00 25.51 ? 29  LEU A CD1 1 
ATOM   192  C CD2 . LEU A 1 38  ? 3.204   4.893   9.030   1.00 23.02 ? 29  LEU A CD2 1 
ATOM   193  N N   . SER A 1 39  ? 6.771   8.557   7.391   1.00 23.44 ? 30  SER A N   1 
ATOM   194  C CA  . SER A 1 39  ? 6.989   9.946   6.998   1.00 25.82 ? 30  SER A CA  1 
ATOM   195  C C   . SER A 1 39  ? 6.921   10.123  5.480   1.00 23.80 ? 30  SER A C   1 
ATOM   196  O O   . SER A 1 39  ? 6.366   11.105  4.981   1.00 23.69 ? 30  SER A O   1 
ATOM   197  C CB  . SER A 1 39  ? 8.336   10.436  7.532   1.00 26.36 ? 30  SER A CB  1 
ATOM   198  O OG  . SER A 1 39  ? 8.662   11.707  7.000   1.00 44.37 ? 30  SER A OG  1 
ATOM   199  N N   . ARG A 1 40  ? 7.474   9.165   4.744   1.00 24.03 ? 31  ARG A N   1 
ATOM   200  C CA  . ARG A 1 40  ? 7.492   9.254   3.287   1.00 23.41 ? 31  ARG A CA  1 
ATOM   201  C C   . ARG A 1 40  ? 6.124   8.937   2.684   1.00 24.81 ? 31  ARG A C   1 
ATOM   202  O O   . ARG A 1 40  ? 5.750   9.493   1.649   1.00 22.25 ? 31  ARG A O   1 
ATOM   203  C CB  . ARG A 1 40  ? 8.570   8.326   2.711   1.00 24.02 ? 31  ARG A CB  1 
ATOM   204  C CG  . ARG A 1 40  ? 9.990   8.806   3.012   1.00 25.06 ? 31  ARG A CG  1 
ATOM   205  C CD  . ARG A 1 40  ? 11.055  7.945   2.341   1.00 26.67 ? 31  ARG A CD  1 
ATOM   206  N NE  . ARG A 1 40  ? 11.101  6.601   2.902   1.00 25.71 ? 31  ARG A NE  1 
ATOM   207  C CZ  . ARG A 1 40  ? 11.904  6.226   3.893   1.00 24.86 ? 31  ARG A CZ  1 
ATOM   208  N NH1 . ARG A 1 40  ? 12.748  7.093   4.436   1.00 25.81 ? 31  ARG A NH1 1 
ATOM   209  N NH2 . ARG A 1 40  ? 11.868  4.978   4.337   1.00 25.12 ? 31  ARG A NH2 1 
ATOM   210  N N   . ALA A 1 41  ? 5.378   8.044   3.331   1.00 22.88 ? 32  ALA A N   1 
ATOM   211  C CA  . ALA A 1 41  ? 4.003   7.772   2.925   1.00 22.44 ? 32  ALA A CA  1 
ATOM   212  C C   . ALA A 1 41  ? 3.150   9.031   3.107   1.00 21.54 ? 32  ALA A C   1 
ATOM   213  O O   . ALA A 1 41  ? 2.333   9.377   2.253   1.00 24.30 ? 32  ALA A O   1 
ATOM   214  C CB  . ALA A 1 41  ? 3.424   6.603   3.726   1.00 19.48 ? 32  ALA A CB  1 
ATOM   215  N N   . ALA A 1 42  ? 3.353   9.714   4.228   1.00 23.28 ? 33  ALA A N   1 
ATOM   216  C CA  . ALA A 1 42  ? 2.645   10.960  4.509   1.00 24.32 ? 33  ALA A CA  1 
ATOM   217  C C   . ALA A 1 42  ? 2.962   12.025  3.459   1.00 26.65 ? 33  ALA A C   1 
ATOM   218  O O   . ALA A 1 42  ? 2.066   12.721  2.979   1.00 26.53 ? 33  ALA A O   1 
ATOM   219  C CB  . ALA A 1 42  ? 2.996   11.465  5.902   1.00 22.11 ? 33  ALA A CB  1 
ATOM   220  N N   . ALA A 1 43  ? 4.241   12.144  3.106   1.00 25.89 ? 34  ALA A N   1 
ATOM   221  C CA  . ALA A 1 43  ? 4.675   13.081  2.070   1.00 27.05 ? 34  ALA A CA  1 
ATOM   222  C C   . ALA A 1 43  ? 4.040   12.749  0.726   1.00 27.40 ? 34  ALA A C   1 
ATOM   223  O O   . ALA A 1 43  ? 3.597   13.641  -0.004  1.00 26.66 ? 34  ALA A O   1 
ATOM   224  C CB  . ALA A 1 43  ? 6.189   13.076  1.950   1.00 26.59 ? 34  ALA A CB  1 
ATOM   225  N N   . LEU A 1 44  ? 3.998   11.461  0.401   1.00 25.01 ? 35  LEU A N   1 
ATOM   226  C CA  . LEU A 1 44  ? 3.381   11.006  -0.838  1.00 21.96 ? 35  LEU A CA  1 
ATOM   227  C C   . LEU A 1 44  ? 1.911   11.407  -0.894  1.00 24.91 ? 35  LEU A C   1 
ATOM   228  O O   . LEU A 1 44  ? 1.432   11.913  -1.908  1.00 26.93 ? 35  LEU A O   1 
ATOM   229  C CB  . LEU A 1 44  ? 3.521   9.487   -0.976  1.00 22.21 ? 35  LEU A CB  1 
ATOM   230  C CG  . LEU A 1 44  ? 2.839   8.821   -2.172  1.00 24.47 ? 35  LEU A CG  1 
ATOM   231  C CD1 . LEU A 1 44  ? 3.449   9.280   -3.489  1.00 28.34 ? 35  LEU A CD1 1 
ATOM   232  C CD2 . LEU A 1 44  ? 2.909   7.299   -2.040  1.00 25.11 ? 35  LEU A CD2 1 
ATOM   233  N N   . VAL A 1 45  ? 1.196   11.175  0.201   1.00 25.12 ? 36  VAL A N   1 
ATOM   234  C CA  . VAL A 1 45  ? -0.220  11.517  0.267   1.00 24.89 ? 36  VAL A CA  1 
ATOM   235  C C   . VAL A 1 45  ? -0.426  13.023  0.097   1.00 25.04 ? 36  VAL A C   1 
ATOM   236  O O   . VAL A 1 45  ? -1.337  13.454  -0.602  1.00 24.07 ? 36  VAL A O   1 
ATOM   237  C CB  . VAL A 1 45  ? -0.849  11.048  1.596   1.00 26.81 ? 36  VAL A CB  1 
ATOM   238  C CG1 . VAL A 1 45  ? -2.226  11.666  1.787   1.00 28.76 ? 36  VAL A CG1 1 
ATOM   239  C CG2 . VAL A 1 45  ? -0.938  9.523   1.625   1.00 23.34 ? 36  VAL A CG2 1 
ATOM   240  N N   . GLU A 1 46  ? 0.434   13.818  0.725   1.00 26.24 ? 37  GLU A N   1 
ATOM   241  C CA  . GLU A 1 46  ? 0.342   15.269  0.593   1.00 31.96 ? 37  GLU A CA  1 
ATOM   242  C C   . GLU A 1 46  ? 0.608   15.699  -0.845  1.00 31.53 ? 37  GLU A C   1 
ATOM   243  O O   . GLU A 1 46  ? -0.095  16.552  -1.383  1.00 34.62 ? 37  GLU A O   1 
ATOM   244  C CB  . GLU A 1 46  ? 1.314   15.962  1.546   1.00 30.72 ? 37  GLU A CB  1 
ATOM   245  C CG  . GLU A 1 46  ? 0.841   15.958  2.989   1.00 38.15 ? 37  GLU A CG  1 
ATOM   246  C CD  . GLU A 1 46  ? -0.563  16.522  3.137   1.00 39.86 ? 37  GLU A CD  1 
ATOM   247  O OE1 . GLU A 1 46  ? -0.776  17.700  2.777   1.00 42.59 ? 37  GLU A OE1 1 
ATOM   248  O OE2 . GLU A 1 46  ? -1.458  15.785  3.606   1.00 39.95 ? 37  GLU A OE2 1 
ATOM   249  N N   . ARG A 1 47  ? 1.615   15.094  -1.467  1.00 29.72 ? 38  ARG A N   1 
ATOM   250  C CA  . ARG A 1 47  ? 1.914   15.378  -2.864  1.00 29.53 ? 38  ARG A CA  1 
ATOM   251  C C   . ARG A 1 47  ? 0.721   15.052  -3.756  1.00 31.52 ? 38  ARG A C   1 
ATOM   252  O O   . ARG A 1 47  ? 0.384   15.814  -4.659  1.00 30.81 ? 38  ARG A O   1 
ATOM   253  C CB  . ARG A 1 47  ? 3.144   14.596  -3.322  1.00 34.46 ? 38  ARG A CB  1 
ATOM   254  C CG  . ARG A 1 47  ? 4.295   15.477  -3.783  1.00 42.74 ? 38  ARG A CG  1 
ATOM   255  C CD  . ARG A 1 47  ? 4.781   15.063  -5.162  1.00 35.56 ? 38  ARG A CD  1 
ATOM   256  N NE  . ARG A 1 47  ? 5.293   13.697  -5.164  1.00 36.05 ? 38  ARG A NE  1 
ATOM   257  C CZ  . ARG A 1 47  ? 5.373   12.933  -6.246  1.00 37.33 ? 38  ARG A CZ  1 
ATOM   258  N NH1 . ARG A 1 47  ? 4.970   13.398  -7.421  1.00 34.60 ? 38  ARG A NH1 1 
ATOM   259  N NH2 . ARG A 1 47  ? 5.851   11.700  -6.152  1.00 33.90 ? 38  ARG A NH2 1 
ATOM   260  N N   . ALA A 1 48  ? 0.078   13.919  -3.491  1.00 28.26 ? 39  ALA A N   1 
ATOM   261  C CA  . ALA A 1 48  ? -1.091  13.508  -4.259  1.00 28.04 ? 39  ALA A CA  1 
ATOM   262  C C   . ALA A 1 48  ? -2.240  14.502  -4.096  1.00 29.40 ? 39  ALA A C   1 
ATOM   263  O O   . ALA A 1 48  ? -2.906  14.865  -5.068  1.00 30.25 ? 39  ALA A O   1 
ATOM   264  C CB  . ALA A 1 48  ? -1.535  12.110  -3.843  1.00 27.95 ? 39  ALA A CB  1 
ATOM   265  N N   . ARG A 1 49  ? -2.468  14.935  -2.862  1.00 29.94 ? 40  ARG A N   1 
ATOM   266  C CA  . ARG A 1 49  ? -3.534  15.883  -2.558  1.00 31.51 ? 40  ARG A CA  1 
ATOM   267  C C   . ARG A 1 49  ? -3.321  17.208  -3.288  1.00 34.04 ? 40  ARG A C   1 
ATOM   268  O O   . ARG A 1 49  ? -4.254  17.766  -3.866  1.00 34.79 ? 40  ARG A O   1 
ATOM   269  C CB  . ARG A 1 49  ? -3.623  16.115  -1.047  1.00 31.35 ? 40  ARG A CB  1 
ATOM   270  C CG  . ARG A 1 49  ? -4.221  14.943  -0.288  1.00 28.30 ? 40  ARG A CG  1 
ATOM   271  C CD  . ARG A 1 49  ? -4.015  15.068  1.214   1.00 31.08 ? 40  ARG A CD  1 
ATOM   272  N NE  . ARG A 1 49  ? -4.679  13.983  1.930   1.00 29.21 ? 40  ARG A NE  1 
ATOM   273  C CZ  . ARG A 1 49  ? -4.483  13.698  3.212   1.00 28.12 ? 40  ARG A CZ  1 
ATOM   274  N NH1 . ARG A 1 49  ? -3.630  14.414  3.930   1.00 29.35 ? 40  ARG A NH1 1 
ATOM   275  N NH2 . ARG A 1 49  ? -5.138  12.692  3.777   1.00 25.92 ? 40  ARG A NH2 1 
ATOM   276  N N   . ALA A 1 50  ? -2.087  17.699  -3.264  1.00 35.60 ? 41  ALA A N   1 
ATOM   277  C CA  . ALA A 1 50  ? -1.743  18.939  -3.946  1.00 34.79 ? 41  ALA A CA  1 
ATOM   278  C C   . ALA A 1 50  ? -1.934  18.810  -5.452  1.00 38.34 ? 41  ALA A C   1 
ATOM   279  O O   . ALA A 1 50  ? -2.254  19.784  -6.133  1.00 42.41 ? 41  ALA A O   1 
ATOM   280  C CB  . ALA A 1 50  ? -0.311  19.335  -3.627  1.00 33.46 ? 41  ALA A CB  1 
ATOM   281  N N   . GLY A 1 51  ? -1.736  17.600  -5.967  1.00 35.21 ? 42  GLY A N   1 
ATOM   282  C CA  . GLY A 1 51  ? -1.822  17.357  -7.395  1.00 31.64 ? 42  GLY A CA  1 
ATOM   283  C C   . GLY A 1 51  ? -3.204  16.936  -7.844  1.00 34.12 ? 42  GLY A C   1 
ATOM   284  O O   . GLY A 1 51  ? -3.424  16.665  -9.020  1.00 37.55 ? 42  GLY A O   1 
ATOM   285  N N   . GLY A 1 52  ? -4.141  16.881  -6.904  1.00 34.38 ? 43  GLY A N   1 
ATOM   286  C CA  . GLY A 1 52  ? -5.496  16.465  -7.212  1.00 32.92 ? 43  GLY A CA  1 
ATOM   287  C C   . GLY A 1 52  ? -5.606  14.985  -7.535  1.00 34.18 ? 43  GLY A C   1 
ATOM   288  O O   . GLY A 1 52  ? -6.528  14.566  -8.233  1.00 31.26 ? 43  GLY A O   1 
ATOM   289  N N   . VAL A 1 53  ? -4.664  14.191  -7.032  1.00 33.80 ? 44  VAL A N   1 
ATOM   290  C CA  . VAL A 1 53  ? -4.714  12.738  -7.203  1.00 31.07 ? 44  VAL A CA  1 
ATOM   291  C C   . VAL A 1 53  ? -5.423  12.081  -6.020  1.00 26.20 ? 44  VAL A C   1 
ATOM   292  O O   . VAL A 1 53  ? -5.008  12.254  -4.875  1.00 24.53 ? 44  VAL A O   1 
ATOM   293  C CB  . VAL A 1 53  ? -3.303  12.130  -7.347  1.00 34.60 ? 44  VAL A CB  1 
ATOM   294  C CG1 . VAL A 1 53  ? -3.379  10.604  -7.407  1.00 27.69 ? 44  VAL A CG1 1 
ATOM   295  C CG2 . VAL A 1 53  ? -2.604  12.689  -8.581  1.00 36.56 ? 44  VAL A CG2 1 
ATOM   296  N N   . PRO A 1 54  ? -6.498  11.325  -6.298  1.00 26.12 ? 45  PRO A N   1 
ATOM   297  C CA  . PRO A 1 54  ? -7.296  10.657  -5.261  1.00 27.66 ? 45  PRO A CA  1 
ATOM   298  C C   . PRO A 1 54  ? -6.465  9.707   -4.403  1.00 30.03 ? 45  PRO A C   1 
ATOM   299  O O   . PRO A 1 54  ? -5.598  8.999   -4.928  1.00 25.27 ? 45  PRO A O   1 
ATOM   300  C CB  . PRO A 1 54  ? -8.341  9.867   -6.066  1.00 27.82 ? 45  PRO A CB  1 
ATOM   301  C CG  . PRO A 1 54  ? -8.382  10.522  -7.402  1.00 30.12 ? 45  PRO A CG  1 
ATOM   302  C CD  . PRO A 1 54  ? -6.995  11.027  -7.652  1.00 29.03 ? 45  PRO A CD  1 
ATOM   303  N N   . VAL A 1 55  ? -6.723  9.710   -3.100  1.00 25.22 ? 46  VAL A N   1 
ATOM   304  C CA  . VAL A 1 55  ? -6.118  8.752   -2.185  1.00 25.25 ? 46  VAL A CA  1 
ATOM   305  C C   . VAL A 1 55  ? -7.207  7.838   -1.631  1.00 28.57 ? 46  VAL A C   1 
ATOM   306  O O   . VAL A 1 55  ? -8.261  8.313   -1.210  1.00 21.14 ? 46  VAL A O   1 
ATOM   307  C CB  . VAL A 1 55  ? -5.384  9.443   -1.018  1.00 24.51 ? 46  VAL A CB  1 
ATOM   308  C CG1 . VAL A 1 55  ? -4.903  8.408   -0.008  1.00 23.40 ? 46  VAL A CG1 1 
ATOM   309  C CG2 . VAL A 1 55  ? -4.217  10.290  -1.532  1.00 24.86 ? 46  VAL A CG2 1 
ATOM   310  N N   . VAL A 1 56  ? -6.955  6.532   -1.658  1.00 22.97 ? 47  VAL A N   1 
ATOM   311  C CA  . VAL A 1 56  ? -7.875  5.552   -1.089  1.00 19.65 ? 47  VAL A CA  1 
ATOM   312  C C   . VAL A 1 56  ? -7.193  4.802   0.057   1.00 23.56 ? 47  VAL A C   1 
ATOM   313  O O   . VAL A 1 56  ? -6.112  4.228   -0.114  1.00 18.93 ? 47  VAL A O   1 
ATOM   314  C CB  . VAL A 1 56  ? -8.376  4.555   -2.153  1.00 22.65 ? 47  VAL A CB  1 
ATOM   315  C CG1 . VAL A 1 56  ? -9.207  3.445   -1.512  1.00 18.69 ? 47  VAL A CG1 1 
ATOM   316  C CG2 . VAL A 1 56  ? -9.185  5.284   -3.218  1.00 22.06 ? 47  VAL A CG2 1 
ATOM   317  N N   . TRP A 1 57  ? -7.818  4.836   1.228   1.00 19.41 ? 48  TRP A N   1 
ATOM   318  C CA  . TRP A 1 57  ? -7.268  4.189   2.413   1.00 19.62 ? 48  TRP A CA  1 
ATOM   319  C C   . TRP A 1 57  ? -7.860  2.799   2.604   1.00 20.31 ? 48  TRP A C   1 
ATOM   320  O O   . TRP A 1 57  ? -9.060  2.593   2.411   1.00 19.11 ? 48  TRP A O   1 
ATOM   321  C CB  . TRP A 1 57  ? -7.529  5.034   3.662   1.00 19.72 ? 48  TRP A CB  1 
ATOM   322  C CG  . TRP A 1 57  ? -6.984  6.425   3.576   1.00 20.13 ? 48  TRP A CG  1 
ATOM   323  C CD1 . TRP A 1 57  ? -7.616  7.525   3.067   1.00 21.07 ? 48  TRP A CD1 1 
ATOM   324  C CD2 . TRP A 1 57  ? -5.690  6.866   4.004   1.00 19.49 ? 48  TRP A CD2 1 
ATOM   325  N NE1 . TRP A 1 57  ? -6.796  8.626   3.156   1.00 21.92 ? 48  TRP A NE1 1 
ATOM   326  C CE2 . TRP A 1 57  ? -5.608  8.249   3.728   1.00 23.06 ? 48  TRP A CE2 1 
ATOM   327  C CE3 . TRP A 1 57  ? -4.594  6.228   4.594   1.00 18.95 ? 48  TRP A CE3 1 
ATOM   328  C CZ2 . TRP A 1 57  ? -4.475  9.002   4.021   1.00 21.28 ? 48  TRP A CZ2 1 
ATOM   329  C CZ3 . TRP A 1 57  ? -3.467  6.978   4.886   1.00 18.93 ? 48  TRP A CZ3 1 
ATOM   330  C CH2 . TRP A 1 57  ? -3.417  8.351   4.601   1.00 22.28 ? 48  TRP A CH2 1 
ATOM   331  N N   . VAL A 1 58  ? -7.012  1.850   2.988   1.00 17.26 ? 49  VAL A N   1 
ATOM   332  C CA  . VAL A 1 58  ? -7.461  0.496   3.282   1.00 18.72 ? 49  VAL A CA  1 
ATOM   333  C C   . VAL A 1 58  ? -7.100  0.140   4.717   1.00 18.68 ? 49  VAL A C   1 
ATOM   334  O O   . VAL A 1 58  ? -5.957  0.319   5.139   1.00 18.02 ? 49  VAL A O   1 
ATOM   335  C CB  . VAL A 1 58  ? -6.840  -0.537  2.316   1.00 20.50 ? 49  VAL A CB  1 
ATOM   336  C CG1 . VAL A 1 58  ? -7.374  -1.935  2.622   1.00 16.92 ? 49  VAL A CG1 1 
ATOM   337  C CG2 . VAL A 1 58  ? -7.127  -0.152  0.875   1.00 17.75 ? 49  VAL A CG2 1 
ATOM   338  N N   . HIS A 1 59  ? -8.083  -0.350  5.467   1.00 16.59 ? 50  HIS A N   1 
ATOM   339  C CA  . HIS A 1 59  ? -7.868  -0.745  6.858   1.00 18.56 ? 50  HIS A CA  1 
ATOM   340  C C   . HIS A 1 59  ? -8.218  -2.217  7.071   1.00 15.72 ? 50  HIS A C   1 
ATOM   341  O O   . HIS A 1 59  ? -9.240  -2.690  6.585   1.00 16.43 ? 50  HIS A O   1 
ATOM   342  C CB  . HIS A 1 59  ? -8.699  0.121   7.809   1.00 19.16 ? 50  HIS A CB  1 
ATOM   343  C CG  . HIS A 1 59  ? -8.201  1.527   7.950   1.00 19.28 ? 50  HIS A CG  1 
ATOM   344  N ND1 . HIS A 1 59  ? -7.763  2.042   9.150   1.00 22.86 ? 50  HIS A ND1 1 
ATOM   345  C CD2 . HIS A 1 59  ? -8.087  2.528   7.045   1.00 19.97 ? 50  HIS A CD2 1 
ATOM   346  C CE1 . HIS A 1 59  ? -7.391  3.300   8.978   1.00 21.00 ? 50  HIS A CE1 1 
ATOM   347  N NE2 . HIS A 1 59  ? -7.578  3.618   7.710   1.00 21.67 ? 50  HIS A NE2 1 
ATOM   348  N N   . HIS A 1 60  ? -7.374  -2.924  7.816   1.00 17.01 ? 51  HIS A N   1 
ATOM   349  C CA  . HIS A 1 60  ? -7.597  -4.336  8.131   1.00 15.59 ? 51  HIS A CA  1 
ATOM   350  C C   . HIS A 1 60  ? -8.425  -4.446  9.412   1.00 17.18 ? 51  HIS A C   1 
ATOM   351  O O   . HIS A 1 60  ? -7.930  -4.166  10.498  1.00 19.55 ? 51  HIS A O   1 
ATOM   352  C CB  . HIS A 1 60  ? -6.250  -5.061  8.281   1.00 18.17 ? 51  HIS A CB  1 
ATOM   353  C CG  . HIS A 1 60  ? -6.354  -6.557  8.317   1.00 18.53 ? 51  HIS A CG  1 
ATOM   354  N ND1 . HIS A 1 60  ? -6.818  -7.300  7.252   1.00 17.06 ? 51  HIS A ND1 1 
ATOM   355  C CD2 . HIS A 1 60  ? -6.032  -7.450  9.284   1.00 19.04 ? 51  HIS A CD2 1 
ATOM   356  C CE1 . HIS A 1 60  ? -6.783  -8.584  7.564   1.00 15.89 ? 51  HIS A CE1 1 
ATOM   357  N NE2 . HIS A 1 60  ? -6.309  -8.701  8.791   1.00 16.76 ? 51  HIS A NE2 1 
ATOM   358  N N   . ASP A 1 61  ? -9.690  -4.834  9.282   1.00 19.69 ? 52  ASP A N   1 
ATOM   359  C CA  . ASP A 1 61  ? -10.600 -4.884  10.433  1.00 19.86 ? 52  ASP A CA  1 
ATOM   360  C C   . ASP A 1 61  ? -10.143 -5.814  11.568  1.00 22.21 ? 52  ASP A C   1 
ATOM   361  O O   . ASP A 1 61  ? -10.307 -5.474  12.744  1.00 23.93 ? 52  ASP A O   1 
ATOM   362  C CB  . ASP A 1 61  ? -12.004 -5.286  9.974   1.00 22.24 ? 52  ASP A CB  1 
ATOM   363  C CG  . ASP A 1 61  ? -12.840 -4.096  9.536   1.00 27.65 ? 52  ASP A CG  1 
ATOM   364  O OD1 . ASP A 1 61  ? -12.307 -2.963  9.513   1.00 23.56 ? 52  ASP A OD1 1 
ATOM   365  O OD2 . ASP A 1 61  ? -14.029 -4.294  9.206   1.00 28.06 ? 52  ASP A OD2 1 
ATOM   366  N N   . PRO A 1 62  ? -9.578  -6.989  11.234  1.00 21.09 ? 53  PRO A N   1 
ATOM   367  C CA  . PRO A 1 62  ? -9.089  -7.894  12.284  1.00 20.02 ? 53  PRO A CA  1 
ATOM   368  C C   . PRO A 1 62  ? -8.010  -7.290  13.182  1.00 22.85 ? 53  PRO A C   1 
ATOM   369  O O   . PRO A 1 62  ? -7.637  -7.905  14.179  1.00 22.99 ? 53  PRO A O   1 
ATOM   370  C CB  . PRO A 1 62  ? -8.524  -9.078  11.490  1.00 22.13 ? 53  PRO A CB  1 
ATOM   371  C CG  . PRO A 1 62  ? -9.335  -9.104  10.254  1.00 18.79 ? 53  PRO A CG  1 
ATOM   372  C CD  . PRO A 1 62  ? -9.589  -7.646  9.913   1.00 21.02 ? 53  PRO A CD  1 
ATOM   373  N N   . VAL A 1 63  ? -7.505  -6.111  12.841  1.00 19.94 ? 54  VAL A N   1 
ATOM   374  C CA  . VAL A 1 63  ? -6.611  -5.419  13.760  1.00 17.59 ? 54  VAL A CA  1 
ATOM   375  C C   . VAL A 1 63  ? -7.382  -5.062  15.036  1.00 24.40 ? 54  VAL A C   1 
ATOM   376  O O   . VAL A 1 63  ? -6.801  -4.924  16.113  1.00 23.80 ? 54  VAL A O   1 
ATOM   377  C CB  . VAL A 1 63  ? -6.014  -4.152  13.131  1.00 23.45 ? 54  VAL A CB  1 
ATOM   378  C CG1 . VAL A 1 63  ? -5.250  -3.348  14.173  1.00 22.09 ? 54  VAL A CG1 1 
ATOM   379  C CG2 . VAL A 1 63  ? -5.105  -4.519  11.969  1.00 18.55 ? 54  VAL A CG2 1 
ATOM   380  N N   . GLY A 1 64  ? -8.699  -4.936  14.908  1.00 20.92 ? 55  GLY A N   1 
ATOM   381  C CA  . GLY A 1 64  ? -9.553  -4.639  16.046  1.00 24.60 ? 55  GLY A CA  1 
ATOM   382  C C   . GLY A 1 64  ? -10.434 -3.432  15.796  1.00 20.00 ? 55  GLY A C   1 
ATOM   383  O O   . GLY A 1 64  ? -10.129 -2.328  16.248  1.00 22.76 ? 55  GLY A O   1 
ATOM   384  N N   . VAL A 1 65  ? -11.527 -3.645  15.071  1.00 22.97 ? 56  VAL A N   1 
ATOM   385  C CA  . VAL A 1 65  ? -12.459 -2.572  14.726  1.00 26.60 ? 56  VAL A CA  1 
ATOM   386  C C   . VAL A 1 65  ? -12.958 -1.849  15.976  1.00 23.48 ? 56  VAL A C   1 
ATOM   387  O O   . VAL A 1 65  ? -13.394 -2.487  16.930  1.00 24.33 ? 56  VAL A O   1 
ATOM   388  C CB  . VAL A 1 65  ? -13.672 -3.115  13.940  1.00 30.71 ? 56  VAL A CB  1 
ATOM   389  C CG1 . VAL A 1 65  ? -14.580 -1.973  13.508  1.00 37.57 ? 56  VAL A CG1 1 
ATOM   390  C CG2 . VAL A 1 65  ? -13.209 -3.911  12.737  1.00 32.92 ? 56  VAL A CG2 1 
ATOM   391  N N   . GLY A 1 66  ? -12.877 -0.521  15.969  1.00 23.05 ? 57  GLY A N   1 
ATOM   392  C CA  . GLY A 1 66  ? -13.331 0.277   17.095  1.00 22.16 ? 57  GLY A CA  1 
ATOM   393  C C   . GLY A 1 66  ? -12.243 0.594   18.106  1.00 22.77 ? 57  GLY A C   1 
ATOM   394  O O   . GLY A 1 66  ? -12.431 1.436   18.984  1.00 21.39 ? 57  GLY A O   1 
ATOM   395  N N   . THR A 1 67  ? -11.103 -0.079  17.991  1.00 19.54 ? 58  THR A N   1 
ATOM   396  C CA  . THR A 1 67  ? -9.976  0.180   18.885  1.00 19.11 ? 58  THR A CA  1 
ATOM   397  C C   . THR A 1 67  ? -9.003  1.183   18.273  1.00 19.34 ? 58  THR A C   1 
ATOM   398  O O   . THR A 1 67  ? -8.987  1.379   17.054  1.00 20.09 ? 58  THR A O   1 
ATOM   399  C CB  . THR A 1 67  ? -9.218  -1.117  19.222  1.00 23.67 ? 58  THR A CB  1 
ATOM   400  O OG1 . THR A 1 67  ? -8.470  -1.549  18.076  1.00 23.83 ? 58  THR A OG1 1 
ATOM   401  C CG2 . THR A 1 67  ? -10.199 -2.206  19.632  1.00 20.53 ? 58  THR A CG2 1 
ATOM   402  N N   . PRO A 1 68  ? -8.186  1.828   19.119  1.00 19.18 ? 59  PRO A N   1 
ATOM   403  C CA  . PRO A 1 68  ? -7.197  2.792   18.624  1.00 21.01 ? 59  PRO A CA  1 
ATOM   404  C C   . PRO A 1 68  ? -6.179  2.135   17.694  1.00 25.68 ? 59  PRO A C   1 
ATOM   405  O O   . PRO A 1 68  ? -5.630  2.809   16.825  1.00 20.71 ? 59  PRO A O   1 
ATOM   406  C CB  . PRO A 1 68  ? -6.519  3.300   19.902  1.00 26.57 ? 59  PRO A CB  1 
ATOM   407  C CG  . PRO A 1 68  ? -7.498  3.008   21.004  1.00 21.55 ? 59  PRO A CG  1 
ATOM   408  C CD  . PRO A 1 68  ? -8.184  1.735   20.588  1.00 23.62 ? 59  PRO A CD  1 
ATOM   409  N N   . GLU A 1 69  ? -5.941  0.839   17.875  1.00 22.58 ? 60  GLU A N   1 
ATOM   410  C CA  . GLU A 1 69  ? -4.973  0.114   17.056  1.00 23.44 ? 60  GLU A CA  1 
ATOM   411  C C   . GLU A 1 69  ? -5.395  0.083   15.590  1.00 21.54 ? 60  GLU A C   1 
ATOM   412  O O   . GLU A 1 69  ? -4.555  0.026   14.696  1.00 24.15 ? 60  GLU A O   1 
ATOM   413  C CB  . GLU A 1 69  ? -4.780  -1.315  17.579  1.00 23.14 ? 60  GLU A CB  1 
ATOM   414  C CG  . GLU A 1 69  ? -3.917  -1.419  18.831  1.00 25.84 ? 60  GLU A CG  1 
ATOM   415  C CD  . GLU A 1 69  ? -4.584  -0.840  20.070  1.00 30.56 ? 60  GLU A CD  1 
ATOM   416  O OE1 . GLU A 1 69  ? -5.830  -0.716  20.088  1.00 29.07 ? 60  GLU A OE1 1 
ATOM   417  O OE2 . GLU A 1 69  ? -3.859  -0.507  21.030  1.00 36.78 ? 60  GLU A OE2 1 
ATOM   418  N N   . TRP A 1 70  ? -6.703  0.122   15.355  1.00 19.98 ? 61  TRP A N   1 
ATOM   419  C CA  . TRP A 1 70  ? -7.253  0.046   14.006  1.00 21.65 ? 61  TRP A CA  1 
ATOM   420  C C   . TRP A 1 70  ? -7.050  1.347   13.230  1.00 22.53 ? 61  TRP A C   1 
ATOM   421  O O   . TRP A 1 70  ? -6.976  1.337   11.998  1.00 21.00 ? 61  TRP A O   1 
ATOM   422  C CB  . TRP A 1 70  ? -8.740  -0.306  14.082  1.00 16.74 ? 61  TRP A CB  1 
ATOM   423  C CG  . TRP A 1 70  ? -9.453  -0.447  12.765  1.00 19.25 ? 61  TRP A CG  1 
ATOM   424  C CD1 . TRP A 1 70  ? -9.728  -1.608  12.100  1.00 17.56 ? 61  TRP A CD1 1 
ATOM   425  C CD2 . TRP A 1 70  ? -10.029 0.607   11.983  1.00 19.18 ? 61  TRP A CD2 1 
ATOM   426  N NE1 . TRP A 1 70  ? -10.423 -1.340  10.945  1.00 22.43 ? 61  TRP A NE1 1 
ATOM   427  C CE2 . TRP A 1 70  ? -10.619 0.013   10.849  1.00 21.56 ? 61  TRP A CE2 1 
ATOM   428  C CE3 . TRP A 1 70  ? -10.091 2.000   12.126  1.00 19.19 ? 61  TRP A CE3 1 
ATOM   429  C CZ2 . TRP A 1 70  ? -11.264 0.762   9.864   1.00 22.36 ? 61  TRP A CZ2 1 
ATOM   430  C CZ3 . TRP A 1 70  ? -10.729 2.742   11.148  1.00 19.90 ? 61  TRP A CZ3 1 
ATOM   431  C CH2 . TRP A 1 70  ? -11.310 2.123   10.033  1.00 24.46 ? 61  TRP A CH2 1 
ATOM   432  N N   . GLU A 1 71  ? -6.963  2.463   13.952  1.00 18.85 ? 62  GLU A N   1 
ATOM   433  C CA  . GLU A 1 71  ? -6.867  3.781   13.325  1.00 18.88 ? 62  GLU A CA  1 
ATOM   434  C C   . GLU A 1 71  ? -5.492  4.008   12.699  1.00 20.22 ? 62  GLU A C   1 
ATOM   435  O O   . GLU A 1 71  ? -4.541  3.286   12.999  1.00 19.94 ? 62  GLU A O   1 
ATOM   436  C CB  . GLU A 1 71  ? -7.161  4.885   14.350  1.00 21.20 ? 62  GLU A CB  1 
ATOM   437  C CG  . GLU A 1 71  ? -8.517  4.754   15.051  1.00 18.51 ? 62  GLU A CG  1 
ATOM   438  C CD  . GLU A 1 71  ? -9.691  5.074   14.140  1.00 18.50 ? 62  GLU A CD  1 
ATOM   439  O OE1 . GLU A 1 71  ? -9.575  6.011   13.322  1.00 19.06 ? 62  GLU A OE1 1 
ATOM   440  O OE2 . GLU A 1 71  ? -10.735 4.393   14.245  1.00 18.54 ? 62  GLU A OE2 1 
ATOM   441  N N   . LEU A 1 72  ? -5.393  5.019   11.838  1.00 22.14 ? 63  LEU A N   1 
ATOM   442  C CA  . LEU A 1 72  ? -4.134  5.344   11.159  1.00 22.14 ? 63  LEU A CA  1 
ATOM   443  C C   . LEU A 1 72  ? -2.994  5.623   12.125  1.00 23.92 ? 63  LEU A C   1 
ATOM   444  O O   . LEU A 1 72  ? -3.186  6.260   13.162  1.00 21.95 ? 63  LEU A O   1 
ATOM   445  C CB  . LEU A 1 72  ? -4.314  6.559   10.246  1.00 23.84 ? 63  LEU A CB  1 
ATOM   446  C CG  . LEU A 1 72  ? -5.111  6.359   8.963   1.00 20.46 ? 63  LEU A CG  1 
ATOM   447  C CD1 . LEU A 1 72  ? -5.239  7.687   8.230   1.00 25.09 ? 63  LEU A CD1 1 
ATOM   448  C CD2 . LEU A 1 72  ? -4.443  5.310   8.079   1.00 22.44 ? 63  LEU A CD2 1 
ATOM   449  N N   . ALA A 1 73  ? -1.800  5.154   11.769  1.00 20.48 ? 64  ALA A N   1 
ATOM   450  C CA  . ALA A 1 73  ? -0.606  5.459   12.541  1.00 22.41 ? 64  ALA A CA  1 
ATOM   451  C C   . ALA A 1 73  ? -0.190  6.907   12.308  1.00 22.79 ? 64  ALA A C   1 
ATOM   452  O O   . ALA A 1 73  ? -0.329  7.425   11.203  1.00 24.75 ? 64  ALA A O   1 
ATOM   453  C CB  . ALA A 1 73  ? 0.525   4.515   12.172  1.00 21.91 ? 64  ALA A CB  1 
ATOM   454  N N   . ALA A 1 74  ? 0.308   7.559   13.355  1.00 23.29 ? 65  ALA A N   1 
ATOM   455  C CA  . ALA A 1 74  ? 0.825   8.921   13.229  1.00 28.35 ? 65  ALA A CA  1 
ATOM   456  C C   . ALA A 1 74  ? 2.033   8.928   12.299  1.00 25.32 ? 65  ALA A C   1 
ATOM   457  O O   . ALA A 1 74  ? 2.820   7.982   12.307  1.00 28.58 ? 65  ALA A O   1 
ATOM   458  C CB  . ALA A 1 74  ? 1.195   9.479   14.595  1.00 25.94 ? 65  ALA A CB  1 
ATOM   459  N N   . PRO A 1 75  ? 2.200   9.998   11.502  1.00 27.97 ? 66  PRO A N   1 
ATOM   460  C CA  . PRO A 1 75  ? 1.416   11.236  11.447  1.00 27.39 ? 66  PRO A CA  1 
ATOM   461  C C   . PRO A 1 75  ? 0.338   11.243  10.368  1.00 30.68 ? 66  PRO A C   1 
ATOM   462  O O   . PRO A 1 75  ? -0.044  12.318  9.909   1.00 29.95 ? 66  PRO A O   1 
ATOM   463  C CB  . PRO A 1 75  ? 2.478   12.281  11.119  1.00 29.61 ? 66  PRO A CB  1 
ATOM   464  C CG  . PRO A 1 75  ? 3.397   11.535  10.169  1.00 27.60 ? 66  PRO A CG  1 
ATOM   465  C CD  . PRO A 1 75  ? 3.373   10.074  10.612  1.00 26.02 ? 66  PRO A CD  1 
ATOM   466  N N   . LEU A 1 76  ? -0.141  10.072  9.963   1.00 26.75 ? 67  LEU A N   1 
ATOM   467  C CA  . LEU A 1 76  ? -1.087  9.987   8.858   1.00 25.23 ? 67  LEU A CA  1 
ATOM   468  C C   . LEU A 1 76  ? -2.482  10.442  9.262   1.00 30.29 ? 67  LEU A C   1 
ATOM   469  O O   . LEU A 1 76  ? -2.940  10.169  10.372  1.00 27.64 ? 67  LEU A O   1 
ATOM   470  C CB  . LEU A 1 76  ? -1.143  8.557   8.312   1.00 23.69 ? 67  LEU A CB  1 
ATOM   471  C CG  . LEU A 1 76  ? 0.136   8.045   7.648   1.00 27.10 ? 67  LEU A CG  1 
ATOM   472  C CD1 . LEU A 1 76  ? 0.013   6.557   7.339   1.00 22.51 ? 67  LEU A CD1 1 
ATOM   473  C CD2 . LEU A 1 76  ? 0.440   8.837   6.384   1.00 23.88 ? 67  LEU A CD2 1 
ATOM   474  N N   . HIS A 1 77  ? -3.151  11.132  8.344   1.00 28.40 ? 68  HIS A N   1 
ATOM   475  C CA  . HIS A 1 77  ? -4.504  11.629  8.566   1.00 30.48 ? 68  HIS A CA  1 
ATOM   476  C C   . HIS A 1 77  ? -5.317  11.535  7.283   1.00 30.08 ? 68  HIS A C   1 
ATOM   477  O O   . HIS A 1 77  ? -4.838  11.876  6.202   1.00 30.75 ? 68  HIS A O   1 
ATOM   478  C CB  . HIS A 1 77  ? -4.487  13.081  9.064   1.00 35.33 ? 68  HIS A CB  1 
ATOM   479  C CG  . HIS A 1 77  ? -3.857  13.257  10.413  1.00 42.94 ? 68  HIS A CG  1 
ATOM   480  N ND1 . HIS A 1 77  ? -4.529  12.997  11.589  1.00 51.54 ? 68  HIS A ND1 1 
ATOM   481  C CD2 . HIS A 1 77  ? -2.622  13.683  10.772  1.00 46.35 ? 68  HIS A CD2 1 
ATOM   482  C CE1 . HIS A 1 77  ? -3.732  13.246  12.615  1.00 50.63 ? 68  HIS A CE1 1 
ATOM   483  N NE2 . HIS A 1 77  ? -2.569  13.663  12.146  1.00 51.27 ? 68  HIS A NE2 1 
ATOM   484  N N   . ARG A 1 78  ? -6.552  11.068  7.406   1.00 26.14 ? 69  ARG A N   1 
ATOM   485  C CA  . ARG A 1 78  ? -7.436  10.967  6.257   1.00 24.96 ? 69  ARG A CA  1 
ATOM   486  C C   . ARG A 1 78  ? -8.153  12.294  6.030   1.00 29.98 ? 69  ARG A C   1 
ATOM   487  O O   . ARG A 1 78  ? -8.610  12.929  6.981   1.00 29.68 ? 69  ARG A O   1 
ATOM   488  C CB  . ARG A 1 78  ? -8.440  9.841   6.465   1.00 28.40 ? 69  ARG A CB  1 
ATOM   489  C CG  . ARG A 1 78  ? -9.531  9.761   5.427   1.00 26.85 ? 69  ARG A CG  1 
ATOM   490  C CD  . ARG A 1 78  ? -10.647 8.865   5.933   1.00 29.49 ? 69  ARG A CD  1 
ATOM   491  N NE  . ARG A 1 78  ? -11.696 8.685   4.941   1.00 37.00 ? 69  ARG A NE  1 
ATOM   492  C CZ  . ARG A 1 78  ? -12.912 8.233   5.222   1.00 38.84 ? 69  ARG A CZ  1 
ATOM   493  N NH1 . ARG A 1 78  ? -13.229 7.923   6.473   1.00 37.15 ? 69  ARG A NH1 1 
ATOM   494  N NH2 . ARG A 1 78  ? -13.809 8.094   4.254   1.00 35.95 ? 69  ARG A NH2 1 
ATOM   495  N N   . ALA A 1 79  ? -8.241  12.709  4.771   1.00 27.86 ? 70  ALA A N   1 
ATOM   496  C CA  . ALA A 1 79  ? -8.887  13.970  4.422   1.00 34.18 ? 70  ALA A CA  1 
ATOM   497  C C   . ALA A 1 79  ? -10.326 13.744  3.979   1.00 36.18 ? 70  ALA A C   1 
ATOM   498  O O   . ALA A 1 79  ? -10.693 12.643  3.565   1.00 30.91 ? 70  ALA A O   1 
ATOM   499  C CB  . ALA A 1 79  ? -8.106  14.686  3.326   1.00 30.60 ? 70  ALA A CB  1 
ATOM   500  N N   . GLU A 1 80  ? -11.131 14.797  4.065   1.00 40.79 ? 71  GLU A N   1 
ATOM   501  C CA  . GLU A 1 80  ? -12.522 14.754  3.627   1.00 43.13 ? 71  GLU A CA  1 
ATOM   502  C C   . GLU A 1 80  ? -12.625 14.353  2.157   1.00 38.41 ? 71  GLU A C   1 
ATOM   503  O O   . GLU A 1 80  ? -11.931 14.907  1.304   1.00 42.78 ? 71  GLU A O   1 
ATOM   504  C CB  . GLU A 1 80  ? -13.186 16.115  3.844   1.00 50.61 ? 71  GLU A CB  1 
ATOM   505  C CG  . GLU A 1 80  ? -14.684 16.050  4.074   1.00 57.07 ? 71  GLU A CG  1 
ATOM   506  C CD  . GLU A 1 80  ? -15.033 15.845  5.534   1.00 65.74 ? 71  GLU A CD  1 
ATOM   507  O OE1 . GLU A 1 80  ? -14.180 16.145  6.397   1.00 61.79 ? 71  GLU A OE1 1 
ATOM   508  O OE2 . GLU A 1 80  ? -16.160 15.385  5.819   1.00 73.41 ? 71  GLU A OE2 1 
ATOM   509  N N   . GLY A 1 81  ? -13.491 13.390  1.864   1.00 42.09 ? 72  GLY A N   1 
ATOM   510  C CA  . GLY A 1 81  ? -13.702 12.962  0.493   1.00 40.54 ? 72  GLY A CA  1 
ATOM   511  C C   . GLY A 1 81  ? -12.785 11.838  0.043   1.00 41.09 ? 72  GLY A C   1 
ATOM   512  O O   . GLY A 1 81  ? -12.867 11.380  -1.098  1.00 44.84 ? 72  GLY A O   1 
ATOM   513  N N   . GLU A 1 82  ? -11.901 11.397  0.933   1.00 35.26 ? 73  GLU A N   1 
ATOM   514  C CA  . GLU A 1 82  ? -11.025 10.270  0.630   1.00 34.52 ? 73  GLU A CA  1 
ATOM   515  C C   . GLU A 1 82  ? -11.675 8.971   1.084   1.00 30.31 ? 73  GLU A C   1 
ATOM   516  O O   . GLU A 1 82  ? -11.920 8.779   2.272   1.00 30.72 ? 73  GLU A O   1 
ATOM   517  C CB  . GLU A 1 82  ? -9.655  10.453  1.288   1.00 28.46 ? 73  GLU A CB  1 
ATOM   518  C CG  . GLU A 1 82  ? -8.834  11.565  0.658   1.00 28.47 ? 73  GLU A CG  1 
ATOM   519  C CD  . GLU A 1 82  ? -7.509  11.786  1.346   1.00 28.41 ? 73  GLU A CD  1 
ATOM   520  O OE1 . GLU A 1 82  ? -7.300  11.216  2.438   1.00 26.15 ? 73  GLU A OE1 1 
ATOM   521  O OE2 . GLU A 1 82  ? -6.675  12.536  0.794   1.00 32.41 ? 73  GLU A OE2 1 
ATOM   522  N N   . PRO A 1 83  ? -11.975 8.081   0.127   1.00 26.30 ? 74  PRO A N   1 
ATOM   523  C CA  . PRO A 1 83  ? -12.597 6.789   0.431   1.00 27.53 ? 74  PRO A CA  1 
ATOM   524  C C   . PRO A 1 83  ? -11.764 5.949   1.400   1.00 28.92 ? 74  PRO A C   1 
ATOM   525  O O   . PRO A 1 83  ? -10.539 6.075   1.452   1.00 21.86 ? 74  PRO A O   1 
ATOM   526  C CB  . PRO A 1 83  ? -12.683 6.110   -0.940  1.00 23.65 ? 74  PRO A CB  1 
ATOM   527  C CG  . PRO A 1 83  ? -12.682 7.233   -1.921  1.00 26.30 ? 74  PRO A CG  1 
ATOM   528  C CD  . PRO A 1 83  ? -11.789 8.277   -1.320  1.00 28.80 ? 74  PRO A CD  1 
ATOM   529  N N   . LEU A 1 84  ? -12.443 5.108   2.170   1.00 28.12 ? 75  LEU A N   1 
ATOM   530  C CA  . LEU A 1 84  ? -11.781 4.176   3.070   1.00 26.07 ? 75  LEU A CA  1 
ATOM   531  C C   . LEU A 1 84  ? -12.423 2.809   2.880   1.00 26.86 ? 75  LEU A C   1 
ATOM   532  O O   . LEU A 1 84  ? -13.644 2.672   2.977   1.00 25.54 ? 75  LEU A O   1 
ATOM   533  C CB  . LEU A 1 84  ? -11.884 4.649   4.527   1.00 25.15 ? 75  LEU A CB  1 
ATOM   534  C CG  . LEU A 1 84  ? -11.097 3.893   5.606   1.00 24.19 ? 75  LEU A CG  1 
ATOM   535  C CD1 . LEU A 1 84  ? -10.928 4.745   6.848   1.00 23.62 ? 75  LEU A CD1 1 
ATOM   536  C CD2 . LEU A 1 84  ? -11.766 2.573   5.962   1.00 24.28 ? 75  LEU A CD2 1 
ATOM   537  N N   . VAL A 1 85  ? -11.604 1.807   2.576   1.00 23.13 ? 76  VAL A N   1 
ATOM   538  C CA  . VAL A 1 85  ? -12.096 0.450   2.354   1.00 22.29 ? 76  VAL A CA  1 
ATOM   539  C C   . VAL A 1 85  ? -11.687 -0.446  3.513   1.00 23.77 ? 76  VAL A C   1 
ATOM   540  O O   . VAL A 1 85  ? -10.522 -0.477  3.904   1.00 23.63 ? 76  VAL A O   1 
ATOM   541  C CB  . VAL A 1 85  ? -11.564 -0.146  1.029   1.00 23.30 ? 76  VAL A CB  1 
ATOM   542  C CG1 . VAL A 1 85  ? -11.992 -1.591  0.885   1.00 20.23 ? 76  VAL A CG1 1 
ATOM   543  C CG2 . VAL A 1 85  ? -12.047 0.677   -0.163  1.00 24.17 ? 76  VAL A CG2 1 
ATOM   544  N N   . ARG A 1 86  ? -12.652 -1.169  4.067   1.00 24.75 ? 77  ARG A N   1 
ATOM   545  C CA  . ARG A 1 86  ? -12.380 -2.065  5.182   1.00 22.71 ? 77  ARG A CA  1 
ATOM   546  C C   . ARG A 1 86  ? -12.332 -3.505  4.692   1.00 20.36 ? 77  ARG A C   1 
ATOM   547  O O   . ARG A 1 86  ? -13.111 -3.898  3.827   1.00 22.64 ? 77  ARG A O   1 
ATOM   548  C CB  . ARG A 1 86  ? -13.436 -1.887  6.276   1.00 24.09 ? 77  ARG A CB  1 
ATOM   549  C CG  . ARG A 1 86  ? -13.353 -0.527  6.961   1.00 24.85 ? 77  ARG A CG  1 
ATOM   550  C CD  . ARG A 1 86  ? -14.533 -0.272  7.884   1.00 28.69 ? 77  ARG A CD  1 
ATOM   551  N NE  . ARG A 1 86  ? -14.784 -1.396  8.775   1.00 32.70 ? 77  ARG A NE  1 
ATOM   552  C CZ  . ARG A 1 86  ? -15.755 -1.428  9.683   1.00 38.02 ? 77  ARG A CZ  1 
ATOM   553  N NH1 . ARG A 1 86  ? -16.566 -0.389  9.827   1.00 37.66 ? 77  ARG A NH1 1 
ATOM   554  N NH2 . ARG A 1 86  ? -15.915 -2.499  10.448  1.00 32.43 ? 77  ARG A NH2 1 
ATOM   555  N N   . LYS A 1 87  ? -11.404 -4.290  5.232   1.00 21.81 ? 78  LYS A N   1 
ATOM   556  C CA  . LYS A 1 87  ? -11.210 -5.651  4.739   1.00 20.79 ? 78  LYS A CA  1 
ATOM   557  C C   . LYS A 1 87  ? -10.902 -6.630  5.864   1.00 17.98 ? 78  LYS A C   1 
ATOM   558  O O   . LYS A 1 87  ? -10.528 -6.229  6.963   1.00 20.41 ? 78  LYS A O   1 
ATOM   559  C CB  . LYS A 1 87  ? -10.086 -5.682  3.694   1.00 18.81 ? 78  LYS A CB  1 
ATOM   560  C CG  . LYS A 1 87  ? -8.688  -5.470  4.277   1.00 19.41 ? 78  LYS A CG  1 
ATOM   561  C CD  . LYS A 1 87  ? -7.627  -5.425  3.183   1.00 17.32 ? 78  LYS A CD  1 
ATOM   562  C CE  . LYS A 1 87  ? -6.259  -5.052  3.749   1.00 15.00 ? 78  LYS A CE  1 
ATOM   563  N NZ  . LYS A 1 87  ? -5.727  -6.094  4.672   1.00 15.84 ? 78  LYS A NZ  1 
ATOM   564  N N   . ASN A 1 88  ? -11.055 -7.919  5.572   1.00 16.79 ? 79  ASN A N   1 
ATOM   565  C CA  . ASN A 1 88  ? -10.804 -8.965  6.555   1.00 20.40 ? 79  ASN A CA  1 
ATOM   566  C C   . ASN A 1 88  ? -9.662  -9.905  6.160   1.00 22.66 ? 79  ASN A C   1 
ATOM   567  O O   . ASN A 1 88  ? -9.294  -10.795 6.929   1.00 18.63 ? 79  ASN A O   1 
ATOM   568  C CB  . ASN A 1 88  ? -12.081 -9.783  6.789   1.00 20.54 ? 79  ASN A CB  1 
ATOM   569  C CG  . ASN A 1 88  ? -13.115 -9.022  7.593   1.00 25.29 ? 79  ASN A CG  1 
ATOM   570  O OD1 . ASN A 1 88  ? -12.811 -8.478  8.653   1.00 23.29 ? 79  ASN A OD1 1 
ATOM   571  N ND2 . ASN A 1 88  ? -14.338 -8.963  7.084   1.00 34.29 ? 79  ASN A ND2 1 
ATOM   572  N N   . TYR A 1 89  ? -9.105  -9.701  4.967   1.00 20.22 ? 80  TYR A N   1 
ATOM   573  C CA  . TYR A 1 89  ? -8.057  -10.581 4.452   1.00 21.55 ? 80  TYR A CA  1 
ATOM   574  C C   . TYR A 1 89  ? -6.877  -9.789  3.884   1.00 17.90 ? 80  TYR A C   1 
ATOM   575  O O   . TYR A 1 89  ? -6.929  -8.562  3.806   1.00 16.80 ? 80  TYR A O   1 
ATOM   576  C CB  . TYR A 1 89  ? -8.642  -11.516 3.389   1.00 19.48 ? 80  TYR A CB  1 
ATOM   577  C CG  . TYR A 1 89  ? -9.810  -12.331 3.903   1.00 21.41 ? 80  TYR A CG  1 
ATOM   578  C CD1 . TYR A 1 89  ? -9.605  -13.559 4.514   1.00 20.91 ? 80  TYR A CD1 1 
ATOM   579  C CD2 . TYR A 1 89  ? -11.116 -11.862 3.796   1.00 22.71 ? 80  TYR A CD2 1 
ATOM   580  C CE1 . TYR A 1 89  ? -10.661 -14.305 4.994   1.00 26.97 ? 80  TYR A CE1 1 
ATOM   581  C CE2 . TYR A 1 89  ? -12.185 -12.603 4.277   1.00 23.59 ? 80  TYR A CE2 1 
ATOM   582  C CZ  . TYR A 1 89  ? -11.948 -13.823 4.876   1.00 27.99 ? 80  TYR A CZ  1 
ATOM   583  O OH  . TYR A 1 89  ? -12.997 -14.574 5.357   1.00 32.26 ? 80  TYR A OH  1 
ATOM   584  N N   . ARG A 1 90  ? -5.816  -10.490 3.495   1.00 16.92 ? 81  ARG A N   1 
ATOM   585  C CA  . ARG A 1 90  ? -4.625  -9.827  2.961   1.00 15.67 ? 81  ARG A CA  1 
ATOM   586  C C   . ARG A 1 90  ? -4.933  -9.097  1.663   1.00 17.12 ? 81  ARG A C   1 
ATOM   587  O O   . ARG A 1 90  ? -4.491  -7.971  1.453   1.00 18.06 ? 81  ARG A O   1 
ATOM   588  C CB  . ARG A 1 90  ? -3.503  -10.841 2.740   1.00 14.78 ? 81  ARG A CB  1 
ATOM   589  C CG  . ARG A 1 90  ? -2.967  -11.433 4.028   1.00 16.76 ? 81  ARG A CG  1 
ATOM   590  C CD  . ARG A 1 90  ? -1.963  -12.538 3.762   1.00 14.97 ? 81  ARG A CD  1 
ATOM   591  N NE  . ARG A 1 90  ? -1.537  -13.170 5.006   1.00 18.27 ? 81  ARG A NE  1 
ATOM   592  C CZ  . ARG A 1 90  ? -0.705  -14.204 5.073   1.00 21.88 ? 81  ARG A CZ  1 
ATOM   593  N NH1 . ARG A 1 90  ? -0.201  -14.728 3.961   1.00 16.14 ? 81  ARG A NH1 1 
ATOM   594  N NH2 . ARG A 1 90  ? -0.376  -14.711 6.253   1.00 19.62 ? 81  ARG A NH2 1 
ATOM   595  N N   . ASP A 1 91  ? -5.693  -9.757  0.796   1.00 15.37 ? 82  ASP A N   1 
ATOM   596  C CA  . ASP A 1 91  ? -6.096  -9.187  -0.488  1.00 16.05 ? 82  ASP A CA  1 
ATOM   597  C C   . ASP A 1 91  ? -7.147  -8.098  -0.281  1.00 18.12 ? 82  ASP A C   1 
ATOM   598  O O   . ASP A 1 91  ? -8.266  -8.379  0.151   1.00 18.74 ? 82  ASP A O   1 
ATOM   599  C CB  . ASP A 1 91  ? -6.632  -10.297 -1.396  1.00 17.36 ? 82  ASP A CB  1 
ATOM   600  C CG  . ASP A 1 91  ? -6.870  -9.839  -2.823  1.00 18.42 ? 82  ASP A CG  1 
ATOM   601  O OD1 . ASP A 1 91  ? -7.108  -8.632  -3.053  1.00 17.53 ? 82  ASP A OD1 1 
ATOM   602  O OD2 . ASP A 1 91  ? -6.829  -10.707 -3.716  1.00 17.65 ? 82  ASP A OD2 1 
ATOM   603  N N   . SER A 1 92  ? -6.790  -6.854  -0.592  1.00 18.71 ? 83  SER A N   1 
ATOM   604  C CA  . SER A 1 92  ? -7.693  -5.728  -0.357  1.00 17.16 ? 83  SER A CA  1 
ATOM   605  C C   . SER A 1 92  ? -8.927  -5.759  -1.264  1.00 19.23 ? 83  SER A C   1 
ATOM   606  O O   . SER A 1 92  ? -9.870  -5.000  -1.059  1.00 18.81 ? 83  SER A O   1 
ATOM   607  C CB  . SER A 1 92  ? -6.948  -4.400  -0.537  1.00 14.66 ? 83  SER A CB  1 
ATOM   608  O OG  . SER A 1 92  ? -5.938  -4.239  0.443   1.00 16.47 ? 83  SER A OG  1 
ATOM   609  N N   . PHE A 1 93  ? -8.916  -6.641  -2.259  1.00 18.80 ? 84  PHE A N   1 
ATOM   610  C CA  . PHE A 1 93  ? -10.037 -6.780  -3.187  1.00 20.92 ? 84  PHE A CA  1 
ATOM   611  C C   . PHE A 1 93  ? -11.017 -7.864  -2.727  1.00 23.50 ? 84  PHE A C   1 
ATOM   612  O O   . PHE A 1 93  ? -12.138 -7.947  -3.223  1.00 25.65 ? 84  PHE A O   1 
ATOM   613  C CB  . PHE A 1 93  ? -9.540  -7.120  -4.598  1.00 19.19 ? 84  PHE A CB  1 
ATOM   614  C CG  . PHE A 1 93  ? -8.788  -6.005  -5.276  1.00 22.41 ? 84  PHE A CG  1 
ATOM   615  C CD1 . PHE A 1 93  ? -7.424  -5.843  -5.071  1.00 16.92 ? 84  PHE A CD1 1 
ATOM   616  C CD2 . PHE A 1 93  ? -9.439  -5.135  -6.139  1.00 21.23 ? 84  PHE A CD2 1 
ATOM   617  C CE1 . PHE A 1 93  ? -6.728  -4.825  -5.701  1.00 20.37 ? 84  PHE A CE1 1 
ATOM   618  C CE2 . PHE A 1 93  ? -8.749  -4.115  -6.776  1.00 21.39 ? 84  PHE A CE2 1 
ATOM   619  C CZ  . PHE A 1 93  ? -7.391  -3.958  -6.558  1.00 20.73 ? 84  PHE A CZ  1 
ATOM   620  N N   . ALA A 1 94  ? -10.576 -8.701  -1.795  1.00 21.03 ? 85  ALA A N   1 
ATOM   621  C CA  . ALA A 1 94  ? -11.346 -9.872  -1.386  1.00 20.17 ? 85  ALA A CA  1 
ATOM   622  C C   . ALA A 1 94  ? -12.523 -9.504  -0.490  1.00 24.41 ? 85  ALA A C   1 
ATOM   623  O O   . ALA A 1 94  ? -12.340 -9.149  0.676   1.00 22.31 ? 85  ALA A O   1 
ATOM   624  C CB  . ALA A 1 94  ? -10.444 -10.872 -0.680  1.00 18.64 ? 85  ALA A CB  1 
ATOM   625  N N   . ASP A 1 95  ? -13.729 -9.594  -1.045  1.00 26.34 ? 86  ASP A N   1 
ATOM   626  C CA  . ASP A 1 95  ? -14.944 -9.335  -0.281  1.00 26.62 ? 86  ASP A CA  1 
ATOM   627  C C   . ASP A 1 95  ? -14.976 -7.902  0.247   1.00 25.82 ? 86  ASP A C   1 
ATOM   628  O O   . ASP A 1 95  ? -15.378 -7.656  1.385   1.00 26.76 ? 86  ASP A O   1 
ATOM   629  C CB  . ASP A 1 95  ? -15.054 -10.328 0.879   1.00 27.77 ? 86  ASP A CB  1 
ATOM   630  C CG  . ASP A 1 95  ? -16.480 -10.548 1.323   1.00 43.96 ? 86  ASP A CG  1 
ATOM   631  O OD1 . ASP A 1 95  ? -17.351 -9.725  0.965   1.00 46.61 ? 86  ASP A OD1 1 
ATOM   632  O OD2 . ASP A 1 95  ? -16.727 -11.544 2.033   1.00 48.95 ? 86  ASP A OD2 1 
ATOM   633  N N   . THR A 1 96  ? -14.542 -6.959  -0.582  1.00 23.88 ? 87  THR A N   1 
ATOM   634  C CA  . THR A 1 96  ? -14.514 -5.556  -0.188  1.00 23.82 ? 87  THR A CA  1 
ATOM   635  C C   . THR A 1 96  ? -15.143 -4.664  -1.244  1.00 22.50 ? 87  THR A C   1 
ATOM   636  O O   . THR A 1 96  ? -15.525 -5.127  -2.319  1.00 24.98 ? 87  THR A O   1 
ATOM   637  C CB  . THR A 1 96  ? -13.084 -5.054  0.045   1.00 21.87 ? 87  THR A CB  1 
ATOM   638  O OG1 . THR A 1 96  ? -12.453 -4.854  -1.224  1.00 20.34 ? 87  THR A OG1 1 
ATOM   639  C CG2 . THR A 1 96  ? -12.284 -6.049  0.879   1.00 21.29 ? 87  THR A CG2 1 
ATOM   640  N N   . THR A 1 97  ? -15.212 -3.375  -0.931  1.00 22.01 ? 88  THR A N   1 
ATOM   641  C CA  . THR A 1 97  ? -15.726 -2.367  -1.851  1.00 25.40 ? 88  THR A CA  1 
ATOM   642  C C   . THR A 1 97  ? -14.619 -1.715  -2.685  1.00 25.99 ? 88  THR A C   1 
ATOM   643  O O   . THR A 1 97  ? -14.854 -0.701  -3.345  1.00 27.57 ? 88  THR A O   1 
ATOM   644  C CB  . THR A 1 97  ? -16.471 -1.251  -1.093  1.00 25.53 ? 88  THR A CB  1 
ATOM   645  O OG1 . THR A 1 97  ? -15.565 -0.603  -0.192  1.00 26.68 ? 88  THR A OG1 1 
ATOM   646  C CG2 . THR A 1 97  ? -17.636 -1.822  -0.298  1.00 29.50 ? 88  THR A CG2 1 
ATOM   647  N N   . LEU A 1 98  ? -13.421 -2.290  -2.656  1.00 24.44 ? 89  LEU A N   1 
ATOM   648  C CA  . LEU A 1 98  ? -12.276 -1.680  -3.331  1.00 22.32 ? 89  LEU A CA  1 
ATOM   649  C C   . LEU A 1 98  ? -12.497 -1.522  -4.835  1.00 23.48 ? 89  LEU A C   1 
ATOM   650  O O   . LEU A 1 98  ? -12.341 -0.428  -5.374  1.00 25.41 ? 89  LEU A O   1 
ATOM   651  C CB  . LEU A 1 98  ? -11.000 -2.493  -3.080  1.00 20.76 ? 89  LEU A CB  1 
ATOM   652  C CG  . LEU A 1 98  ? -9.740  -1.877  -3.700  1.00 23.53 ? 89  LEU A CG  1 
ATOM   653  C CD1 . LEU A 1 98  ? -9.606  -0.422  -3.272  1.00 20.64 ? 89  LEU A CD1 1 
ATOM   654  C CD2 . LEU A 1 98  ? -8.492  -2.664  -3.317  1.00 19.51 ? 89  LEU A CD2 1 
ATOM   655  N N   . ARG A 1 99  ? -12.856 -2.615  -5.502  1.00 22.69 ? 90  ARG A N   1 
ATOM   656  C CA  . ARG A 1 99  ? -13.038 -2.609  -6.952  1.00 25.89 ? 90  ARG A CA  1 
ATOM   657  C C   . ARG A 1 99  ? -14.121 -1.618  -7.369  1.00 27.89 ? 90  ARG A C   1 
ATOM   658  O O   . ARG A 1 99  ? -13.931 -0.834  -8.295  1.00 27.15 ? 90  ARG A O   1 
ATOM   659  C CB  . ARG A 1 99  ? -13.385 -4.016  -7.457  1.00 27.67 ? 90  ARG A CB  1 
ATOM   660  C CG  . ARG A 1 99  ? -13.452 -4.132  -8.972  1.00 28.28 ? 90  ARG A CG  1 
ATOM   661  C CD  . ARG A 1 99  ? -12.161 -3.628  -9.603  1.00 32.30 ? 90  ARG A CD  1 
ATOM   662  N NE  . ARG A 1 99  ? -12.261 -3.499  -11.055 1.00 36.28 ? 90  ARG A NE  1 
ATOM   663  C CZ  . ARG A 1 99  ? -11.832 -4.414  -11.917 1.00 38.67 ? 90  ARG A CZ  1 
ATOM   664  N NH1 . ARG A 1 99  ? -11.961 -4.211  -13.221 1.00 42.57 ? 90  ARG A NH1 1 
ATOM   665  N NH2 . ARG A 1 99  ? -11.269 -5.530  -11.475 1.00 38.71 ? 90  ARG A NH2 1 
ATOM   666  N N   . GLU A 1 100 ? -15.255 -1.662  -6.677  1.00 29.15 ? 91  GLU A N   1 
ATOM   667  C CA  . GLU A 1 100 ? -16.337 -0.707  -6.900  1.00 32.87 ? 91  GLU A CA  1 
ATOM   668  C C   . GLU A 1 100 ? -15.867 0.729   -6.677  1.00 32.40 ? 91  GLU A C   1 
ATOM   669  O O   . GLU A 1 100 ? -16.215 1.635   -7.437  1.00 33.73 ? 91  GLU A O   1 
ATOM   670  C CB  . GLU A 1 100 ? -17.517 -1.023  -5.979  1.00 35.44 ? 91  GLU A CB  1 
ATOM   671  C CG  . GLU A 1 100 ? -18.377 0.176   -5.637  1.00 45.55 ? 91  GLU A CG  1 
ATOM   672  C CD  . GLU A 1 100 ? -19.228 -0.056  -4.403  1.00 53.53 ? 91  GLU A CD  1 
ATOM   673  O OE1 . GLU A 1 100 ? -19.697 -1.200  -4.212  1.00 51.25 ? 91  GLU A OE1 1 
ATOM   674  O OE2 . GLU A 1 100 ? -19.415 0.903   -3.619  1.00 56.19 ? 91  GLU A OE2 1 
ATOM   675  N N   . THR A 1 101 ? -15.070 0.927   -5.631  1.00 28.70 ? 92  THR A N   1 
ATOM   676  C CA  . THR A 1 101 ? -14.543 2.246   -5.305  1.00 26.71 ? 92  THR A CA  1 
ATOM   677  C C   . THR A 1 101 ? -13.595 2.736   -6.401  1.00 32.02 ? 92  THR A C   1 
ATOM   678  O O   . THR A 1 101 ? -13.677 3.885   -6.841  1.00 28.42 ? 92  THR A O   1 
ATOM   679  C CB  . THR A 1 101 ? -13.808 2.237   -3.946  1.00 29.33 ? 92  THR A CB  1 
ATOM   680  O OG1 . THR A 1 101 ? -14.720 1.856   -2.910  1.00 27.17 ? 92  THR A OG1 1 
ATOM   681  C CG2 . THR A 1 101 ? -13.232 3.607   -3.626  1.00 28.71 ? 92  THR A CG2 1 
ATOM   682  N N   . LEU A 1 102 ? -12.707 1.855   -6.851  1.00 25.71 ? 93  LEU A N   1 
ATOM   683  C CA  . LEU A 1 102 ? -11.747 2.207   -7.890  1.00 27.83 ? 93  LEU A CA  1 
ATOM   684  C C   . LEU A 1 102 ? -12.439 2.434   -9.240  1.00 27.64 ? 93  LEU A C   1 
ATOM   685  O O   . LEU A 1 102 ? -12.058 3.324   -9.998  1.00 30.57 ? 93  LEU A O   1 
ATOM   686  C CB  . LEU A 1 102 ? -10.669 1.123   -8.014  1.00 25.26 ? 93  LEU A CB  1 
ATOM   687  C CG  . LEU A 1 102 ? -9.747  0.954   -6.797  1.00 21.75 ? 93  LEU A CG  1 
ATOM   688  C CD1 . LEU A 1 102 ? -8.730  -0.162  -7.015  1.00 20.42 ? 93  LEU A CD1 1 
ATOM   689  C CD2 . LEU A 1 102 ? -9.043  2.255   -6.474  1.00 20.61 ? 93  LEU A CD2 1 
ATOM   690  N N   . ASP A 1 103 ? -13.459 1.635   -9.536  1.00 27.67 ? 94  ASP A N   1 
ATOM   691  C CA  . ASP A 1 103 ? -14.202 1.808   -10.779 1.00 30.69 ? 94  ASP A CA  1 
ATOM   692  C C   . ASP A 1 103 ? -14.912 3.155   -10.805 1.00 31.86 ? 94  ASP A C   1 
ATOM   693  O O   . ASP A 1 103 ? -14.874 3.865   -11.810 1.00 35.67 ? 94  ASP A O   1 
ATOM   694  C CB  . ASP A 1 103 ? -15.205 0.670   -10.974 1.00 31.63 ? 94  ASP A CB  1 
ATOM   695  C CG  . ASP A 1 103 ? -14.554 -0.597  -11.488 1.00 31.07 ? 94  ASP A CG  1 
ATOM   696  O OD1 . ASP A 1 103 ? -13.426 -0.512  -12.015 1.00 36.57 ? 94  ASP A OD1 1 
ATOM   697  O OD2 . ASP A 1 103 ? -15.173 -1.674  -11.375 1.00 36.18 ? 94  ASP A OD2 1 
ATOM   698  N N   . GLU A 1 104 ? -15.543 3.509   -9.690  1.00 32.24 ? 95  GLU A N   1 
ATOM   699  C CA  . GLU A 1 104 ? -16.228 4.793   -9.572  1.00 31.90 ? 95  GLU A CA  1 
ATOM   700  C C   . GLU A 1 104 ? -15.271 5.962   -9.798  1.00 35.93 ? 95  GLU A C   1 
ATOM   701  O O   . GLU A 1 104 ? -15.673 7.018   -10.284 1.00 37.97 ? 95  GLU A O   1 
ATOM   702  C CB  . GLU A 1 104 ? -16.899 4.912   -8.212  1.00 32.90 ? 95  GLU A CB  1 
ATOM   703  N N   . LEU A 1 105 ? -14.001 5.768   -9.454  1.00 33.89 ? 96  LEU A N   1 
ATOM   704  C CA  . LEU A 1 105 ? -12.990 6.805   -9.649  1.00 30.91 ? 96  LEU A CA  1 
ATOM   705  C C   . LEU A 1 105 ? -12.355 6.731   -11.034 1.00 32.23 ? 96  LEU A C   1 
ATOM   706  O O   . LEU A 1 105 ? -11.575 7.602   -11.406 1.00 34.32 ? 96  LEU A O   1 
ATOM   707  C CB  . LEU A 1 105 ? -11.896 6.698   -8.582  1.00 30.06 ? 96  LEU A CB  1 
ATOM   708  C CG  . LEU A 1 105 ? -12.249 7.091   -7.147  1.00 34.26 ? 96  LEU A CG  1 
ATOM   709  C CD1 . LEU A 1 105 ? -11.183 6.587   -6.186  1.00 27.68 ? 96  LEU A CD1 1 
ATOM   710  C CD2 . LEU A 1 105 ? -12.412 8.600   -7.022  1.00 31.56 ? 96  LEU A CD2 1 
ATOM   711  N N   . GLY A 1 106 ? -12.678 5.685   -11.788 1.00 29.20 ? 97  GLY A N   1 
ATOM   712  C CA  . GLY A 1 106 ? -12.090 5.482   -13.101 1.00 29.40 ? 97  GLY A CA  1 
ATOM   713  C C   . GLY A 1 106 ? -10.602 5.173   -13.055 1.00 30.27 ? 97  GLY A C   1 
ATOM   714  O O   . GLY A 1 106 ? -9.868  5.449   -14.007 1.00 30.17 ? 97  GLY A O   1 
ATOM   715  N N   . ALA A 1 107 ? -10.152 4.593   -11.946 1.00 29.57 ? 98  ALA A N   1 
ATOM   716  C CA  . ALA A 1 107 ? -8.730  4.317   -11.748 1.00 28.42 ? 98  ALA A CA  1 
ATOM   717  C C   . ALA A 1 107 ? -8.180  3.309   -12.755 1.00 24.93 ? 98  ALA A C   1 
ATOM   718  O O   . ALA A 1 107 ? -8.791  2.269   -13.003 1.00 30.06 ? 98  ALA A O   1 
ATOM   719  C CB  . ALA A 1 107 ? -8.488  3.820   -10.333 1.00 27.98 ? 98  ALA A CB  1 
ATOM   720  N N   . THR A 1 108 ? -7.019  3.620   -13.324 1.00 27.87 ? 99  THR A N   1 
ATOM   721  C CA  . THR A 1 108 ? -6.324  2.709   -14.231 1.00 28.79 ? 99  THR A CA  1 
ATOM   722  C C   . THR A 1 108 ? -4.933  2.374   -13.704 1.00 24.53 ? 99  THR A C   1 
ATOM   723  O O   . THR A 1 108 ? -4.338  1.363   -14.079 1.00 24.67 ? 99  THR A O   1 
ATOM   724  C CB  . THR A 1 108 ? -6.170  3.307   -15.644 1.00 29.45 ? 99  THR A CB  1 
ATOM   725  O OG1 . THR A 1 108 ? -5.233  4.391   -15.601 1.00 29.40 ? 99  THR A OG1 1 
ATOM   726  C CG2 . THR A 1 108 ? -7.507  3.808   -16.173 1.00 34.18 ? 99  THR A CG2 1 
ATOM   727  N N   . HIS A 1 109 ? -4.421  3.241   -12.839 1.00 23.26 ? 100 HIS A N   1 
ATOM   728  C CA  . HIS A 1 109 ? -3.060  3.139   -12.329 1.00 24.95 ? 100 HIS A CA  1 
ATOM   729  C C   . HIS A 1 109 ? -3.057  3.289   -10.811 1.00 26.50 ? 100 HIS A C   1 
ATOM   730  O O   . HIS A 1 109 ? -3.502  4.308   -10.286 1.00 25.32 ? 100 HIS A O   1 
ATOM   731  C CB  . HIS A 1 109 ? -2.175  4.205   -12.990 1.00 25.96 ? 100 HIS A CB  1 
ATOM   732  C CG  . HIS A 1 109 ? -0.810  4.336   -12.385 1.00 26.70 ? 100 HIS A CG  1 
ATOM   733  N ND1 . HIS A 1 109 ? -0.247  5.557   -12.081 1.00 25.27 ? 100 HIS A ND1 1 
ATOM   734  C CD2 . HIS A 1 109 ? 0.108   3.402   -12.038 1.00 24.33 ? 100 HIS A CD2 1 
ATOM   735  C CE1 . HIS A 1 109 ? 0.958   5.370   -11.569 1.00 24.47 ? 100 HIS A CE1 1 
ATOM   736  N NE2 . HIS A 1 109 ? 1.197   4.070   -11.533 1.00 24.68 ? 100 HIS A NE2 1 
ATOM   737  N N   . LEU A 1 110 ? -2.575  2.267   -10.109 1.00 23.88 ? 101 LEU A N   1 
ATOM   738  C CA  . LEU A 1 110 ? -2.534  2.305   -8.650  1.00 19.15 ? 101 LEU A CA  1 
ATOM   739  C C   . LEU A 1 110 ? -1.112  2.510   -8.133  1.00 21.37 ? 101 LEU A C   1 
ATOM   740  O O   . LEU A 1 110 ? -0.199  1.764   -8.483  1.00 21.73 ? 101 LEU A O   1 
ATOM   741  C CB  . LEU A 1 110 ? -3.117  1.020   -8.058  1.00 17.81 ? 101 LEU A CB  1 
ATOM   742  C CG  . LEU A 1 110 ? -4.511  0.622   -8.543  1.00 21.47 ? 101 LEU A CG  1 
ATOM   743  C CD1 . LEU A 1 110 ? -4.964  -0.677  -7.881  1.00 16.14 ? 101 LEU A CD1 1 
ATOM   744  C CD2 . LEU A 1 110 ? -5.502  1.744   -8.280  1.00 22.21 ? 101 LEU A CD2 1 
ATOM   745  N N   . VAL A 1 111 ? -0.936  3.533   -7.305  1.00 19.95 ? 102 VAL A N   1 
ATOM   746  C CA  . VAL A 1 111 ? 0.342   3.797   -6.657  1.00 19.84 ? 102 VAL A CA  1 
ATOM   747  C C   . VAL A 1 111 ? 0.263   3.303   -5.219  1.00 19.27 ? 102 VAL A C   1 
ATOM   748  O O   . VAL A 1 111 ? -0.463  3.866   -4.402  1.00 17.88 ? 102 VAL A O   1 
ATOM   749  C CB  . VAL A 1 111 ? 0.697   5.295   -6.688  1.00 21.02 ? 102 VAL A CB  1 
ATOM   750  C CG1 . VAL A 1 111 ? 1.950   5.572   -5.860  1.00 21.41 ? 102 VAL A CG1 1 
ATOM   751  C CG2 . VAL A 1 111 ? 0.871   5.768   -8.133  1.00 21.98 ? 102 VAL A CG2 1 
ATOM   752  N N   . ILE A 1 112 ? 1.008   2.246   -4.917  1.00 15.79 ? 103 ILE A N   1 
ATOM   753  C CA  . ILE A 1 112 ? 0.827   1.537   -3.657  1.00 16.27 ? 103 ILE A CA  1 
ATOM   754  C C   . ILE A 1 112 ? 1.893   1.845   -2.610  1.00 19.19 ? 103 ILE A C   1 
ATOM   755  O O   . ILE A 1 112 ? 3.092   1.777   -2.874  1.00 17.63 ? 103 ILE A O   1 
ATOM   756  C CB  . ILE A 1 112 ? 0.784   0.014   -3.891  1.00 16.14 ? 103 ILE A CB  1 
ATOM   757  C CG1 . ILE A 1 112 ? -0.432  -0.339  -4.755  1.00 18.32 ? 103 ILE A CG1 1 
ATOM   758  C CG2 . ILE A 1 112 ? 0.747   -0.729  -2.564  1.00 15.90 ? 103 ILE A CG2 1 
ATOM   759  C CD1 . ILE A 1 112 ? -0.539  -1.804  -5.118  1.00 18.93 ? 103 ILE A CD1 1 
ATOM   760  N N   . THR A 1 113 ? 1.420   2.190   -1.416  1.00 16.74 ? 104 THR A N   1 
ATOM   761  C CA  . THR A 1 113 ? 2.256   2.382   -0.240  1.00 16.13 ? 104 THR A CA  1 
ATOM   762  C C   . THR A 1 113 ? 1.552   1.681   0.916   1.00 17.96 ? 104 THR A C   1 
ATOM   763  O O   . THR A 1 113 ? 0.330   1.544   0.895   1.00 18.68 ? 104 THR A O   1 
ATOM   764  C CB  . THR A 1 113 ? 2.467   3.882   0.079   1.00 16.46 ? 104 THR A CB  1 
ATOM   765  O OG1 . THR A 1 113 ? 3.045   4.033   1.383   1.00 18.65 ? 104 THR A OG1 1 
ATOM   766  C CG2 . THR A 1 113 ? 1.131   4.629   0.035   1.00 19.08 ? 104 THR A CG2 1 
ATOM   767  N N   . GLY A 1 114 ? 2.302   1.213   1.910   1.00 16.09 ? 105 GLY A N   1 
ATOM   768  C CA  . GLY A 1 114 ? 1.663   0.649   3.089   1.00 17.11 ? 105 GLY A CA  1 
ATOM   769  C C   . GLY A 1 114 ? 2.381   -0.486  3.790   1.00 18.49 ? 105 GLY A C   1 
ATOM   770  O O   . GLY A 1 114 ? 3.591   -0.655  3.652   1.00 15.37 ? 105 GLY A O   1 
ATOM   771  N N   . ALA A 1 115 ? 1.619   -1.259  4.560   1.00 16.61 ? 106 ALA A N   1 
ATOM   772  C CA  . ALA A 1 115 ? 2.140   -2.415  5.285   1.00 18.13 ? 106 ALA A CA  1 
ATOM   773  C C   . ALA A 1 115 ? 1.094   -3.538  5.304   1.00 16.06 ? 106 ALA A C   1 
ATOM   774  O O   . ALA A 1 115 ? -0.088  -3.284  5.097   1.00 18.75 ? 106 ALA A O   1 
ATOM   775  C CB  . ALA A 1 115 ? 2.531   -2.016  6.711   1.00 14.76 ? 106 ALA A CB  1 
ATOM   776  N N   . GLN A 1 116 ? 1.523   -4.778  5.525   1.00 16.02 ? 107 GLN A N   1 
ATOM   777  C CA  . GLN A 1 116 ? 2.935   -5.128  5.589   1.00 16.58 ? 107 GLN A CA  1 
ATOM   778  C C   . GLN A 1 116 ? 3.384   -5.586  4.214   1.00 15.84 ? 107 GLN A C   1 
ATOM   779  O O   . GLN A 1 116 ? 2.594   -6.158  3.457   1.00 15.59 ? 107 GLN A O   1 
ATOM   780  C CB  . GLN A 1 116 ? 3.186   -6.227  6.624   1.00 16.66 ? 107 GLN A CB  1 
ATOM   781  C CG  . GLN A 1 116 ? 2.882   -5.826  8.056   1.00 17.85 ? 107 GLN A CG  1 
ATOM   782  C CD  . GLN A 1 116 ? 2.867   -7.018  8.995   1.00 21.74 ? 107 GLN A CD  1 
ATOM   783  O OE1 . GLN A 1 116 ? 1.848   -7.318  9.608   1.00 23.64 ? 107 GLN A OE1 1 
ATOM   784  N NE2 . GLN A 1 116 ? 3.996   -7.707  9.102   1.00 18.96 ? 107 GLN A NE2 1 
ATOM   785  N N   . SER A 1 117 ? 4.649   -5.321  3.899   1.00 15.66 ? 108 SER A N   1 
ATOM   786  C CA  . SER A 1 117 ? 5.226   -5.654  2.598   1.00 14.42 ? 108 SER A CA  1 
ATOM   787  C C   . SER A 1 117 ? 4.897   -7.075  2.142   1.00 16.07 ? 108 SER A C   1 
ATOM   788  O O   . SER A 1 117 ? 4.498   -7.289  0.993   1.00 14.98 ? 108 SER A O   1 
ATOM   789  C CB  . SER A 1 117 ? 6.747   -5.477  2.641   1.00 14.45 ? 108 SER A CB  1 
ATOM   790  O OG  . SER A 1 117 ? 7.100   -4.197  3.137   1.00 14.19 ? 108 SER A OG  1 
ATOM   791  N N   . ASP A 1 118 ? 5.056   -8.044  3.043   1.00 11.90 ? 109 ASP A N   1 
ATOM   792  C CA  . ASP A 1 118 ? 4.948   -9.449  2.646   1.00 11.80 ? 109 ASP A CA  1 
ATOM   793  C C   . ASP A 1 118 ? 3.559   -10.054 2.864   1.00 15.76 ? 109 ASP A C   1 
ATOM   794  O O   . ASP A 1 118 ? 3.351   -11.240 2.615   1.00 13.30 ? 109 ASP A O   1 
ATOM   795  C CB  . ASP A 1 118 ? 6.012   -10.296 3.371   1.00 13.24 ? 109 ASP A CB  1 
ATOM   796  C CG  . ASP A 1 118 ? 6.115   -10.001 4.871   1.00 16.94 ? 109 ASP A CG  1 
ATOM   797  O OD1 . ASP A 1 118 ? 5.566   -8.983  5.359   1.00 15.28 ? 109 ASP A OD1 1 
ATOM   798  O OD2 . ASP A 1 118 ? 6.790   -10.796 5.568   1.00 15.06 ? 109 ASP A OD2 1 
ATOM   799  N N   . PHE A 1 119 ? 2.600   -9.246  3.307   1.00 13.63 ? 110 PHE A N   1 
ATOM   800  C CA  . PHE A 1 119 ? 1.261   -9.772  3.540   1.00 14.60 ? 110 PHE A CA  1 
ATOM   801  C C   . PHE A 1 119 ? 0.201   -8.991  2.768   1.00 14.63 ? 110 PHE A C   1 
ATOM   802  O O   . PHE A 1 119 ? -0.093  -9.335  1.627   1.00 12.85 ? 110 PHE A O   1 
ATOM   803  C CB  . PHE A 1 119 ? 0.965   -9.797  5.039   1.00 16.77 ? 110 PHE A CB  1 
ATOM   804  C CG  . PHE A 1 119 ? 1.918   -10.664 5.816   1.00 17.17 ? 110 PHE A CG  1 
ATOM   805  C CD1 . PHE A 1 119 ? 1.974   -12.032 5.584   1.00 17.25 ? 110 PHE A CD1 1 
ATOM   806  C CD2 . PHE A 1 119 ? 2.774   -10.115 6.755   1.00 16.34 ? 110 PHE A CD2 1 
ATOM   807  C CE1 . PHE A 1 119 ? 2.862   -12.838 6.287   1.00 20.58 ? 110 PHE A CE1 1 
ATOM   808  C CE2 . PHE A 1 119 ? 3.658   -10.914 7.464   1.00 18.18 ? 110 PHE A CE2 1 
ATOM   809  C CZ  . PHE A 1 119 ? 3.701   -12.276 7.231   1.00 17.21 ? 110 PHE A CZ  1 
ATOM   810  N N   . ALA A 1 120 ? -0.361  -7.942  3.364   1.00 18.99 ? 111 ALA A N   1 
ATOM   811  C CA  . ALA A 1 120 ? -1.408  -7.164  2.683   1.00 17.02 ? 111 ALA A CA  1 
ATOM   812  C C   . ALA A 1 120 ? -0.891  -6.452  1.427   1.00 16.15 ? 111 ALA A C   1 
ATOM   813  O O   . ALA A 1 120 ? -1.596  -6.367  0.417   1.00 16.45 ? 111 ALA A O   1 
ATOM   814  C CB  . ALA A 1 120 ? -2.021  -6.149  3.638   1.00 15.64 ? 111 ALA A CB  1 
ATOM   815  N N   . VAL A 1 121 ? 0.329   -5.924  1.487   1.00 14.79 ? 112 VAL A N   1 
ATOM   816  C CA  . VAL A 1 121 ? 0.878   -5.220  0.329   1.00 13.51 ? 112 VAL A CA  1 
ATOM   817  C C   . VAL A 1 121 ? 1.165   -6.226  -0.786  1.00 15.37 ? 112 VAL A C   1 
ATOM   818  O O   . VAL A 1 121 ? 0.704   -6.060  -1.912  1.00 14.33 ? 112 VAL A O   1 
ATOM   819  C CB  . VAL A 1 121 ? 2.162   -4.425  0.681   1.00 15.07 ? 112 VAL A CB  1 
ATOM   820  C CG1 . VAL A 1 121 ? 2.787   -3.831  -0.577  1.00 14.80 ? 112 VAL A CG1 1 
ATOM   821  C CG2 . VAL A 1 121 ? 1.845   -3.311  1.692   1.00 13.24 ? 112 VAL A CG2 1 
ATOM   822  N N   . ARG A 1 122 ? 1.909   -7.278  -0.454  1.00 14.61 ? 113 ARG A N   1 
ATOM   823  C CA  . ARG A 1 122 ? 2.235   -8.338  -1.407  1.00 16.56 ? 113 ARG A CA  1 
ATOM   824  C C   . ARG A 1 122 ? 0.988   -8.875  -2.106  1.00 16.76 ? 113 ARG A C   1 
ATOM   825  O O   . ARG A 1 122 ? 0.951   -8.996  -3.328  1.00 14.76 ? 113 ARG A O   1 
ATOM   826  C CB  . ARG A 1 122 ? 2.974   -9.480  -0.694  1.00 14.42 ? 113 ARG A CB  1 
ATOM   827  C CG  . ARG A 1 122 ? 2.886   -10.845 -1.377  1.00 15.78 ? 113 ARG A CG  1 
ATOM   828  C CD  . ARG A 1 122 ? 3.907   -11.826 -0.789  1.00 17.64 ? 113 ARG A CD  1 
ATOM   829  N NE  . ARG A 1 122 ? 3.939   -13.107 -1.505  1.00 17.01 ? 113 ARG A NE  1 
ATOM   830  C CZ  . ARG A 1 122 ? 4.930   -13.991 -1.415  1.00 18.04 ? 113 ARG A CZ  1 
ATOM   831  N NH1 . ARG A 1 122 ? 5.988   -13.739 -0.649  1.00 17.07 ? 113 ARG A NH1 1 
ATOM   832  N NH2 . ARG A 1 122 ? 4.869   -15.127 -2.099  1.00 16.42 ? 113 ARG A NH2 1 
ATOM   833  N N   . THR A 1 123 ? -0.042  -9.172  -1.324  1.00 14.38 ? 114 THR A N   1 
ATOM   834  C CA  . THR A 1 123 ? -1.224  -9.841  -1.855  1.00 13.74 ? 114 THR A CA  1 
ATOM   835  C C   . THR A 1 123 ? -2.096  -8.880  -2.663  1.00 15.60 ? 114 THR A C   1 
ATOM   836  O O   . THR A 1 123 ? -2.647  -9.248  -3.701  1.00 15.76 ? 114 THR A O   1 
ATOM   837  C CB  . THR A 1 123 ? -2.045  -10.477 -0.712  1.00 16.58 ? 114 THR A CB  1 
ATOM   838  O OG1 . THR A 1 123 ? -1.167  -11.238 0.135   1.00 16.25 ? 114 THR A OG1 1 
ATOM   839  C CG2 . THR A 1 123 ? -3.126  -11.392 -1.273  1.00 16.10 ? 114 THR A CG2 1 
ATOM   840  N N   . THR A 1 124 ? -2.208  -7.641  -2.193  1.00 14.96 ? 115 THR A N   1 
ATOM   841  C CA  . THR A 1 124 ? -3.029  -6.651  -2.874  1.00 14.74 ? 115 THR A CA  1 
ATOM   842  C C   . THR A 1 124 ? -2.398  -6.215  -4.198  1.00 15.53 ? 115 THR A C   1 
ATOM   843  O O   . THR A 1 124 ? -3.092  -6.090  -5.203  1.00 17.07 ? 115 THR A O   1 
ATOM   844  C CB  . THR A 1 124 ? -3.267  -5.407  -1.991  1.00 15.19 ? 115 THR A CB  1 
ATOM   845  O OG1 . THR A 1 124 ? -3.970  -5.790  -0.803  1.00 16.12 ? 115 THR A OG1 1 
ATOM   846  C CG2 . THR A 1 124 ? -4.086  -4.365  -2.742  1.00 12.55 ? 115 THR A CG2 1 
ATOM   847  N N   . MET A 1 125 ? -1.087  -5.983  -4.199  1.00 14.36 ? 116 MET A N   1 
ATOM   848  C CA  . MET A 1 125 ? -0.423  -5.481  -5.400  1.00 16.46 ? 116 MET A CA  1 
ATOM   849  C C   . MET A 1 125 ? -0.433  -6.530  -6.507  1.00 15.51 ? 116 MET A C   1 
ATOM   850  O O   . MET A 1 125 ? -0.615  -6.202  -7.678  1.00 18.43 ? 116 MET A O   1 
ATOM   851  C CB  . MET A 1 125 ? 1.011   -5.028  -5.088  1.00 15.65 ? 116 MET A CB  1 
ATOM   852  C CG  . MET A 1 125 ? 2.003   -6.139  -4.794  1.00 17.77 ? 116 MET A CG  1 
ATOM   853  S SD  . MET A 1 125 ? 3.640   -5.490  -4.361  1.00 21.61 ? 116 MET A SD  1 
ATOM   854  C CE  . MET A 1 125 ? 4.651   -6.948  -4.642  1.00 16.06 ? 116 MET A CE  1 
ATOM   855  N N   . GLN A 1 126 ? -0.269  -7.795  -6.142  1.00 14.21 ? 117 GLN A N   1 
ATOM   856  C CA  . GLN A 1 126 ? -0.314  -8.854  -7.145  1.00 18.04 ? 117 GLN A CA  1 
ATOM   857  C C   . GLN A 1 126 ? -1.744  -9.091  -7.640  1.00 16.97 ? 117 GLN A C   1 
ATOM   858  O O   . GLN A 1 126 ? -1.957  -9.378  -8.817  1.00 16.81 ? 117 GLN A O   1 
ATOM   859  C CB  . GLN A 1 126 ? 0.309   -10.140 -6.597  1.00 18.12 ? 117 GLN A CB  1 
ATOM   860  C CG  . GLN A 1 126 ? 1.840   -10.075 -6.641  1.00 17.88 ? 117 GLN A CG  1 
ATOM   861  C CD  . GLN A 1 126 ? 2.529   -11.270 -6.025  1.00 17.14 ? 117 GLN A CD  1 
ATOM   862  O OE1 . GLN A 1 126 ? 3.447   -11.113 -5.222  1.00 18.50 ? 117 GLN A OE1 1 
ATOM   863  N NE2 . GLN A 1 126 ? 2.112   -12.473 -6.414  1.00 20.55 ? 117 GLN A NE2 1 
ATOM   864  N N   . ARG A 1 127 ? -2.720  -8.945  -6.751  1.00 14.85 ? 118 ARG A N   1 
ATOM   865  C CA  . ARG A 1 127 ? -4.124  -9.011  -7.154  1.00 17.22 ? 118 ARG A CA  1 
ATOM   866  C C   . ARG A 1 127 ? -4.445  -7.887  -8.131  1.00 16.88 ? 118 ARG A C   1 
ATOM   867  O O   . ARG A 1 127 ? -5.087  -8.105  -9.160  1.00 19.25 ? 118 ARG A O   1 
ATOM   868  C CB  . ARG A 1 127 ? -5.049  -8.926  -5.934  1.00 16.64 ? 118 ARG A CB  1 
ATOM   869  C CG  . ARG A 1 127 ? -6.533  -8.860  -6.286  1.00 20.31 ? 118 ARG A CG  1 
ATOM   870  C CD  . ARG A 1 127 ? -7.015  -10.131 -6.982  1.00 19.64 ? 118 ARG A CD  1 
ATOM   871  N NE  . ARG A 1 127 ? -8.431  -10.055 -7.342  1.00 20.08 ? 118 ARG A NE  1 
ATOM   872  C CZ  . ARG A 1 127 ? -9.428  -10.472 -6.566  1.00 23.73 ? 118 ARG A CZ  1 
ATOM   873  N NH1 . ARG A 1 127 ? -9.168  -11.003 -5.377  1.00 21.09 ? 118 ARG A NH1 1 
ATOM   874  N NH2 . ARG A 1 127 ? -10.686 -10.357 -6.975  1.00 25.07 ? 118 ARG A NH2 1 
ATOM   875  N N   . ALA A 1 128 ? -3.995  -6.682  -7.794  1.00 16.01 ? 119 ALA A N   1 
ATOM   876  C CA  . ALA A 1 128 ? -4.167  -5.518  -8.664  1.00 17.57 ? 119 ALA A CA  1 
ATOM   877  C C   . ALA A 1 128 ? -3.604  -5.789  -10.055 1.00 19.51 ? 119 ALA A C   1 
ATOM   878  O O   . ALA A 1 128 ? -4.246  -5.490  -11.066 1.00 22.39 ? 119 ALA A O   1 
ATOM   879  C CB  . ALA A 1 128 ? -3.503  -4.294  -8.053  1.00 16.95 ? 119 ALA A CB  1 
ATOM   880  N N   . ALA A 1 129 ? -2.407  -6.367  -10.102 1.00 17.49 ? 120 ALA A N   1 
ATOM   881  C CA  . ALA A 1 129 ? -1.786  -6.728  -11.374 1.00 19.98 ? 120 ALA A CA  1 
ATOM   882  C C   . ALA A 1 129 ? -2.653  -7.729  -12.137 1.00 20.50 ? 120 ALA A C   1 
ATOM   883  O O   . ALA A 1 129 ? -2.896  -7.577  -13.337 1.00 19.87 ? 120 ALA A O   1 
ATOM   884  C CB  . ALA A 1 129 ? -0.388  -7.295  -11.145 1.00 14.83 ? 120 ALA A CB  1 
ATOM   885  N N   . ALA A 1 130 ? -3.126  -8.751  -11.431 1.00 17.53 ? 121 ALA A N   1 
ATOM   886  C CA  . ALA A 1 130 ? -3.980  -9.764  -12.036 1.00 23.27 ? 121 ALA A CA  1 
ATOM   887  C C   . ALA A 1 130 ? -5.268  -9.161  -12.611 1.00 23.08 ? 121 ALA A C   1 
ATOM   888  O O   . ALA A 1 130 ? -5.747  -9.599  -13.659 1.00 23.75 ? 121 ALA A O   1 
ATOM   889  C CB  . ALA A 1 130 ? -4.314  -10.847 -11.017 1.00 19.85 ? 121 ALA A CB  1 
ATOM   890  N N   . GLU A 1 131 ? -5.820  -8.163  -11.926 1.00 20.71 ? 122 GLU A N   1 
ATOM   891  C CA  . GLU A 1 131 ? -7.069  -7.530  -12.356 1.00 24.48 ? 122 GLU A CA  1 
ATOM   892  C C   . GLU A 1 131 ? -6.871  -6.642  -13.584 1.00 25.22 ? 122 GLU A C   1 
ATOM   893  O O   . GLU A 1 131 ? -7.836  -6.266  -14.244 1.00 30.23 ? 122 GLU A O   1 
ATOM   894  C CB  . GLU A 1 131 ? -7.681  -6.702  -11.220 1.00 17.88 ? 122 GLU A CB  1 
ATOM   895  C CG  . GLU A 1 131 ? -8.191  -7.518  -10.036 1.00 22.14 ? 122 GLU A CG  1 
ATOM   896  C CD  . GLU A 1 131 ? -9.400  -8.387  -10.375 1.00 31.61 ? 122 GLU A CD  1 
ATOM   897  O OE1 . GLU A 1 131 ? -9.785  -9.224  -9.531  1.00 27.94 ? 122 GLU A OE1 1 
ATOM   898  O OE2 . GLU A 1 131 ? -9.970  -8.236  -11.478 1.00 31.75 ? 122 GLU A OE2 1 
ATOM   899  N N   . GLY A 1 132 ? -5.621  -6.299  -13.882 1.00 24.18 ? 123 GLY A N   1 
ATOM   900  C CA  . GLY A 1 132 ? -5.309  -5.557  -15.091 1.00 25.49 ? 123 GLY A CA  1 
ATOM   901  C C   . GLY A 1 132 ? -4.868  -4.118  -14.900 1.00 24.00 ? 123 GLY A C   1 
ATOM   902  O O   . GLY A 1 132 ? -4.705  -3.385  -15.872 1.00 24.36 ? 123 GLY A O   1 
ATOM   903  N N   . TYR A 1 133 ? -4.669  -3.705  -13.653 1.00 22.00 ? 124 TYR A N   1 
ATOM   904  C CA  . TYR A 1 133 ? -4.197  -2.353  -13.380 1.00 20.43 ? 124 TYR A CA  1 
ATOM   905  C C   . TYR A 1 133 ? -2.736  -2.162  -13.762 1.00 23.42 ? 124 TYR A C   1 
ATOM   906  O O   . TYR A 1 133 ? -1.952  -3.106  -13.723 1.00 22.36 ? 124 TYR A O   1 
ATOM   907  C CB  . TYR A 1 133 ? -4.366  -2.006  -11.897 1.00 19.85 ? 124 TYR A CB  1 
ATOM   908  C CG  . TYR A 1 133 ? -5.799  -1.844  -11.468 1.00 21.57 ? 124 TYR A CG  1 
ATOM   909  C CD1 . TYR A 1 133 ? -6.460  -0.631  -11.625 1.00 24.63 ? 124 TYR A CD1 1 
ATOM   910  C CD2 . TYR A 1 133 ? -6.498  -2.906  -10.915 1.00 21.66 ? 124 TYR A CD2 1 
ATOM   911  C CE1 . TYR A 1 133 ? -7.780  -0.484  -11.237 1.00 24.73 ? 124 TYR A CE1 1 
ATOM   912  C CE2 . TYR A 1 133 ? -7.814  -2.770  -10.523 1.00 22.80 ? 124 TYR A CE2 1 
ATOM   913  C CZ  . TYR A 1 133 ? -8.451  -1.560  -10.690 1.00 24.12 ? 124 TYR A CZ  1 
ATOM   914  O OH  . TYR A 1 133 ? -9.762  -1.429  -10.298 1.00 25.70 ? 124 TYR A OH  1 
ATOM   915  N N   . ASP A 1 134 ? -2.381  -0.936  -14.142 1.00 21.00 ? 125 ASP A N   1 
ATOM   916  C CA  . ASP A 1 134 ? -0.994  -0.500  -14.069 1.00 21.79 ? 125 ASP A CA  1 
ATOM   917  C C   . ASP A 1 134 ? -0.705  -0.243  -12.596 1.00 22.56 ? 125 ASP A C   1 
ATOM   918  O O   . ASP A 1 134 ? -1.528  0.339   -11.892 1.00 21.71 ? 125 ASP A O   1 
ATOM   919  C CB  . ASP A 1 134 ? -0.743  0.764   -14.891 1.00 21.54 ? 125 ASP A CB  1 
ATOM   920  C CG  . ASP A 1 134 ? -0.994  0.564   -16.374 1.00 27.52 ? 125 ASP A CG  1 
ATOM   921  O OD1 . ASP A 1 134 ? -0.676  -0.523  -16.898 1.00 24.51 ? 125 ASP A OD1 1 
ATOM   922  O OD2 . ASP A 1 134 ? -1.508  1.504   -17.015 1.00 32.64 ? 125 ASP A OD2 1 
ATOM   923  N N   . VAL A 1 135 ? 0.447   -0.686  -12.118 1.00 23.84 ? 126 VAL A N   1 
ATOM   924  C CA  . VAL A 1 135 ? 0.753   -0.517  -10.708 1.00 20.35 ? 126 VAL A CA  1 
ATOM   925  C C   . VAL A 1 135 ? 2.152   0.033   -10.508 1.00 18.55 ? 126 VAL A C   1 
ATOM   926  O O   . VAL A 1 135 ? 3.107   -0.380  -11.175 1.00 19.57 ? 126 VAL A O   1 
ATOM   927  C CB  . VAL A 1 135 ? 0.612   -1.842  -9.928  1.00 17.86 ? 126 VAL A CB  1 
ATOM   928  C CG1 . VAL A 1 135 ? 0.860   -1.612  -8.437  1.00 17.41 ? 126 VAL A CG1 1 
ATOM   929  C CG2 . VAL A 1 135 ? -0.767  -2.436  -10.145 1.00 19.61 ? 126 VAL A CG2 1 
ATOM   930  N N   . THR A 1 136 ? 2.258   0.981   -9.589  1.00 19.57 ? 127 THR A N   1 
ATOM   931  C CA  . THR A 1 136 ? 3.543   1.519   -9.188  1.00 19.99 ? 127 THR A CA  1 
ATOM   932  C C   . THR A 1 136 ? 3.721   1.209   -7.717  1.00 20.20 ? 127 THR A C   1 
ATOM   933  O O   . THR A 1 136 ? 2.884   1.589   -6.901  1.00 19.72 ? 127 THR A O   1 
ATOM   934  C CB  . THR A 1 136 ? 3.637   3.043   -9.426  1.00 23.66 ? 127 THR A CB  1 
ATOM   935  O OG1 . THR A 1 136 ? 3.580   3.317   -10.831 1.00 24.58 ? 127 THR A OG1 1 
ATOM   936  C CG2 . THR A 1 136 ? 4.935   3.603   -8.853  1.00 20.56 ? 127 THR A CG2 1 
ATOM   937  N N   . LEU A 1 137 ? 4.781   0.482   -7.384  1.00 19.36 ? 128 LEU A N   1 
ATOM   938  C CA  . LEU A 1 137 ? 5.100   0.233   -5.983  1.00 17.37 ? 128 LEU A CA  1 
ATOM   939  C C   . LEU A 1 137 ? 6.066   1.305   -5.493  1.00 19.56 ? 128 LEU A C   1 
ATOM   940  O O   . LEU A 1 137 ? 7.094   1.564   -6.128  1.00 19.57 ? 128 LEU A O   1 
ATOM   941  C CB  . LEU A 1 137 ? 5.695   -1.163  -5.793  1.00 18.37 ? 128 LEU A CB  1 
ATOM   942  C CG  . LEU A 1 137 ? 6.107   -1.498  -4.354  1.00 17.55 ? 128 LEU A CG  1 
ATOM   943  C CD1 . LEU A 1 137 ? 4.911   -1.406  -3.416  1.00 16.12 ? 128 LEU A CD1 1 
ATOM   944  C CD2 . LEU A 1 137 ? 6.769   -2.875  -4.274  1.00 15.68 ? 128 LEU A CD2 1 
ATOM   945  N N   . VAL A 1 138 ? 5.723   1.948   -4.381  1.00 17.35 ? 129 VAL A N   1 
ATOM   946  C CA  . VAL A 1 138 ? 6.561   3.006   -3.824  1.00 17.89 ? 129 VAL A CA  1 
ATOM   947  C C   . VAL A 1 138 ? 7.636   2.373   -2.948  1.00 17.62 ? 129 VAL A C   1 
ATOM   948  O O   . VAL A 1 138 ? 7.383   1.995   -1.800  1.00 17.59 ? 129 VAL A O   1 
ATOM   949  C CB  . VAL A 1 138 ? 5.727   4.024   -3.014  1.00 21.83 ? 129 VAL A CB  1 
ATOM   950  C CG1 . VAL A 1 138 ? 6.604   5.174   -2.529  1.00 19.24 ? 129 VAL A CG1 1 
ATOM   951  C CG2 . VAL A 1 138 ? 4.574   4.553   -3.864  1.00 19.54 ? 129 VAL A CG2 1 
ATOM   952  N N   . SER A 1 139 ? 8.836   2.258   -3.512  1.00 18.54 ? 130 SER A N   1 
ATOM   953  C CA  . SER A 1 139 ? 9.892   1.405   -2.967  1.00 18.65 ? 130 SER A CA  1 
ATOM   954  C C   . SER A 1 139 ? 10.326  1.770   -1.555  1.00 15.16 ? 130 SER A C   1 
ATOM   955  O O   . SER A 1 139 ? 10.780  0.907   -0.796  1.00 17.60 ? 130 SER A O   1 
ATOM   956  C CB  . SER A 1 139 ? 11.112  1.436   -3.892  1.00 20.00 ? 130 SER A CB  1 
ATOM   957  O OG  . SER A 1 139 ? 11.616  2.757   -4.012  1.00 21.55 ? 130 SER A OG  1 
ATOM   958  N N   . ASP A 1 140 ? 10.203  3.043   -1.198  1.00 17.77 ? 131 ASP A N   1 
ATOM   959  C CA  . ASP A 1 140 ? 10.646  3.489   0.116   1.00 17.21 ? 131 ASP A CA  1 
ATOM   960  C C   . ASP A 1 140 ? 9.461   3.815   1.020   1.00 20.01 ? 131 ASP A C   1 
ATOM   961  O O   . ASP A 1 140 ? 9.615   4.490   2.045   1.00 19.60 ? 131 ASP A O   1 
ATOM   962  C CB  . ASP A 1 140 ? 11.581  4.703   -0.011  1.00 20.95 ? 131 ASP A CB  1 
ATOM   963  C CG  . ASP A 1 140 ? 10.925  5.884   -0.705  1.00 23.87 ? 131 ASP A CG  1 
ATOM   964  O OD1 . ASP A 1 140 ? 9.831   5.712   -1.283  1.00 21.47 ? 131 ASP A OD1 1 
ATOM   965  O OD2 . ASP A 1 140 ? 11.512  6.987   -0.677  1.00 25.50 ? 131 ASP A OD2 1 
ATOM   966  N N   . ALA A 1 141 ? 8.281   3.321   0.655   1.00 15.34 ? 132 ALA A N   1 
ATOM   967  C CA  . ALA A 1 141 ? 7.090   3.581   1.455   1.00 17.11 ? 132 ALA A CA  1 
ATOM   968  C C   . ALA A 1 141 ? 6.279   2.319   1.764   1.00 16.01 ? 132 ALA A C   1 
ATOM   969  O O   . ALA A 1 141 ? 5.054   2.367   1.823   1.00 16.49 ? 132 ALA A O   1 
ATOM   970  C CB  . ALA A 1 141 ? 6.204   4.619   0.757   1.00 17.44 ? 132 ALA A CB  1 
ATOM   971  N N   . HIS A 1 142 ? 6.961   1.194   1.967   1.00 16.29 ? 133 HIS A N   1 
ATOM   972  C CA  . HIS A 1 142 ? 6.314   0.008   2.527   1.00 15.23 ? 133 HIS A CA  1 
ATOM   973  C C   . HIS A 1 142 ? 7.274   -0.701  3.471   1.00 17.51 ? 133 HIS A C   1 
ATOM   974  O O   . HIS A 1 142 ? 8.491   -0.574  3.350   1.00 15.86 ? 133 HIS A O   1 
ATOM   975  C CB  . HIS A 1 142 ? 5.831   -0.948  1.424   1.00 15.40 ? 133 HIS A CB  1 
ATOM   976  C CG  . HIS A 1 142 ? 6.934   -1.525  0.589   1.00 15.51 ? 133 HIS A CG  1 
ATOM   977  N ND1 . HIS A 1 142 ? 7.525   -2.741  0.868   1.00 16.24 ? 133 HIS A ND1 1 
ATOM   978  C CD2 . HIS A 1 142 ? 7.552   -1.052  -0.520  1.00 17.62 ? 133 HIS A CD2 1 
ATOM   979  C CE1 . HIS A 1 142 ? 8.461   -2.990  -0.032  1.00 15.82 ? 133 HIS A CE1 1 
ATOM   980  N NE2 . HIS A 1 142 ? 8.502   -1.978  -0.882  1.00 14.27 ? 133 HIS A NE2 1 
ATOM   981  N N   . THR A 1 143 ? 6.728   -1.440  4.428   1.00 14.89 ? 134 THR A N   1 
ATOM   982  C CA  . THR A 1 143 ? 7.580   -2.088  5.403   1.00 14.91 ? 134 THR A CA  1 
ATOM   983  C C   . THR A 1 143 ? 6.900   -3.277  6.064   1.00 14.88 ? 134 THR A C   1 
ATOM   984  O O   . THR A 1 143 ? 5.697   -3.501  5.899   1.00 15.36 ? 134 THR A O   1 
ATOM   985  C CB  . THR A 1 143 ? 8.029   -1.097  6.500   1.00 17.58 ? 134 THR A CB  1 
ATOM   986  O OG1 . THR A 1 143 ? 8.927   -1.757  7.395   1.00 18.83 ? 134 THR A OG1 1 
ATOM   987  C CG2 . THR A 1 143 ? 6.830   -0.573  7.285   1.00 13.40 ? 134 THR A CG2 1 
ATOM   988  N N   . THR A 1 144 ? 7.701   -4.035  6.806   1.00 16.54 ? 135 THR A N   1 
ATOM   989  C CA  . THR A 1 144 ? 7.227   -5.173  7.579   1.00 15.07 ? 135 THR A CA  1 
ATOM   990  C C   . THR A 1 144 ? 8.245   -5.480  8.683   1.00 18.44 ? 135 THR A C   1 
ATOM   991  O O   . THR A 1 144 ? 9.224   -4.753  8.845   1.00 17.96 ? 135 THR A O   1 
ATOM   992  C CB  . THR A 1 144 ? 7.006   -6.415  6.691   1.00 14.01 ? 135 THR A CB  1 
ATOM   993  O OG1 . THR A 1 144 ? 6.356   -7.441  7.452   1.00 15.61 ? 135 THR A OG1 1 
ATOM   994  C CG2 . THR A 1 144 ? 8.336   -6.943  6.156   1.00 13.82 ? 135 THR A CG2 1 
ATOM   995  N N   . VAL A 1 145 ? 8.014   -6.550  9.438   1.00 16.60 ? 136 VAL A N   1 
ATOM   996  C CA  . VAL A 1 145 ? 8.875   -6.891  10.568  1.00 19.74 ? 136 VAL A CA  1 
ATOM   997  C C   . VAL A 1 145 ? 9.798   -8.071  10.266  1.00 21.24 ? 136 VAL A C   1 
ATOM   998  O O   . VAL A 1 145 ? 9.585   -8.806  9.298   1.00 19.47 ? 136 VAL A O   1 
ATOM   999  C CB  . VAL A 1 145 ? 8.043   -7.241  11.821  1.00 18.45 ? 136 VAL A CB  1 
ATOM   1000 C CG1 . VAL A 1 145 ? 7.195   -6.055  12.252  1.00 20.04 ? 136 VAL A CG1 1 
ATOM   1001 C CG2 . VAL A 1 145 ? 7.156   -8.446  11.545  1.00 22.00 ? 136 VAL A CG2 1 
ATOM   1002 N N   . ASP A 1 146 ? 10.819  -8.244  11.102  1.00 19.99 ? 137 ASP A N   1 
ATOM   1003 C CA  . ASP A 1 146 ? 11.665  -9.434  11.056  1.00 23.39 ? 137 ASP A CA  1 
ATOM   1004 C C   . ASP A 1 146 ? 10.806  -10.658 11.285  1.00 23.79 ? 137 ASP A C   1 
ATOM   1005 O O   . ASP A 1 146 ? 9.810   -10.602 12.003  1.00 23.12 ? 137 ASP A O   1 
ATOM   1006 C CB  . ASP A 1 146 ? 12.774  -9.393  12.118  1.00 21.26 ? 137 ASP A CB  1 
ATOM   1007 C CG  . ASP A 1 146 ? 13.691  -8.195  11.975  1.00 24.79 ? 137 ASP A CG  1 
ATOM   1008 O OD1 . ASP A 1 146 ? 13.750  -7.596  10.883  1.00 21.38 ? 137 ASP A OD1 1 
ATOM   1009 O OD2 . ASP A 1 146 ? 14.365  -7.857  12.969  1.00 35.19 ? 137 ASP A OD2 1 
ATOM   1010 N N   . THR A 1 147 ? 11.189  -11.771 10.679  1.00 22.08 ? 138 THR A N   1 
ATOM   1011 C CA  . THR A 1 147 ? 10.487  -13.013 10.927  1.00 24.58 ? 138 THR A CA  1 
ATOM   1012 C C   . THR A 1 147 ? 11.455  -14.182 10.817  1.00 20.93 ? 138 THR A C   1 
ATOM   1013 O O   . THR A 1 147 ? 12.633  -14.001 10.513  1.00 22.38 ? 138 THR A O   1 
ATOM   1014 C CB  . THR A 1 147 ? 9.308   -13.201 9.952   1.00 26.35 ? 138 THR A CB  1 
ATOM   1015 O OG1 . THR A 1 147 ? 8.442   -14.235 10.438  1.00 26.74 ? 138 THR A OG1 1 
ATOM   1016 C CG2 . THR A 1 147 ? 9.811   -13.561 8.558   1.00 19.59 ? 138 THR A CG2 1 
ATOM   1017 N N   . GLU A 1 148 ? 10.967  -15.380 11.092  1.00 19.61 ? 139 GLU A N   1 
ATOM   1018 C CA  . GLU A 1 148 ? 11.787  -16.562 10.894  1.00 22.98 ? 139 GLU A CA  1 
ATOM   1019 C C   . GLU A 1 148 ? 10.910  -17.774 10.637  1.00 20.37 ? 139 GLU A C   1 
ATOM   1020 O O   . GLU A 1 148 ? 9.778   -17.863 11.119  1.00 22.80 ? 139 GLU A O   1 
ATOM   1021 C CB  . GLU A 1 148 ? 12.705  -16.804 12.093  1.00 30.12 ? 139 GLU A CB  1 
ATOM   1022 C CG  . GLU A 1 148 ? 11.988  -17.162 13.377  1.00 32.45 ? 139 GLU A CG  1 
ATOM   1023 C CD  . GLU A 1 148 ? 12.939  -17.738 14.410  1.00 41.74 ? 139 GLU A CD  1 
ATOM   1024 O OE1 . GLU A 1 148 ? 12.791  -17.407 15.605  1.00 44.45 ? 139 GLU A OE1 1 
ATOM   1025 O OE2 . GLU A 1 148 ? 13.834  -18.523 14.021  1.00 41.71 ? 139 GLU A OE2 1 
ATOM   1026 N N   . TRP A 1 149 ? 11.441  -18.702 9.855   1.00 23.40 ? 140 TRP A N   1 
ATOM   1027 C CA  . TRP A 1 149 ? 10.685  -19.871 9.445   1.00 19.22 ? 140 TRP A CA  1 
ATOM   1028 C C   . TRP A 1 149 ? 11.673  -20.925 8.975   1.00 20.33 ? 140 TRP A C   1 
ATOM   1029 O O   . TRP A 1 149 ? 12.721  -20.597 8.407   1.00 18.53 ? 140 TRP A O   1 
ATOM   1030 C CB  . TRP A 1 149 ? 9.688   -19.500 8.344   1.00 18.82 ? 140 TRP A CB  1 
ATOM   1031 C CG  . TRP A 1 149 ? 8.507   -20.409 8.227   1.00 16.96 ? 140 TRP A CG  1 
ATOM   1032 C CD1 . TRP A 1 149 ? 8.313   -21.383 7.292   1.00 16.43 ? 140 TRP A CD1 1 
ATOM   1033 C CD2 . TRP A 1 149 ? 7.347   -20.422 9.068   1.00 17.93 ? 140 TRP A CD2 1 
ATOM   1034 N NE1 . TRP A 1 149 ? 7.106   -22.004 7.497   1.00 18.05 ? 140 TRP A NE1 1 
ATOM   1035 C CE2 . TRP A 1 149 ? 6.492   -21.432 8.582   1.00 18.67 ? 140 TRP A CE2 1 
ATOM   1036 C CE3 . TRP A 1 149 ? 6.948   -19.682 10.187  1.00 17.46 ? 140 TRP A CE3 1 
ATOM   1037 C CZ2 . TRP A 1 149 ? 5.265   -21.721 9.175   1.00 18.62 ? 140 TRP A CZ2 1 
ATOM   1038 C CZ3 . TRP A 1 149 ? 5.728   -19.970 10.776  1.00 15.65 ? 140 TRP A CZ3 1 
ATOM   1039 C CH2 . TRP A 1 149 ? 4.901   -20.978 10.269  1.00 18.21 ? 140 TRP A CH2 1 
ATOM   1040 N N   . GLU A 1 150 ? 11.352  -22.187 9.241   1.00 20.96 ? 141 GLU A N   1 
ATOM   1041 C CA  . GLU A 1 150 ? 12.209  -23.297 8.843   1.00 22.62 ? 141 GLU A CA  1 
ATOM   1042 C C   . GLU A 1 150 ? 13.640  -23.127 9.318   1.00 22.95 ? 141 GLU A C   1 
ATOM   1043 O O   . GLU A 1 150 ? 14.571  -23.551 8.641   1.00 26.16 ? 141 GLU A O   1 
ATOM   1044 C CB  . GLU A 1 150 ? 12.210  -23.459 7.326   1.00 25.87 ? 141 GLU A CB  1 
ATOM   1045 C CG  . GLU A 1 150 ? 10.862  -23.722 6.722   1.00 28.27 ? 141 GLU A CG  1 
ATOM   1046 C CD  . GLU A 1 150 ? 10.951  -23.956 5.232   1.00 23.67 ? 141 GLU A CD  1 
ATOM   1047 O OE1 . GLU A 1 150 ? 11.911  -24.618 4.786   1.00 31.88 ? 141 GLU A OE1 1 
ATOM   1048 O OE2 . GLU A 1 150 ? 10.067  -23.472 4.507   1.00 26.38 ? 141 GLU A OE2 1 
ATOM   1049 N N   . GLY A 1 151 ? 13.815  -22.481 10.464  1.00 24.95 ? 142 GLY A N   1 
ATOM   1050 C CA  . GLY A 1 151 ? 15.131  -22.354 11.058  1.00 25.88 ? 142 GLY A CA  1 
ATOM   1051 C C   . GLY A 1 151 ? 15.985  -21.237 10.494  1.00 28.09 ? 142 GLY A C   1 
ATOM   1052 O O   . GLY A 1 151 ? 17.157  -21.118 10.845  1.00 26.84 ? 142 GLY A O   1 
ATOM   1053 N N   . VAL A 1 152 ? 15.416  -20.412 9.622   1.00 23.15 ? 143 VAL A N   1 
ATOM   1054 C CA  . VAL A 1 152 ? 16.172  -19.277 9.102   1.00 23.99 ? 143 VAL A CA  1 
ATOM   1055 C C   . VAL A 1 152 ? 15.457  -17.959 9.358   1.00 24.14 ? 143 VAL A C   1 
ATOM   1056 O O   . VAL A 1 152 ? 14.243  -17.843 9.190   1.00 23.76 ? 143 VAL A O   1 
ATOM   1057 C CB  . VAL A 1 152 ? 16.454  -19.412 7.591   1.00 27.72 ? 143 VAL A CB  1 
ATOM   1058 C CG1 . VAL A 1 152 ? 17.376  -20.596 7.332   1.00 31.58 ? 143 VAL A CG1 1 
ATOM   1059 C CG2 . VAL A 1 152 ? 15.165  -19.550 6.815   1.00 22.59 ? 143 VAL A CG2 1 
ATOM   1060 N N   . ARG A 1 153 ? 16.230  -16.968 9.781   1.00 24.53 ? 144 ARG A N   1 
ATOM   1061 C CA  . ARG A 1 153 ? 15.706  -15.635 10.011  1.00 25.43 ? 144 ARG A CA  1 
ATOM   1062 C C   . ARG A 1 153 ? 15.724  -14.837 8.717   1.00 26.55 ? 144 ARG A C   1 
ATOM   1063 O O   . ARG A 1 153 ? 16.650  -14.951 7.919   1.00 23.53 ? 144 ARG A O   1 
ATOM   1064 C CB  . ARG A 1 153 ? 16.516  -14.912 11.091  1.00 33.12 ? 144 ARG A CB  1 
ATOM   1065 C CG  . ARG A 1 153 ? 16.304  -15.469 12.490  1.00 43.33 ? 144 ARG A CG  1 
ATOM   1066 C CD  . ARG A 1 153 ? 17.316  -14.915 13.478  1.00 58.03 ? 144 ARG A CD  1 
ATOM   1067 N NE  . ARG A 1 153 ? 18.654  -15.458 13.252  1.00 58.96 ? 144 ARG A NE  1 
ATOM   1068 C CZ  . ARG A 1 153 ? 19.103  -16.583 13.799  1.00 51.52 ? 144 ARG A CZ  1 
ATOM   1069 N NH1 . ARG A 1 153 ? 20.333  -17.005 13.539  1.00 51.33 ? 144 ARG A NH1 1 
ATOM   1070 N NH2 . ARG A 1 153 ? 18.321  -17.285 14.609  1.00 55.77 ? 144 ARG A NH2 1 
ATOM   1071 N N   . ILE A 1 154 ? 14.686  -14.041 8.507   1.00 22.40 ? 145 ILE A N   1 
ATOM   1072 C CA  . ILE A 1 154 ? 14.688  -13.093 7.409   1.00 21.11 ? 145 ILE A CA  1 
ATOM   1073 C C   . ILE A 1 154 ? 14.242  -11.741 7.958   1.00 22.30 ? 145 ILE A C   1 
ATOM   1074 O O   . ILE A 1 154 ? 13.166  -11.617 8.542   1.00 20.91 ? 145 ILE A O   1 
ATOM   1075 C CB  . ILE A 1 154 ? 13.784  -13.559 6.245   1.00 21.36 ? 145 ILE A CB  1 
ATOM   1076 C CG1 . ILE A 1 154 ? 13.932  -12.626 5.042   1.00 19.55 ? 145 ILE A CG1 1 
ATOM   1077 C CG2 . ILE A 1 154 ? 12.337  -13.659 6.680   1.00 29.72 ? 145 ILE A CG2 1 
ATOM   1078 C CD1 . ILE A 1 154 ? 13.293  -13.169 3.789   1.00 27.04 ? 145 ILE A CD1 1 
ATOM   1079 N N   . SER A 1 155 ? 15.095  -10.736 7.805   1.00 20.79 ? 146 SER A N   1 
ATOM   1080 C CA  . SER A 1 155 ? 14.827  -9.424  8.385   1.00 21.58 ? 146 SER A CA  1 
ATOM   1081 C C   . SER A 1 155 ? 13.762  -8.683  7.598   1.00 20.91 ? 146 SER A C   1 
ATOM   1082 O O   . SER A 1 155 ? 13.586  -8.929  6.404   1.00 18.45 ? 146 SER A O   1 
ATOM   1083 C CB  . SER A 1 155 ? 16.100  -8.586  8.427   1.00 20.55 ? 146 SER A CB  1 
ATOM   1084 O OG  . SER A 1 155 ? 16.521  -8.263  7.114   1.00 18.31 ? 146 SER A OG  1 
ATOM   1085 N N   . GLY A 1 156 ? 13.060  -7.772  8.270   1.00 17.43 ? 147 GLY A N   1 
ATOM   1086 C CA  . GLY A 1 156 ? 12.129  -6.886  7.594   1.00 20.89 ? 147 GLY A CA  1 
ATOM   1087 C C   . GLY A 1 156 ? 12.837  -6.185  6.449   1.00 19.87 ? 147 GLY A C   1 
ATOM   1088 O O   . GLY A 1 156 ? 12.286  -6.033  5.362   1.00 17.23 ? 147 GLY A O   1 
ATOM   1089 N N   . GLU A 1 157 ? 14.081  -5.783  6.690   1.00 19.67 ? 148 GLU A N   1 
ATOM   1090 C CA  . GLU A 1 157 ? 14.881  -5.111  5.668   1.00 20.43 ? 148 GLU A CA  1 
ATOM   1091 C C   . GLU A 1 157 ? 15.076  -5.983  4.426   1.00 15.20 ? 148 GLU A C   1 
ATOM   1092 O O   . GLU A 1 157 ? 14.959  -5.506  3.298   1.00 18.52 ? 148 GLU A O   1 
ATOM   1093 C CB  . GLU A 1 157 ? 16.245  -4.704  6.237   1.00 20.65 ? 148 GLU A CB  1 
ATOM   1094 C CG  . GLU A 1 157 ? 17.092  -3.918  5.261   1.00 22.35 ? 148 GLU A CG  1 
ATOM   1095 C CD  . GLU A 1 157 ? 18.470  -3.601  5.804   1.00 30.20 ? 148 GLU A CD  1 
ATOM   1096 O OE1 . GLU A 1 157 ? 19.107  -2.666  5.280   1.00 34.73 ? 148 GLU A OE1 1 
ATOM   1097 O OE2 . GLU A 1 157 ? 18.917  -4.290  6.743   1.00 29.67 ? 148 GLU A OE2 1 
ATOM   1098 N N   . GLN A 1 158 ? 15.386  -7.258  4.632   1.00 15.80 ? 149 GLN A N   1 
ATOM   1099 C CA  . GLN A 1 158 ? 15.527  -8.185  3.515   1.00 18.07 ? 149 GLN A CA  1 
ATOM   1100 C C   . GLN A 1 158 ? 14.214  -8.362  2.747   1.00 16.75 ? 149 GLN A C   1 
ATOM   1101 O O   . GLN A 1 158 ? 14.210  -8.445  1.521   1.00 14.61 ? 149 GLN A O   1 
ATOM   1102 C CB  . GLN A 1 158 ? 16.026  -9.542  4.006   1.00 18.79 ? 149 GLN A CB  1 
ATOM   1103 C CG  . GLN A 1 158 ? 17.490  -9.543  4.414   1.00 18.63 ? 149 GLN A CG  1 
ATOM   1104 C CD  . GLN A 1 158 ? 17.909  -10.861 5.032   1.00 27.66 ? 149 GLN A CD  1 
ATOM   1105 O OE1 . GLN A 1 158 ? 17.272  -11.353 5.964   1.00 24.85 ? 149 GLN A OE1 1 
ATOM   1106 N NE2 . GLN A 1 158 ? 18.980  -11.445 4.507   1.00 31.35 ? 149 GLN A NE2 1 
ATOM   1107 N N   . ILE A 1 159 ? 13.102  -8.419  3.472   1.00 15.55 ? 150 ILE A N   1 
ATOM   1108 C CA  . ILE A 1 159 ? 11.804  -8.637  2.837   1.00 15.81 ? 150 ILE A CA  1 
ATOM   1109 C C   . ILE A 1 159 ? 11.425  -7.429  1.987   1.00 16.04 ? 150 ILE A C   1 
ATOM   1110 O O   . ILE A 1 159 ? 10.922  -7.575  0.872   1.00 14.53 ? 150 ILE A O   1 
ATOM   1111 C CB  . ILE A 1 159 ? 10.706  -8.909  3.877   1.00 14.19 ? 150 ILE A CB  1 
ATOM   1112 C CG1 . ILE A 1 159 ? 11.008  -10.204 4.633   1.00 18.22 ? 150 ILE A CG1 1 
ATOM   1113 C CG2 . ILE A 1 159 ? 9.346   -8.990  3.211   1.00 13.66 ? 150 ILE A CG2 1 
ATOM   1114 C CD1 . ILE A 1 159 ? 10.252  -10.329 5.951   1.00 18.83 ? 150 ILE A CD1 1 
ATOM   1115 N N   . VAL A 1 160 ? 11.672  -6.236  2.519   1.00 15.66 ? 151 VAL A N   1 
ATOM   1116 C CA  . VAL A 1 160 ? 11.422  -5.010  1.768   1.00 14.70 ? 151 VAL A CA  1 
ATOM   1117 C C   . VAL A 1 160 ? 12.261  -4.986  0.492   1.00 14.83 ? 151 VAL A C   1 
ATOM   1118 O O   . VAL A 1 160 ? 11.751  -4.718  -0.596  1.00 14.81 ? 151 VAL A O   1 
ATOM   1119 C CB  . VAL A 1 160 ? 11.730  -3.754  2.613   1.00 16.71 ? 151 VAL A CB  1 
ATOM   1120 C CG1 . VAL A 1 160 ? 11.737  -2.503  1.729   1.00 17.88 ? 151 VAL A CG1 1 
ATOM   1121 C CG2 . VAL A 1 160 ? 10.726  -3.617  3.754   1.00 14.88 ? 151 VAL A CG2 1 
ATOM   1122 N N   . ALA A 1 161 ? 13.549  -5.280  0.632   1.00 16.63 ? 152 ALA A N   1 
ATOM   1123 C CA  . ALA A 1 161 ? 14.455  -5.305  -0.512  1.00 17.85 ? 152 ALA A CA  1 
ATOM   1124 C C   . ALA A 1 161 ? 14.039  -6.356  -1.545  1.00 14.86 ? 152 ALA A C   1 
ATOM   1125 O O   . ALA A 1 161 ? 14.022  -6.080  -2.746  1.00 15.39 ? 152 ALA A O   1 
ATOM   1126 C CB  . ALA A 1 161 ? 15.884  -5.562  -0.043  1.00 16.08 ? 152 ALA A CB  1 
ATOM   1127 N N   . HIS A 1 162 ? 13.707  -7.559  -1.083  1.00 14.97 ? 153 HIS A N   1 
ATOM   1128 C CA  . HIS A 1 162 ? 13.310  -8.621  -2.006  1.00 15.99 ? 153 HIS A CA  1 
ATOM   1129 C C   . HIS A 1 162 ? 11.989  -8.273  -2.689  1.00 15.25 ? 153 HIS A C   1 
ATOM   1130 O O   . HIS A 1 162 ? 11.779  -8.593  -3.856  1.00 16.21 ? 153 HIS A O   1 
ATOM   1131 C CB  . HIS A 1 162 ? 13.197  -9.968  -1.285  1.00 13.46 ? 153 HIS A CB  1 
ATOM   1132 C CG  . HIS A 1 162 ? 12.834  -11.106 -2.191  1.00 17.64 ? 153 HIS A CG  1 
ATOM   1133 N ND1 . HIS A 1 162 ? 11.531  -11.516 -2.388  1.00 14.97 ? 153 HIS A ND1 1 
ATOM   1134 C CD2 . HIS A 1 162 ? 13.604  -11.912 -2.960  1.00 13.53 ? 153 HIS A CD2 1 
ATOM   1135 C CE1 . HIS A 1 162 ? 11.516  -12.530 -3.236  1.00 16.76 ? 153 HIS A CE1 1 
ATOM   1136 N NE2 . HIS A 1 162 ? 12.761  -12.791 -3.597  1.00 14.92 ? 153 HIS A NE2 1 
ATOM   1137 N N   . THR A 1 163 ? 11.105  -7.606  -1.953  1.00 14.39 ? 154 THR A N   1 
ATOM   1138 C CA  . THR A 1 163 ? 9.824   -7.170  -2.507  1.00 14.36 ? 154 THR A CA  1 
ATOM   1139 C C   . THR A 1 163 ? 10.033  -6.177  -3.650  1.00 14.34 ? 154 THR A C   1 
ATOM   1140 O O   . THR A 1 163 ? 9.385   -6.271  -4.697  1.00 15.40 ? 154 THR A O   1 
ATOM   1141 C CB  . THR A 1 163 ? 8.930   -6.526  -1.422  1.00 15.13 ? 154 THR A CB  1 
ATOM   1142 O OG1 . THR A 1 163 ? 8.585   -7.513  -0.444  1.00 15.85 ? 154 THR A OG1 1 
ATOM   1143 C CG2 . THR A 1 163 ? 7.653   -5.947  -2.033  1.00 11.98 ? 154 THR A CG2 1 
ATOM   1144 N N   . ASN A 1 164 ? 10.937  -5.222  -3.445  1.00 14.38 ? 155 ASN A N   1 
ATOM   1145 C CA  . ASN A 1 164 ? 11.250  -4.241  -4.474  1.00 13.55 ? 155 ASN A CA  1 
ATOM   1146 C C   . ASN A 1 164 ? 11.918  -4.898  -5.683  1.00 14.57 ? 155 ASN A C   1 
ATOM   1147 O O   . ASN A 1 164 ? 11.614  -4.554  -6.826  1.00 16.52 ? 155 ASN A O   1 
ATOM   1148 C CB  . ASN A 1 164 ? 12.139  -3.129  -3.897  1.00 13.93 ? 155 ASN A CB  1 
ATOM   1149 C CG  . ASN A 1 164 ? 11.368  -2.195  -2.973  1.00 19.04 ? 155 ASN A CG  1 
ATOM   1150 O OD1 . ASN A 1 164 ? 10.152  -2.042  -3.109  1.00 17.35 ? 155 ASN A OD1 1 
ATOM   1151 N ND2 . ASN A 1 164 ? 12.068  -1.572  -2.031  1.00 14.71 ? 155 ASN A ND2 1 
ATOM   1152 N N   . MET A 1 165 ? 12.806  -5.857  -5.429  1.00 14.15 ? 156 MET A N   1 
ATOM   1153 C CA  . MET A 1 165 ? 13.449  -6.618  -6.506  1.00 16.91 ? 156 MET A CA  1 
ATOM   1154 C C   . MET A 1 165 ? 12.406  -7.316  -7.370  1.00 18.71 ? 156 MET A C   1 
ATOM   1155 O O   . MET A 1 165 ? 12.425  -7.214  -8.602  1.00 17.68 ? 156 MET A O   1 
ATOM   1156 C CB  . MET A 1 165 ? 14.433  -7.644  -5.928  1.00 15.84 ? 156 MET A CB  1 
ATOM   1157 C CG  . MET A 1 165 ? 15.187  -8.484  -6.970  1.00 20.06 ? 156 MET A CG  1 
ATOM   1158 S SD  . MET A 1 165 ? 14.250  -9.876  -7.664  1.00 21.73 ? 156 MET A SD  1 
ATOM   1159 C CE  . MET A 1 165 ? 14.022  -10.905 -6.213  1.00 17.00 ? 156 MET A CE  1 
ATOM   1160 N N   . TYR A 1 166 ? 11.495  -8.027  -6.709  1.00 14.06 ? 157 TYR A N   1 
ATOM   1161 C CA  . TYR A 1 166 ? 10.419  -8.742  -7.390  1.00 15.54 ? 157 TYR A CA  1 
ATOM   1162 C C   . TYR A 1 166 ? 9.604   -7.816  -8.275  1.00 16.82 ? 157 TYR A C   1 
ATOM   1163 O O   . TYR A 1 166 ? 9.322   -8.123  -9.434  1.00 14.83 ? 157 TYR A O   1 
ATOM   1164 C CB  . TYR A 1 166 ? 9.487   -9.416  -6.370  1.00 15.06 ? 157 TYR A CB  1 
ATOM   1165 C CG  . TYR A 1 166 ? 8.188   -9.915  -6.972  1.00 15.16 ? 157 TYR A CG  1 
ATOM   1166 C CD1 . TYR A 1 166 ? 8.110   -11.169 -7.557  1.00 15.03 ? 157 TYR A CD1 1 
ATOM   1167 C CD2 . TYR A 1 166 ? 7.040   -9.127  -6.956  1.00 15.96 ? 157 TYR A CD2 1 
ATOM   1168 C CE1 . TYR A 1 166 ? 6.920   -11.632 -8.111  1.00 14.99 ? 157 TYR A CE1 1 
ATOM   1169 C CE2 . TYR A 1 166 ? 5.851   -9.577  -7.510  1.00 18.19 ? 157 TYR A CE2 1 
ATOM   1170 C CZ  . TYR A 1 166 ? 5.797   -10.832 -8.084  1.00 17.71 ? 157 TYR A CZ  1 
ATOM   1171 O OH  . TYR A 1 166 ? 4.618   -11.284 -8.629  1.00 14.75 ? 157 TYR A OH  1 
ATOM   1172 N N   . PHE A 1 167 ? 9.214   -6.677  -7.718  1.00 17.05 ? 158 PHE A N   1 
ATOM   1173 C CA  . PHE A 1 167 ? 8.284   -5.813  -8.415  1.00 16.09 ? 158 PHE A CA  1 
ATOM   1174 C C   . PHE A 1 167 ? 8.941   -5.133  -9.604  1.00 15.85 ? 158 PHE A C   1 
ATOM   1175 O O   . PHE A 1 167 ? 8.290   -4.892  -10.619 1.00 18.70 ? 158 PHE A O   1 
ATOM   1176 C CB  . PHE A 1 167 ? 7.693   -4.762  -7.469  1.00 15.84 ? 158 PHE A CB  1 
ATOM   1177 C CG  . PHE A 1 167 ? 6.439   -4.137  -8.001  1.00 16.28 ? 158 PHE A CG  1 
ATOM   1178 C CD1 . PHE A 1 167 ? 5.209   -4.741  -7.790  1.00 19.42 ? 158 PHE A CD1 1 
ATOM   1179 C CD2 . PHE A 1 167 ? 6.493   -2.976  -8.754  1.00 16.88 ? 158 PHE A CD2 1 
ATOM   1180 C CE1 . PHE A 1 167 ? 4.047   -4.179  -8.299  1.00 20.34 ? 158 PHE A CE1 1 
ATOM   1181 C CE2 . PHE A 1 167 ? 5.337   -2.410  -9.264  1.00 18.45 ? 158 PHE A CE2 1 
ATOM   1182 C CZ  . PHE A 1 167 ? 4.115   -3.015  -9.037  1.00 17.08 ? 158 PHE A CZ  1 
ATOM   1183 N N   . SER A 1 168 ? 10.231  -4.840  -9.488  1.00 19.02 ? 159 SER A N   1 
ATOM   1184 C CA  . SER A 1 168 ? 10.936  -4.114  -10.541 1.00 20.95 ? 159 SER A CA  1 
ATOM   1185 C C   . SER A 1 168 ? 10.942  -4.893  -11.859 1.00 22.04 ? 159 SER A C   1 
ATOM   1186 O O   . SER A 1 168 ? 11.024  -4.300  -12.932 1.00 23.40 ? 159 SER A O   1 
ATOM   1187 C CB  . SER A 1 168 ? 12.369  -3.783  -10.100 1.00 21.06 ? 159 SER A CB  1 
ATOM   1188 O OG  . SER A 1 168 ? 13.174  -4.947  -10.038 1.00 27.86 ? 159 SER A OG  1 
ATOM   1189 N N   . GLY A 1 169 ? 10.826  -6.215  -11.783 1.00 21.07 ? 160 GLY A N   1 
ATOM   1190 C CA  . GLY A 1 169 ? 10.797  -7.031  -12.985 1.00 19.21 ? 160 GLY A CA  1 
ATOM   1191 C C   . GLY A 1 169 ? 9.441   -7.609  -13.356 1.00 21.80 ? 160 GLY A C   1 
ATOM   1192 O O   . GLY A 1 169 ? 9.330   -8.351  -14.326 1.00 20.92 ? 160 GLY A O   1 
ATOM   1193 N N   . LEU A 1 170 ? 8.408   -7.279  -12.588 1.00 20.07 ? 161 LEU A N   1 
ATOM   1194 C CA  . LEU A 1 170 ? 7.075   -7.827  -12.841 1.00 19.14 ? 161 LEU A CA  1 
ATOM   1195 C C   . LEU A 1 170 ? 6.522   -7.378  -14.195 1.00 23.13 ? 161 LEU A C   1 
ATOM   1196 O O   . LEU A 1 170 ? 6.607   -6.204  -14.548 1.00 20.25 ? 161 LEU A O   1 
ATOM   1197 C CB  . LEU A 1 170 ? 6.110   -7.420  -11.723 1.00 17.28 ? 161 LEU A CB  1 
ATOM   1198 C CG  . LEU A 1 170 ? 4.688   -7.973  -11.849 1.00 21.16 ? 161 LEU A CG  1 
ATOM   1199 C CD1 . LEU A 1 170 ? 4.697   -9.498  -11.857 1.00 19.26 ? 161 LEU A CD1 1 
ATOM   1200 C CD2 . LEU A 1 170 ? 3.792   -7.435  -10.737 1.00 16.38 ? 161 LEU A CD2 1 
ATOM   1201 N N   . ARG A 1 171 ? 5.946   -8.315  -14.945 1.00 19.68 ? 162 ARG A N   1 
ATOM   1202 C CA  . ARG A 1 171 ? 5.396   -8.003  -16.259 1.00 21.54 ? 162 ARG A CA  1 
ATOM   1203 C C   . ARG A 1 171 ? 4.080   -8.726  -16.525 1.00 22.24 ? 162 ARG A C   1 
ATOM   1204 O O   . ARG A 1 171 ? 3.911   -9.884  -16.151 1.00 20.37 ? 162 ARG A O   1 
ATOM   1205 C CB  . ARG A 1 171 ? 6.405   -8.354  -17.361 1.00 22.32 ? 162 ARG A CB  1 
ATOM   1206 C CG  . ARG A 1 171 ? 7.725   -7.587  -17.278 1.00 24.43 ? 162 ARG A CG  1 
ATOM   1207 C CD  . ARG A 1 171 ? 7.508   -6.082  -17.394 1.00 36.25 ? 162 ARG A CD  1 
ATOM   1208 N NE  . ARG A 1 171 ? 8.754   -5.323  -17.282 1.00 46.47 ? 162 ARG A NE  1 
ATOM   1209 C CZ  . ARG A 1 171 ? 9.093   -4.570  -16.237 1.00 43.59 ? 162 ARG A CZ  1 
ATOM   1210 N NH1 . ARG A 1 171 ? 10.253  -3.925  -16.239 1.00 44.58 ? 162 ARG A NH1 1 
ATOM   1211 N NH2 . ARG A 1 171 ? 8.277   -4.456  -15.193 1.00 27.42 ? 162 ARG A NH2 1 
ATOM   1212 N N   . TYR A 1 172 ? 3.156   -8.012  -17.166 1.00 20.63 ? 163 TYR A N   1 
ATOM   1213 C CA  . TYR A 1 172 ? 1.918   -8.568  -17.706 1.00 19.73 ? 163 TYR A CA  1 
ATOM   1214 C C   . TYR A 1 172 ? 1.714   -7.986  -19.107 1.00 24.81 ? 163 TYR A C   1 
ATOM   1215 O O   . TYR A 1 172 ? 2.075   -6.835  -19.356 1.00 22.96 ? 163 TYR A O   1 
ATOM   1216 C CB  . TYR A 1 172 ? 0.706   -8.230  -16.833 1.00 19.40 ? 163 TYR A CB  1 
ATOM   1217 C CG  . TYR A 1 172 ? 0.426   -9.164  -15.669 1.00 22.85 ? 163 TYR A CG  1 
ATOM   1218 C CD1 . TYR A 1 172 ? 1.093   -9.017  -14.457 1.00 21.92 ? 163 TYR A CD1 1 
ATOM   1219 C CD2 . TYR A 1 172 ? -0.536  -10.163 -15.771 1.00 19.74 ? 163 TYR A CD2 1 
ATOM   1220 C CE1 . TYR A 1 172 ? 0.826   -9.853  -13.383 1.00 19.79 ? 163 TYR A CE1 1 
ATOM   1221 C CE2 . TYR A 1 172 ? -0.813  -11.008 -14.700 1.00 20.35 ? 163 TYR A CE2 1 
ATOM   1222 C CZ  . TYR A 1 172 ? -0.129  -10.846 -13.507 1.00 20.33 ? 163 TYR A CZ  1 
ATOM   1223 O OH  . TYR A 1 172 ? -0.393  -11.678 -12.436 1.00 19.80 ? 163 TYR A OH  1 
ATOM   1224 N N   . PRO A 1 173 ? 1.131   -8.772  -20.021 1.00 22.81 ? 164 PRO A N   1 
ATOM   1225 C CA  . PRO A 1 173 ? 0.867   -8.249  -21.366 1.00 27.71 ? 164 PRO A CA  1 
ATOM   1226 C C   . PRO A 1 173 ? -0.061  -7.036  -21.337 1.00 27.14 ? 164 PRO A C   1 
ATOM   1227 O O   . PRO A 1 173 ? -1.159  -7.114  -20.783 1.00 26.32 ? 164 PRO A O   1 
ATOM   1228 C CB  . PRO A 1 173 ? 0.206   -9.435  -22.087 1.00 28.18 ? 164 PRO A CB  1 
ATOM   1229 C CG  . PRO A 1 173 ? -0.314  -10.318 -20.991 1.00 25.81 ? 164 PRO A CG  1 
ATOM   1230 C CD  . PRO A 1 173 ? 0.669   -10.162 -19.862 1.00 23.98 ? 164 PRO A CD  1 
ATOM   1231 N N   . GLY A 1 174 ? 0.393   -5.924  -21.911 1.00 26.91 ? 165 GLY A N   1 
ATOM   1232 C CA  . GLY A 1 174 ? -0.427  -4.731  -22.029 1.00 25.26 ? 165 GLY A CA  1 
ATOM   1233 C C   . GLY A 1 174 ? -0.522  -3.911  -20.758 1.00 29.56 ? 165 GLY A C   1 
ATOM   1234 O O   . GLY A 1 174 ? -1.289  -2.951  -20.692 1.00 29.25 ? 165 GLY A O   1 
ATOM   1235 N N   . GLN A 1 175 ? 0.260   -4.280  -19.746 1.00 25.47 ? 166 GLN A N   1 
ATOM   1236 C CA  . GLN A 1 175 ? 0.238   -3.572  -18.470 1.00 24.08 ? 166 GLN A CA  1 
ATOM   1237 C C   . GLN A 1 175 ? 1.613   -3.019  -18.136 1.00 24.62 ? 166 GLN A C   1 
ATOM   1238 O O   . GLN A 1 175 ? 2.633   -3.533  -18.594 1.00 23.77 ? 166 GLN A O   1 
ATOM   1239 C CB  . GLN A 1 175 ? -0.254  -4.494  -17.349 1.00 22.43 ? 166 GLN A CB  1 
ATOM   1240 C CG  . GLN A 1 175 ? -1.632  -5.076  -17.607 1.00 20.50 ? 166 GLN A CG  1 
ATOM   1241 C CD  . GLN A 1 175 ? -2.082  -6.039  -16.523 1.00 23.50 ? 166 GLN A CD  1 
ATOM   1242 O OE1 . GLN A 1 175 ? -2.634  -7.099  -16.812 1.00 23.18 ? 166 GLN A OE1 1 
ATOM   1243 N NE2 . GLN A 1 175 ? -1.856  -5.670  -15.269 1.00 21.08 ? 166 GLN A NE2 1 
ATOM   1244 N N   . GLU A 1 176 ? 1.643   -1.964  -17.337 1.00 24.52 ? 167 GLU A N   1 
ATOM   1245 C CA  . GLU A 1 176 ? 2.906   -1.342  -16.980 1.00 25.22 ? 167 GLU A CA  1 
ATOM   1246 C C   . GLU A 1 176 ? 3.124   -1.381  -15.475 1.00 22.64 ? 167 GLU A C   1 
ATOM   1247 O O   . GLU A 1 176 ? 2.234   -1.044  -14.695 1.00 24.89 ? 167 GLU A O   1 
ATOM   1248 C CB  . GLU A 1 176 ? 2.954   0.100   -17.491 1.00 26.87 ? 167 GLU A CB  1 
ATOM   1249 C CG  . GLU A 1 176 ? 4.270   0.806   -17.214 1.00 35.41 ? 167 GLU A CG  1 
ATOM   1250 C CD  . GLU A 1 176 ? 4.383   2.137   -17.938 1.00 41.80 ? 167 GLU A CD  1 
ATOM   1251 O OE1 . GLU A 1 176 ? 3.391   2.560   -18.571 1.00 46.09 ? 167 GLU A OE1 1 
ATOM   1252 O OE2 . GLU A 1 176 ? 5.465   2.756   -17.875 1.00 47.75 ? 167 GLU A OE2 1 
ATOM   1253 N N   . PHE A 1 177 ? 4.315   -1.800  -15.069 1.00 23.83 ? 168 PHE A N   1 
ATOM   1254 C CA  . PHE A 1 177 ? 4.655   -1.830  -13.657 1.00 22.08 ? 168 PHE A CA  1 
ATOM   1255 C C   . PHE A 1 177 ? 5.918   -1.027  -13.413 1.00 25.28 ? 168 PHE A C   1 
ATOM   1256 O O   . PHE A 1 177 ? 6.923   -1.197  -14.100 1.00 26.58 ? 168 PHE A O   1 
ATOM   1257 C CB  . PHE A 1 177 ? 4.801   -3.273  -13.178 1.00 19.32 ? 168 PHE A CB  1 
ATOM   1258 C CG  . PHE A 1 177 ? 3.568   -4.086  -13.407 1.00 22.97 ? 168 PHE A CG  1 
ATOM   1259 C CD1 . PHE A 1 177 ? 2.487   -3.977  -12.548 1.00 20.50 ? 168 PHE A CD1 1 
ATOM   1260 C CD2 . PHE A 1 177 ? 3.465   -4.918  -14.508 1.00 21.89 ? 168 PHE A CD2 1 
ATOM   1261 C CE1 . PHE A 1 177 ? 1.337   -4.700  -12.771 1.00 20.29 ? 168 PHE A CE1 1 
ATOM   1262 C CE2 . PHE A 1 177 ? 2.318   -5.642  -14.734 1.00 21.04 ? 168 PHE A CE2 1 
ATOM   1263 C CZ  . PHE A 1 177 ? 1.249   -5.530  -13.864 1.00 20.42 ? 168 PHE A CZ  1 
ATOM   1264 N N   . VAL A 1 178 ? 5.840   -0.128  -12.440 1.00 22.09 ? 169 VAL A N   1 
ATOM   1265 C CA  . VAL A 1 178 ? 6.921   0.794   -12.158 1.00 24.79 ? 169 VAL A CA  1 
ATOM   1266 C C   . VAL A 1 178 ? 7.302   0.709   -10.694 1.00 23.93 ? 169 VAL A C   1 
ATOM   1267 O O   . VAL A 1 178 ? 6.442   0.578   -9.828  1.00 21.52 ? 169 VAL A O   1 
ATOM   1268 C CB  . VAL A 1 178 ? 6.524   2.244   -12.507 1.00 23.92 ? 169 VAL A CB  1 
ATOM   1269 C CG1 . VAL A 1 178 ? 7.607   3.227   -12.075 1.00 27.26 ? 169 VAL A CG1 1 
ATOM   1270 C CG2 . VAL A 1 178 ? 6.238   2.369   -13.993 1.00 28.61 ? 169 VAL A CG2 1 
ATOM   1271 N N   . ILE A 1 179 ? 8.602   0.770   -10.428 1.00 22.51 ? 170 ILE A N   1 
ATOM   1272 C CA  . ILE A 1 179 ? 9.106   0.866   -9.069  1.00 20.77 ? 170 ILE A CA  1 
ATOM   1273 C C   . ILE A 1 179 ? 9.774   2.231   -8.917  1.00 23.87 ? 170 ILE A C   1 
ATOM   1274 O O   . ILE A 1 179 ? 10.623  2.601   -9.727  1.00 25.26 ? 170 ILE A O   1 
ATOM   1275 C CB  . ILE A 1 179 ? 10.108  -0.271  -8.747  1.00 21.37 ? 170 ILE A CB  1 
ATOM   1276 C CG1 . ILE A 1 179 ? 10.549  -0.218  -7.285  1.00 23.06 ? 170 ILE A CG1 1 
ATOM   1277 C CG2 . ILE A 1 179 ? 11.313  -0.215  -9.677  1.00 20.98 ? 170 ILE A CG2 1 
ATOM   1278 C CD1 . ILE A 1 179 ? 9.707   -1.053  -6.357  1.00 20.91 ? 170 ILE A CD1 1 
ATOM   1279 N N   . ALA A 1 180 ? 9.381   2.992   -7.900  1.00 20.89 ? 171 ALA A N   1 
ATOM   1280 C CA  . ALA A 1 180 ? 9.934   4.332   -7.708  1.00 24.33 ? 171 ALA A CA  1 
ATOM   1281 C C   . ALA A 1 180 ? 9.810   4.799   -6.261  1.00 22.20 ? 171 ALA A C   1 
ATOM   1282 O O   . ALA A 1 180 ? 8.936   4.345   -5.529  1.00 20.66 ? 171 ALA A O   1 
ATOM   1283 C CB  . ALA A 1 180 ? 9.250   5.323   -8.646  1.00 26.95 ? 171 ALA A CB  1 
ATOM   1284 N N   . THR A 1 181 ? 10.693  5.704   -5.849  1.00 21.86 ? 172 THR A N   1 
ATOM   1285 C CA  . THR A 1 181 ? 10.633  6.255   -4.502  1.00 21.62 ? 172 THR A CA  1 
ATOM   1286 C C   . THR A 1 181 ? 9.496   7.266   -4.407  1.00 24.81 ? 172 THR A C   1 
ATOM   1287 O O   . THR A 1 181 ? 8.976   7.728   -5.424  1.00 22.55 ? 172 THR A O   1 
ATOM   1288 C CB  . THR A 1 181 ? 11.957  6.926   -4.086  1.00 25.75 ? 172 THR A CB  1 
ATOM   1289 O OG1 . THR A 1 181 ? 12.246  8.013   -4.972  1.00 28.10 ? 172 THR A OG1 1 
ATOM   1290 C CG2 . THR A 1 181 ? 13.097  5.920   -4.133  1.00 25.62 ? 172 THR A CG2 1 
ATOM   1291 N N   . HIS A 1 182 ? 9.113   7.593   -3.177  1.00 22.90 ? 173 HIS A N   1 
ATOM   1292 C CA  . HIS A 1 182 ? 7.962   8.449   -2.914  1.00 22.99 ? 173 HIS A CA  1 
ATOM   1293 C C   . HIS A 1 182 ? 8.084   9.834   -3.545  1.00 27.78 ? 173 HIS A C   1 
ATOM   1294 O O   . HIS A 1 182 ? 7.078   10.455  -3.887  1.00 27.46 ? 173 HIS A O   1 
ATOM   1295 C CB  . HIS A 1 182 ? 7.757   8.599   -1.407  1.00 23.45 ? 173 HIS A CB  1 
ATOM   1296 C CG  . HIS A 1 182 ? 8.680   9.588   -0.773  1.00 23.11 ? 173 HIS A CG  1 
ATOM   1297 N ND1 . HIS A 1 182 ? 10.025  9.345   -0.596  1.00 26.58 ? 173 HIS A ND1 1 
ATOM   1298 C CD2 . HIS A 1 182 ? 8.456   10.834  -0.288  1.00 25.94 ? 173 HIS A CD2 1 
ATOM   1299 C CE1 . HIS A 1 182 ? 10.588  10.395  -0.023  1.00 26.88 ? 173 HIS A CE1 1 
ATOM   1300 N NE2 . HIS A 1 182 ? 9.658   11.313  0.173   1.00 24.30 ? 173 HIS A NE2 1 
ATOM   1301 N N   . ASP A 1 183 ? 9.313   10.323  -3.700  1.00 27.10 ? 174 ASP A N   1 
ATOM   1302 C CA  . ASP A 1 183 ? 9.518   11.659  -4.257  1.00 29.79 ? 174 ASP A CA  1 
ATOM   1303 C C   . ASP A 1 183 ? 9.765   11.641  -5.767  1.00 32.84 ? 174 ASP A C   1 
ATOM   1304 O O   . ASP A 1 183 ? 9.904   12.693  -6.390  1.00 34.92 ? 174 ASP A O   1 
ATOM   1305 C CB  . ASP A 1 183 ? 10.676  12.362  -3.540  1.00 28.40 ? 174 ASP A CB  1 
ATOM   1306 C CG  . ASP A 1 183 ? 11.969  11.574  -3.599  1.00 32.23 ? 174 ASP A CG  1 
ATOM   1307 O OD1 . ASP A 1 183 ? 11.916  10.337  -3.772  1.00 29.48 ? 174 ASP A OD1 1 
ATOM   1308 O OD2 . ASP A 1 183 ? 13.043  12.192  -3.464  1.00 35.85 ? 174 ASP A OD2 1 
ATOM   1309 N N   . HIS A 1 184 ? 9.802   10.452  -6.360  1.00 28.51 ? 175 HIS A N   1 
ATOM   1310 C CA  . HIS A 1 184 ? 10.037  10.334  -7.797  1.00 29.40 ? 175 HIS A CA  1 
ATOM   1311 C C   . HIS A 1 184 ? 8.805   9.864   -8.561  1.00 32.80 ? 175 HIS A C   1 
ATOM   1312 O O   . HIS A 1 184 ? 8.713   10.058  -9.770  1.00 30.43 ? 175 HIS A O   1 
ATOM   1313 C CB  . HIS A 1 184 ? 11.194  9.371   -8.076  1.00 30.45 ? 175 HIS A CB  1 
ATOM   1314 C CG  . HIS A 1 184 ? 12.531  9.896   -7.660  1.00 33.66 ? 175 HIS A CG  1 
ATOM   1315 N ND1 . HIS A 1 184 ? 13.674  9.125   -7.682  1.00 33.95 ? 175 HIS A ND1 1 
ATOM   1316 C CD2 . HIS A 1 184 ? 12.910  11.118  -7.216  1.00 34.44 ? 175 HIS A CD2 1 
ATOM   1317 C CE1 . HIS A 1 184 ? 14.698  9.849   -7.267  1.00 31.60 ? 175 HIS A CE1 1 
ATOM   1318 N NE2 . HIS A 1 184 ? 14.261  11.061  -6.977  1.00 33.15 ? 175 HIS A NE2 1 
ATOM   1319 N N   . VAL A 1 185 ? 7.865   9.234   -7.862  1.00 28.31 ? 176 VAL A N   1 
ATOM   1320 C CA  . VAL A 1 185 ? 6.713   8.643   -8.535  1.00 29.68 ? 176 VAL A CA  1 
ATOM   1321 C C   . VAL A 1 185 ? 5.894   9.702   -9.266  1.00 33.51 ? 176 VAL A C   1 
ATOM   1322 O O   . VAL A 1 185 ? 5.632   10.780  -8.733  1.00 32.52 ? 176 VAL A O   1 
ATOM   1323 C CB  . VAL A 1 185 ? 5.799   7.876   -7.549  1.00 31.00 ? 176 VAL A CB  1 
ATOM   1324 C CG1 . VAL A 1 185 ? 5.488   8.718   -6.328  1.00 28.95 ? 176 VAL A CG1 1 
ATOM   1325 C CG2 . VAL A 1 185 ? 4.516   7.444   -8.245  1.00 35.66 ? 176 VAL A CG2 1 
ATOM   1326 N N   . ALA A 1 186 ? 5.503   9.387   -10.497 1.00 35.96 ? 177 ALA A N   1 
ATOM   1327 C CA  . ALA A 1 186 ? 4.715   10.305  -11.309 1.00 40.88 ? 177 ALA A CA  1 
ATOM   1328 C C   . ALA A 1 186 ? 3.243   10.267  -10.906 1.00 40.28 ? 177 ALA A C   1 
ATOM   1329 O O   . ALA A 1 186 ? 2.576   9.243   -11.053 1.00 42.54 ? 177 ALA A O   1 
ATOM   1330 C CB  . ALA A 1 186 ? 4.869   9.970   -12.785 1.00 40.90 ? 177 ALA A CB  1 
ATOM   1331 N N   . LEU A 1 187 ? 2.752   11.391  -10.392 1.00 42.52 ? 178 LEU A N   1 
ATOM   1332 C CA  . LEU A 1 187 ? 1.360   11.515  -9.973  1.00 48.73 ? 178 LEU A CA  1 
ATOM   1333 C C   . LEU A 1 187 ? 0.604   12.493  -10.871 1.00 56.70 ? 178 LEU A C   1 
ATOM   1334 O O   . LEU A 1 187 ? 0.574   13.698  -10.609 1.00 56.61 ? 178 LEU A O   1 
ATOM   1335 C CB  . LEU A 1 187 ? 1.277   11.974  -8.514  1.00 45.59 ? 178 LEU A CB  1 
ATOM   1336 C CG  . LEU A 1 187 ? 1.895   11.054  -7.460  1.00 39.50 ? 178 LEU A CG  1 
ATOM   1337 C CD1 . LEU A 1 187 ? 2.015   11.778  -6.130  1.00 40.17 ? 178 LEU A CD1 1 
ATOM   1338 C CD2 . LEU A 1 187 ? 1.067   9.792   -7.307  1.00 39.90 ? 178 LEU A CD2 1 
HETATM 1339 C C1  . 66Y B 2 .   ? -2.905  -7.921  7.564   1.00 23.36 ? 201 66Y A C1  1 
HETATM 1340 N N1  . 66Y B 2 .   ? -1.734  -5.930  7.181   1.00 19.01 ? 201 66Y A N1  1 
HETATM 1341 O O1  . 66Y B 2 .   ? 0.034   -6.946  5.967   1.00 18.84 ? 201 66Y A O1  1 
HETATM 1342 C C2  . 66Y B 2 .   ? -1.387  -8.208  7.555   1.00 22.32 ? 201 66Y A C2  1 
HETATM 1343 C C3  . 66Y B 2 .   ? -1.169  -8.030  9.051   1.00 28.73 ? 201 66Y A C3  1 
HETATM 1344 C C4  . 66Y B 2 .   ? -1.867  -6.995  9.408   1.00 22.62 ? 201 66Y A C4  1 
HETATM 1345 C C5  . 66Y B 2 .   ? -2.650  -6.493  8.169   1.00 21.33 ? 201 66Y A C5  1 
HETATM 1346 C C6  . 66Y B 2 .   ? -0.882  -6.970  6.761   1.00 19.95 ? 201 66Y A C6  1 
HETATM 1347 H H3  . 66Y B 2 .   ? -3.334  -7.939  6.564   1.00 28.03 ? 201 66Y A H3  1 
HETATM 1348 H H4  . 66Y B 2 .   ? -3.441  -8.606  8.221   1.00 28.03 ? 201 66Y A H4  1 
HETATM 1349 H H7  . 66Y B 2 .   ? -1.771  -4.944  6.941   1.00 22.82 ? 201 66Y A H7  1 
HETATM 1350 H H1  . 66Y B 2 .   ? -1.288  -9.189  7.104   1.00 26.78 ? 201 66Y A H1  1 
HETATM 1351 H H5  . 66Y B 2 .   ? -0.799  -8.871  9.626   1.00 34.48 ? 201 66Y A H5  1 
HETATM 1352 H H6  . 66Y B 2 .   ? -1.717  -6.343  10.261  1.00 27.14 ? 201 66Y A H6  1 
HETATM 1353 H H2  . 66Y B 2 .   ? -3.587  -5.953  8.310   1.00 25.59 ? 201 66Y A H2  1 
HETATM 1354 O O   . HOH C 3 .   ? 13.073  5.047   9.973   1.00 29.05 ? 301 HOH A O   1 
HETATM 1355 O O   . HOH C 3 .   ? 3.735   3.380   13.904  1.00 28.59 ? 302 HOH A O   1 
HETATM 1356 O O   . HOH C 3 .   ? 5.979   -14.504 10.072  1.00 31.14 ? 303 HOH A O   1 
HETATM 1357 O O   . HOH C 3 .   ? -5.752  10.588  -10.860 1.00 36.16 ? 304 HOH A O   1 
HETATM 1358 O O   . HOH C 3 .   ? -11.172 -10.459 -11.555 1.00 35.10 ? 305 HOH A O   1 
HETATM 1359 O O   . HOH C 3 .   ? -10.876 0.576   -11.495 1.00 30.63 ? 306 HOH A O   1 
HETATM 1360 O O   . HOH C 3 .   ? -2.981  3.626   -16.765 1.00 34.34 ? 307 HOH A O   1 
HETATM 1361 O O   . HOH C 3 .   ? 14.657  6.046   6.644   1.00 35.34 ? 308 HOH A O   1 
HETATM 1362 O O   . HOH C 3 .   ? 11.793  -19.096 17.358  1.00 28.81 ? 309 HOH A O   1 
HETATM 1363 O O   . HOH C 3 .   ? 12.281  -8.858  -10.659 1.00 20.81 ? 310 HOH A O   1 
HETATM 1364 O O   . HOH C 3 .   ? -0.774  15.830  -11.404 1.00 49.66 ? 311 HOH A O   1 
HETATM 1365 O O   . HOH C 3 .   ? 4.453   -5.411  -18.105 1.00 21.16 ? 312 HOH A O   1 
HETATM 1366 O O   . HOH C 3 .   ? -11.104 2.032   15.580  1.00 18.18 ? 313 HOH A O   1 
HETATM 1367 O O   . HOH C 3 .   ? 7.363   -10.514 8.159   1.00 16.48 ? 314 HOH A O   1 
HETATM 1368 O O   . HOH C 3 .   ? 5.922   12.854  -2.709  1.00 33.46 ? 315 HOH A O   1 
HETATM 1369 O O   . HOH C 3 .   ? -7.179  -12.115 7.892   1.00 37.82 ? 316 HOH A O   1 
HETATM 1370 O O   . HOH C 3 .   ? 9.440   -10.395 -1.154  1.00 18.98 ? 317 HOH A O   1 
HETATM 1371 O O   . HOH C 3 .   ? -10.410 -6.823  -13.771 1.00 34.64 ? 318 HOH A O   1 
HETATM 1372 O O   . HOH C 3 .   ? 10.230  0.903   1.949   1.00 20.30 ? 319 HOH A O   1 
HETATM 1373 O O   . HOH C 3 .   ? 4.171   13.664  -10.320 1.00 44.90 ? 320 HOH A O   1 
HETATM 1374 O O   . HOH C 3 .   ? -6.357  14.242  -3.659  1.00 34.56 ? 321 HOH A O   1 
HETATM 1375 O O   . HOH C 3 .   ? 14.417  0.178   11.472  1.00 30.37 ? 322 HOH A O   1 
HETATM 1376 O O   . HOH C 3 .   ? -2.202  11.483  5.672   1.00 35.39 ? 323 HOH A O   1 
HETATM 1377 O O   . HOH C 3 .   ? 10.267  0.039   14.341  1.00 27.89 ? 324 HOH A O   1 
HETATM 1378 O O   . HOH C 3 .   ? -7.696  6.369   11.315  1.00 24.52 ? 325 HOH A O   1 
HETATM 1379 O O   . HOH C 3 .   ? 11.029  -26.538 3.073   1.00 31.92 ? 326 HOH A O   1 
HETATM 1380 O O   . HOH C 3 .   ? 12.179  -21.160 12.191  1.00 23.40 ? 327 HOH A O   1 
HETATM 1381 O O   . HOH C 3 .   ? 5.896   -11.557 -15.333 1.00 23.32 ? 328 HOH A O   1 
HETATM 1382 O O   . HOH C 3 .   ? -10.053 -8.668  2.199   1.00 17.12 ? 329 HOH A O   1 
HETATM 1383 O O   . HOH C 3 .   ? -2.625  -8.706  -19.090 1.00 24.91 ? 330 HOH A O   1 
HETATM 1384 O O   . HOH C 3 .   ? 0.154   -10.971 -9.837  1.00 16.97 ? 331 HOH A O   1 
HETATM 1385 O O   . HOH C 3 .   ? -6.775  16.785  -4.358  1.00 38.40 ? 332 HOH A O   1 
HETATM 1386 O O   . HOH C 3 .   ? -15.198 -3.187  2.179   1.00 26.26 ? 333 HOH A O   1 
HETATM 1387 O O   . HOH C 3 .   ? 6.323   -8.993  -0.966  1.00 18.51 ? 334 HOH A O   1 
HETATM 1388 O O   . HOH C 3 .   ? -2.805  6.599   15.869  1.00 46.79 ? 335 HOH A O   1 
HETATM 1389 O O   . HOH C 3 .   ? 19.006  -6.999  7.247   1.00 29.84 ? 336 HOH A O   1 
HETATM 1390 O O   . HOH C 3 .   ? 15.684  11.369  -3.531  1.00 35.90 ? 337 HOH A O   1 
HETATM 1391 O O   . HOH C 3 .   ? -15.222 -6.791  9.358   1.00 39.02 ? 338 HOH A O   1 
HETATM 1392 O O   . HOH C 3 .   ? 9.745   14.073  -0.068  1.00 36.58 ? 339 HOH A O   1 
HETATM 1393 O O   . HOH C 3 .   ? 6.598   7.234   -11.867 1.00 40.00 ? 340 HOH A O   1 
HETATM 1394 O O   . HOH C 3 .   ? -0.022  13.281  4.738   1.00 30.50 ? 341 HOH A O   1 
HETATM 1395 O O   . HOH C 3 .   ? 6.108   -3.540  -16.719 1.00 28.12 ? 342 HOH A O   1 
HETATM 1396 O O   . HOH C 3 .   ? -4.011  2.499   5.783   1.00 22.34 ? 343 HOH A O   1 
HETATM 1397 O O   . HOH C 3 .   ? -2.299  -11.849 -4.737  1.00 17.52 ? 344 HOH A O   1 
HETATM 1398 O O   . HOH C 3 .   ? -5.861  -11.171 10.096  1.00 29.50 ? 345 HOH A O   1 
HETATM 1399 O O   . HOH C 3 .   ? -3.977  -9.455  -16.007 1.00 24.00 ? 346 HOH A O   1 
HETATM 1400 O O   . HOH C 3 .   ? -15.274 -10.148 4.684   1.00 39.77 ? 347 HOH A O   1 
HETATM 1401 O O   . HOH C 3 .   ? 12.245  2.435   -12.063 1.00 34.66 ? 348 HOH A O   1 
HETATM 1402 O O   . HOH C 3 .   ? 10.989  12.008  5.363   1.00 41.92 ? 349 HOH A O   1 
HETATM 1403 O O   . HOH C 3 .   ? 11.642  -8.617  -16.002 1.00 39.69 ? 350 HOH A O   1 
HETATM 1404 O O   . HOH C 3 .   ? 14.986  -5.342  9.379   1.00 21.37 ? 351 HOH A O   1 
HETATM 1405 O O   . HOH C 3 .   ? 11.499  -5.921  12.649  1.00 39.56 ? 352 HOH A O   1 
HETATM 1406 O O   . HOH C 3 .   ? 2.748   -12.165 -14.830 1.00 18.68 ? 353 HOH A O   1 
HETATM 1407 O O   . HOH C 3 .   ? -16.428 7.204   5.142   1.00 42.38 ? 354 HOH A O   1 
HETATM 1408 O O   . HOH C 3 .   ? 12.012  3.920   12.726  1.00 33.49 ? 355 HOH A O   1 
HETATM 1409 O O   . HOH C 3 .   ? -7.920  6.399   6.799   1.00 22.10 ? 356 HOH A O   1 
HETATM 1410 O O   . HOH C 3 .   ? -15.935 -4.101  -5.058  1.00 27.16 ? 357 HOH A O   1 
HETATM 1411 O O   . HOH C 3 .   ? -7.560  12.447  -2.033  1.00 33.77 ? 358 HOH A O   1 
HETATM 1412 O O   . HOH C 3 .   ? -2.506  -12.392 7.699   1.00 24.31 ? 359 HOH A O   1 
HETATM 1413 O O   . HOH C 3 .   ? -13.200 -5.377  -4.270  1.00 24.56 ? 360 HOH A O   1 
HETATM 1414 O O   . HOH C 3 .   ? 4.836   5.679   -12.129 1.00 33.80 ? 361 HOH A O   1 
HETATM 1415 O O   . HOH C 3 .   ? -12.568 -6.604  14.311  1.00 29.55 ? 362 HOH A O   1 
HETATM 1416 O O   . HOH C 3 .   ? -13.102 -8.532  3.503   1.00 23.73 ? 363 HOH A O   1 
HETATM 1417 O O   . HOH C 3 .   ? -11.644 -7.139  -8.504  1.00 34.55 ? 364 HOH A O   1 
HETATM 1418 O O   . HOH C 3 .   ? -8.971  8.783   14.221  1.00 30.14 ? 365 HOH A O   1 
HETATM 1419 O O   . HOH C 3 .   ? 3.479   6.174   14.581  1.00 29.17 ? 366 HOH A O   1 
HETATM 1420 O O   . HOH C 3 .   ? 12.894  6.209   -7.796  1.00 27.04 ? 367 HOH A O   1 
HETATM 1421 O O   . HOH C 3 .   ? -11.317 -12.478 -3.925  1.00 26.77 ? 368 HOH A O   1 
HETATM 1422 O O   . HOH C 3 .   ? 20.717  -13.030 6.350   0.50 34.24 ? 369 HOH A O   1 
HETATM 1423 O O   . HOH C 3 .   ? -15.972 3.334   1.158   1.00 45.02 ? 370 HOH A O   1 
HETATM 1424 O O   . HOH C 3 .   ? 19.251  -17.159 9.423   1.00 37.87 ? 371 HOH A O   1 
HETATM 1425 O O   . HOH C 3 .   ? -15.384 6.102   2.560   1.00 36.82 ? 372 HOH A O   1 
HETATM 1426 O O   . HOH C 3 .   ? 3.890   -9.953  11.176  1.00 26.08 ? 373 HOH A O   1 
HETATM 1427 O O   . HOH C 3 .   ? -14.083 -10.427 -3.970  1.00 45.02 ? 374 HOH A O   1 
HETATM 1428 O O   . HOH C 3 .   ? 15.492  -15.962 15.778  1.00 45.21 ? 375 HOH A O   1 
HETATM 1429 O O   . HOH C 3 .   ? -15.545 -12.895 5.776   1.00 43.83 ? 376 HOH A O   1 
HETATM 1430 O O   . HOH C 3 .   ? -0.830  0.569   -19.875 1.00 38.47 ? 377 HOH A O   1 
HETATM 1431 O O   . HOH C 3 .   ? 10.671  0.971   -12.723 1.00 29.70 ? 378 HOH A O   1 
HETATM 1432 O O   . HOH C 3 .   ? 7.152   -11.096 0.469   1.00 18.28 ? 379 HOH A O   1 
HETATM 1433 O O   . HOH C 3 .   ? 7.223   -12.192 12.633  1.00 33.60 ? 380 HOH A O   1 
HETATM 1434 O O   . HOH C 3 .   ? 0.489   6.022   16.049  1.00 31.88 ? 381 HOH A O   1 
HETATM 1435 O O   . HOH C 3 .   ? -9.686  10.664  -2.840  1.00 42.97 ? 382 HOH A O   1 
HETATM 1436 O O   . HOH C 3 .   ? 1.612   3.373   15.836  1.00 31.44 ? 383 HOH A O   1 
HETATM 1437 O O   . HOH C 3 .   ? -10.590 14.750  -1.524  1.00 47.13 ? 384 HOH A O   1 
HETATM 1438 O O   . HOH C 3 .   ? -15.617 -0.612  3.176   1.00 30.45 ? 385 HOH A O   1 
HETATM 1439 O O   . HOH C 3 .   ? 11.597  5.247   -11.266 1.00 44.63 ? 386 HOH A O   1 
HETATM 1440 O O   . HOH C 3 .   ? 3.318   -5.514  -23.265 1.00 36.88 ? 387 HOH A O   1 
HETATM 1441 O O   . HOH C 3 .   ? -11.813 -17.492 6.389   1.00 29.72 ? 388 HOH A O   1 
HETATM 1442 O O   . HOH C 3 .   ? 12.896  1.589   3.161   1.00 35.18 ? 389 HOH A O   1 
HETATM 1443 O O   . HOH C 3 .   ? -2.714  -12.413 -7.521  0.50 22.26 ? 390 HOH A O   1 
HETATM 1444 O O   . HOH C 3 .   ? 5.592   16.373  0.327   1.00 42.90 ? 391 HOH A O   1 
HETATM 1445 O O   . HOH C 3 .   ? 14.881  -6.483  -12.647 1.00 36.94 ? 392 HOH A O   1 
HETATM 1446 O O   . HOH C 3 .   ? -13.058 -7.578  -6.576  1.00 34.12 ? 393 HOH A O   1 
HETATM 1447 O O   . HOH C 3 .   ? 12.639  1.673   13.155  1.00 35.76 ? 394 HOH A O   1 
HETATM 1448 O O   . HOH C 3 .   ? 12.900  -21.455 15.983  1.00 25.86 ? 395 HOH A O   1 
HETATM 1449 O O   . HOH C 3 .   ? 6.826   5.815   -16.343 1.00 59.44 ? 396 HOH A O   1 
HETATM 1450 O O   . HOH C 3 .   ? 5.769   -11.655 10.144  1.00 18.75 ? 397 HOH A O   1 
HETATM 1451 O O   . HOH C 3 .   ? -13.054 -13.156 -2.046  1.00 30.42 ? 398 HOH A O   1 
HETATM 1452 O O   . HOH C 3 .   ? 5.728   -6.403  -20.419 1.00 29.77 ? 399 HOH A O   1 
HETATM 1453 O O   . HOH C 3 .   ? -12.066 14.693  9.251   1.00 56.90 ? 400 HOH A O   1 
HETATM 1454 O O   . HOH C 3 .   ? 10.047  7.239   -12.025 1.00 43.50 ? 401 HOH A O   1 
HETATM 1455 O O   . HOH C 3 .   ? 14.392  -5.588  -14.560 1.00 53.39 ? 402 HOH A O   1 
HETATM 1456 O O   . HOH C 3 .   ? -2.953  4.762   19.469  1.00 44.11 ? 403 HOH A O   1 
HETATM 1457 O O   . HOH C 3 .   ? -0.639  -16.160 10.248  1.00 36.29 ? 404 HOH A O   1 
HETATM 1458 O O   . HOH C 3 .   ? 8.224   14.838  -1.801  1.00 43.51 ? 405 HOH A O   1 
HETATM 1459 O O   . HOH C 3 .   ? 15.409  -8.616  -11.585 1.00 40.65 ? 406 HOH A O   1 
HETATM 1460 O O   . HOH C 3 .   ? 5.877   -11.171 14.681  1.00 45.44 ? 407 HOH A O   1 
HETATM 1461 O O   . HOH C 3 .   ? 7.538   16.376  0.625   1.00 51.04 ? 408 HOH A O   1 
HETATM 1462 O O   . HOH C 3 .   ? -1.393  3.499   19.672  1.00 54.17 ? 409 HOH A O   1 
HETATM 1463 O O   . HOH C 3 .   ? 3.897   -9.467  13.970  1.00 36.28 ? 410 HOH A O   1 
HETATM 1464 O O   . HOH C 3 .   ? 2.586   -13.289 13.277  1.00 51.40 ? 411 HOH A O   1 
HETATM 1465 O O   . HOH C 3 .   ? 3.564   -12.150 14.749  1.00 53.17 ? 412 HOH A O   1 
# 
